data_7ORO
#
_entry.id   7ORO
#
_cell.length_a   1.00
_cell.length_b   1.00
_cell.length_c   1.00
_cell.angle_alpha   90.00
_cell.angle_beta   90.00
_cell.angle_gamma   90.00
#
_symmetry.space_group_name_H-M   'P 1'
#
loop_
_entity.id
_entity.type
_entity.pdbx_description
1 polymer "RNA (5'-R(P*AP*CP*GP*AP*GP*UP*GP*UP*CP*GP*UP*AP*CP*C)-3')"
2 polymer "RNA (5'-R(P*GP*GP*UP*AP*GP*UP*AP*CP*AP*CP*UP*AP*CP*U)-3')"
3 polymer "RNA (5'-R(P*AP*GP*UP*AP*GP*UP*GP*UP*A)-3')"
4 polymer 'La Crosse virus polymerase'
5 non-polymer 'ZINC ION'
6 non-polymer 'MAGNESIUM ION'
#
loop_
_entity_poly.entity_id
_entity_poly.type
_entity_poly.pdbx_seq_one_letter_code
_entity_poly.pdbx_strand_id
1 'polyribonucleotide' ACGAGUGUCGUACCAAG H
2 'polyribonucleotide' UAUCUAUACUUGGUAGUACACUACU S,T
3 'polyribonucleotide' AGUAGUGUA P
4 'polypeptide(L)'
;MDYQEYQQFLARINTARDACVAKDIDVDLLMARKDYFGRELCKSLNIEYRNDVPFIDIILDIRPEVDPLTIDAPHITPDN
YLYINNVLYIIDYKVSVSNESSVITYDKYYELTRDISDRLSIPIEIVIIRIDPVSRDLHINSDRFKELYPTIVVDINFNQ
FFDLKQLLYEKFGDDEEFLLKVAHGDFTLTAPWCKTGCPEFWKHPIYKEFKMSMPVPERRLFEESVKFNAYESERWNTNL
VKIREYTKKDYSEHISKSAKNIFLASGFYKQPNKNEISEGWTLMVERVQDQREISKSLHDQKPSIHFIWGAHNPGNSNNA
TFKLILLSKSLQSIKGISTYTEAFKSLGKMMDIGDKAIEYEEFCMSLKSKARSSWKQIMNKKLEPKQINNALVLWEQQFM
INNDLIDKSEKLKLFKNFCGIGKHKQFKNKMLEDLEVSKPKILDFDDANMYLASLTMMEQSKKILSKSNGLKPDNFILNE
FGSRIKDANKETYDNMHKIFETGYWQCISDFSTLMKNILSVSQYNRHNTFRIAMCANNNVFAIVFPSADIKTKKATVVYS
IIVLHKEEENIFNPGCLHGTFKCMNGYISISRAIRLDKERCQRIVSSPGLFLTTCLLFKHDNPTLVMSDIMNFSIYTSLS
ITKSVLSLTEPARYMIMNSLAISSNVKDYIAEKFSPYTKTLFSVYMTRLIKNACFDAYDQRQRVQLRDIYLSDYDITQKG
IKDNRELTSIWFPGSVTLKEYLTQIYLPFYFNAKGLHEKHHVMVDLAKTILEIECEQRENIKEIWSTNCTKQTVNLKILI
HSLCKNLLADTSRHNHLRNRIENRNNFRRSITTISTFTSSKSCLKIGDFRKEKELQSVKQKKILEVQSRKMRLANPMFVT
DEQVCLEVGHCNYEMLRNAMPNYTDYISTKVFDRLYELLDKKVLTDKPVIEQIMDMMIDHKKFYFTFFNKGQKTSKDREI
FVGEYEAKMCMYAVERIAKERCKLNPDEMISEPGDGKLKVLEQKSEQEIRFLVETTRQKNREIDEAIEALATEGSGWSHP
QFEKGSGYESNLGKIEKLSLGKAKGLKMEINADMSKWSAQDVFYKYFWLIALDPILYPQEKERILYFMCNYMDKELILPD
ELLFNLLDQKVAYQNDIIATMTNQLNSNTVLIKRNWLQGNFNYTSSYVHSCAMSVYKEILKEAITLLDGSILVNSLVHSD
DNQTSITIVQDKMENDKIIDFAMKEFERACLTFGCQANMKKTYVTNCIKEFVSLFNLYGEPFSIYGRFLLTSVGDCAYIG
PYEDLASRISSAQTAIKHGCPPSLAWVSIAISHWMTSLTYNMLPGQSNDPIDYFPAENRKDIPIELNGVLDAPLSMISTV
GLESGNLYFLIKLLSKYTPVMQKRESVVNQIAEVKNWKVEDLTDNEIFRLKILRYLVLDAEMDPSDIMGETSDMRGRSIL
TPRKFTTAGSLRKLYSFSKYQDRLSSPGGMVELFTYLLEKPELLVTKGEDMKDYMESVIFRYNSKRFKESLSIQNPAQLF
IEQILFSHKPVIDFSGIRDKYINLHDSRALEKEPDILGKVTFTEAYRLLMRDLSSLELTNDDIQVIYSYIILNDPMMITI
ANTHILSIYGSPQRRMGMSCSTMPEFRNLKLIHHSPALVLRAYSKNNPDIQGADPTEMARDLVHLKEFVENTNLEEKMKV
RIAMNEAEKGQRDIVFELKEMTRFYQVCYEYVKSTEHKIKVFILPAKSYTTTDFCSLMQGNLIKDKEWYTVHYLKQILSG
GHKAIMQHNATSEQNIAFECFKLITHFADSFIDSLSRSAFLQLIIDEFSYKDVKVSKLYDIIKNGYNRTDFIPLLFRTGD
LRQADLDKYDAMKSHERVTWNDWQTSRHLDMGSINLTITGYNRSITIIGEDNKLTYAELCLTRKTPENITISGRKLLGSR
HGLKFENMSKIQTYPGNYYITYRKKDRHQFVYQIHSHESITRRNEEHMAIRTRIYNEITPVCVVNVAEVDGDQRILIRSL
DYLNNDIFSLSRIKVGLDEFATIKKAHFSKMVSFEGPPIKTGLLDLTELMKSQDLLNLNYDNIRNSNLISFSKLICCEGS
DNINDGLEFLSDDPMNFTEGEAIHSTPIFNIYYSKRGERHMTYRNAIKLLIERETKIFEEAFTFSENGFISPENLGCLEA
VVSLIKLLKTNEWSTVIDKCIHICLIKNGMDHMYHSFDVPKCFMGNPITRDINWVMFREFINSLPGTDIPPWNVMTENFK
KKCIALINSKFETQRDFSEFTKLMKKEGGRSNIEFD
;
A
#
# COMPACT_ATOMS: atom_id res chain seq x y z
N MET E 1 0.44 27.51 13.83
CA MET E 1 0.75 26.28 14.53
C MET E 1 0.27 26.34 15.98
N ASP E 2 0.33 27.52 16.58
CA ASP E 2 -0.15 27.70 17.94
C ASP E 2 -1.63 27.37 18.03
N TYR E 3 -1.99 26.57 19.04
CA TYR E 3 -3.37 26.12 19.15
C TYR E 3 -4.31 27.26 19.52
N GLN E 4 -3.85 28.22 20.32
CA GLN E 4 -4.68 29.37 20.64
C GLN E 4 -4.95 30.22 19.39
N GLU E 5 -3.93 30.40 18.54
CA GLU E 5 -4.13 31.13 17.30
C GLU E 5 -5.03 30.35 16.35
N TYR E 6 -4.92 29.02 16.34
CA TYR E 6 -5.83 28.20 15.55
C TYR E 6 -7.27 28.38 16.02
N GLN E 7 -7.48 28.41 17.34
CA GLN E 7 -8.81 28.67 17.88
C GLN E 7 -9.30 30.06 17.49
N GLN E 8 -8.39 31.03 17.47
CA GLN E 8 -8.77 32.39 17.10
C GLN E 8 -9.24 32.44 15.64
N PHE E 9 -8.50 31.77 14.75
CA PHE E 9 -8.92 31.70 13.35
C PHE E 9 -10.24 30.95 13.21
N LEU E 10 -10.42 29.87 13.98
CA LEU E 10 -11.68 29.13 13.94
C LEU E 10 -12.84 30.01 14.36
N ALA E 11 -12.66 30.80 15.42
CA ALA E 11 -13.71 31.71 15.87
C ALA E 11 -14.00 32.77 14.81
N ARG E 12 -12.96 33.31 14.16
CA ARG E 12 -13.18 34.29 13.11
C ARG E 12 -13.98 33.68 11.96
N ILE E 13 -13.68 32.43 11.59
CA ILE E 13 -14.41 31.77 10.51
C ILE E 13 -15.86 31.56 10.92
N ASN E 14 -16.09 31.04 12.13
CA ASN E 14 -17.44 30.70 12.56
C ASN E 14 -18.30 31.94 12.70
N THR E 15 -17.77 33.01 13.29
CA THR E 15 -18.57 34.21 13.50
C THR E 15 -18.78 35.01 12.22
N ALA E 16 -17.93 34.83 11.22
CA ALA E 16 -18.05 35.60 9.98
C ALA E 16 -19.31 35.19 9.22
N ARG E 17 -20.01 36.19 8.69
CA ARG E 17 -21.18 35.95 7.84
C ARG E 17 -21.19 36.82 6.60
N ASP E 18 -20.15 37.61 6.36
CA ASP E 18 -20.06 38.48 5.20
C ASP E 18 -18.90 38.03 4.31
N ALA E 19 -19.16 37.93 3.01
CA ALA E 19 -18.11 37.54 2.07
C ALA E 19 -17.05 38.63 1.91
N CYS E 20 -17.32 39.85 2.36
CA CYS E 20 -16.31 40.90 2.29
C CYS E 20 -15.21 40.73 3.32
N VAL E 21 -15.48 40.08 4.45
CA VAL E 21 -14.47 39.84 5.46
C VAL E 21 -13.82 38.46 5.32
N ALA E 22 -14.43 37.53 4.58
CA ALA E 22 -13.79 36.24 4.35
C ALA E 22 -12.51 36.39 3.56
N LYS E 23 -12.46 37.39 2.67
CA LYS E 23 -11.20 37.71 1.99
C LYS E 23 -10.15 38.13 2.99
N ASP E 24 -10.54 38.93 3.99
CA ASP E 24 -9.61 39.30 5.05
C ASP E 24 -9.15 38.08 5.82
N ILE E 25 -10.06 37.14 6.10
CA ILE E 25 -9.69 35.92 6.80
C ILE E 25 -8.66 35.14 6.00
N ASP E 26 -8.89 35.00 4.70
CA ASP E 26 -7.97 34.24 3.86
C ASP E 26 -6.60 34.92 3.76
N VAL E 27 -6.59 36.25 3.64
CA VAL E 27 -5.32 36.97 3.54
C VAL E 27 -4.55 36.86 4.85
N ASP E 28 -5.26 36.96 5.98
CA ASP E 28 -4.61 36.76 7.27
C ASP E 28 -4.08 35.34 7.41
N LEU E 29 -4.82 34.37 6.87
CA LEU E 29 -4.35 32.99 6.89
C LEU E 29 -3.06 32.82 6.10
N LEU E 30 -2.99 33.45 4.93
CA LEU E 30 -1.78 33.38 4.12
C LEU E 30 -0.60 34.05 4.83
N MET E 31 -0.85 35.20 5.45
CA MET E 31 0.21 35.87 6.20
C MET E 31 0.68 35.03 7.37
N ALA E 32 -0.26 34.37 8.06
CA ALA E 32 0.12 33.50 9.16
C ALA E 32 0.95 32.32 8.67
N ARG E 33 0.57 31.73 7.54
CA ARG E 33 1.39 30.66 6.97
C ARG E 33 2.80 31.15 6.65
N LYS E 34 2.90 32.31 6.02
CA LYS E 34 4.22 32.84 5.67
C LYS E 34 5.07 33.13 6.90
N ASP E 35 4.46 33.76 7.91
CA ASP E 35 5.23 34.15 9.12
C ASP E 35 5.64 32.89 9.88
N TYR E 36 4.75 31.89 9.97
CA TYR E 36 5.10 30.64 10.62
C TYR E 36 6.28 29.97 9.91
N PHE E 37 6.24 29.93 8.58
CA PHE E 37 7.36 29.37 7.84
C PHE E 37 8.64 30.16 8.08
N GLY E 38 8.53 31.49 8.13
CA GLY E 38 9.70 32.31 8.38
C GLY E 38 10.29 32.08 9.75
N ARG E 39 9.44 31.97 10.78
CA ARG E 39 9.94 31.70 12.13
C ARG E 39 10.62 30.34 12.19
N GLU E 40 10.02 29.32 11.60
CA GLU E 40 10.62 27.99 11.66
C GLU E 40 11.92 27.94 10.85
N LEU E 41 11.96 28.63 9.71
CA LEU E 41 13.17 28.68 8.91
C LEU E 41 14.30 29.40 9.64
N CYS E 42 13.97 30.49 10.34
CA CYS E 42 14.98 31.18 11.12
C CYS E 42 15.47 30.33 12.30
N LYS E 43 14.56 29.59 12.93
CA LYS E 43 15.00 28.67 14.01
C LYS E 43 15.97 27.66 13.41
N SER E 44 15.63 27.08 12.26
CA SER E 44 16.50 26.08 11.65
C SER E 44 17.86 26.67 11.30
N LEU E 45 17.88 27.88 10.74
CA LEU E 45 19.13 28.51 10.33
C LEU E 45 19.91 29.10 11.50
N ASN E 46 19.29 29.19 12.68
CA ASN E 46 19.91 29.80 13.85
C ASN E 46 20.33 31.25 13.55
N ILE E 47 19.37 32.02 13.06
CA ILE E 47 19.55 33.45 12.83
C ILE E 47 18.39 34.18 13.49
N GLU E 48 18.65 35.43 13.88
CA GLU E 48 17.62 36.22 14.53
C GLU E 48 16.47 36.47 13.57
N TYR E 49 15.25 36.33 14.06
CA TYR E 49 14.05 36.41 13.23
C TYR E 49 13.64 37.87 13.08
N ARG E 50 13.48 38.27 11.82
CA ARG E 50 13.00 39.64 11.54
C ARG E 50 11.90 39.51 10.50
N ASN E 51 11.08 40.55 10.35
CA ASN E 51 10.03 40.57 9.35
C ASN E 51 9.84 42.00 8.84
N ASP E 52 9.98 42.18 7.54
CA ASP E 52 9.78 43.46 6.87
C ASP E 52 10.63 44.56 7.52
N VAL E 53 11.88 44.23 7.81
CA VAL E 53 12.81 45.18 8.40
C VAL E 53 13.17 46.24 7.36
N PRO E 54 13.09 47.52 7.68
CA PRO E 54 13.37 48.55 6.68
C PRO E 54 14.79 48.48 6.16
N PHE E 55 14.94 48.77 4.86
CA PHE E 55 16.26 48.71 4.24
C PHE E 55 17.19 49.77 4.83
N ILE E 56 16.66 50.96 5.13
CA ILE E 56 17.47 51.96 5.79
C ILE E 56 17.91 51.46 7.16
N ASP E 57 17.03 50.72 7.84
CA ASP E 57 17.39 50.16 9.14
C ASP E 57 18.53 49.15 9.02
N ILE E 58 18.46 48.27 8.02
CA ILE E 58 19.50 47.27 7.87
C ILE E 58 20.81 47.92 7.45
N ILE E 59 20.74 48.97 6.62
CA ILE E 59 21.94 49.69 6.23
C ILE E 59 22.59 50.34 7.43
N LEU E 60 21.78 50.98 8.28
CA LEU E 60 22.31 51.58 9.50
C LEU E 60 22.92 50.53 10.41
N ASP E 61 22.27 49.37 10.53
CA ASP E 61 22.79 48.32 11.40
C ASP E 61 24.13 47.80 10.91
N ILE E 62 24.25 47.54 9.61
CA ILE E 62 25.50 46.99 9.08
C ILE E 62 26.61 48.04 9.09
N ARG E 63 26.26 49.31 8.85
CA ARG E 63 27.23 50.40 8.83
C ARG E 63 26.75 51.53 9.72
N PRO E 64 26.88 51.39 11.05
CA PRO E 64 26.51 52.50 11.94
C PRO E 64 27.35 53.74 11.74
N GLU E 65 28.62 53.57 11.34
CA GLU E 65 29.53 54.71 11.26
C GLU E 65 29.11 55.71 10.20
N VAL E 66 28.66 55.23 9.03
CA VAL E 66 28.28 56.14 7.96
C VAL E 66 27.05 56.93 8.37
N ASP E 67 27.02 58.20 7.97
CA ASP E 67 25.91 59.06 8.33
C ASP E 67 24.66 58.70 7.51
N PRO E 68 23.47 58.87 8.10
CA PRO E 68 22.25 58.67 7.34
C PRO E 68 22.08 59.74 6.27
N LEU E 69 21.05 59.54 5.44
CA LEU E 69 20.68 60.41 4.32
C LEU E 69 21.76 60.45 3.24
N THR E 70 22.79 59.59 3.33
CA THR E 70 23.79 59.53 2.27
C THR E 70 23.18 59.01 0.98
N ILE E 71 22.17 58.15 1.09
CA ILE E 71 21.45 57.62 -0.07
C ILE E 71 20.04 57.26 0.37
N ASP E 72 19.08 57.53 -0.50
CA ASP E 72 17.70 57.14 -0.23
C ASP E 72 17.55 55.62 -0.35
N ALA E 73 17.34 54.97 0.78
CA ALA E 73 17.12 53.53 0.77
C ALA E 73 15.78 53.21 0.11
N PRO E 74 15.73 52.16 -0.71
CA PRO E 74 14.48 51.80 -1.38
C PRO E 74 13.40 51.44 -0.39
N HIS E 75 12.15 51.69 -0.80
CA HIS E 75 11.00 51.43 0.05
C HIS E 75 10.75 49.95 0.27
N ILE E 76 11.44 49.08 -0.48
CA ILE E 76 11.26 47.65 -0.30
C ILE E 76 11.64 47.24 1.11
N THR E 77 10.90 46.27 1.67
CA THR E 77 11.17 45.76 3.00
C THR E 77 11.56 44.29 2.91
N PRO E 78 12.84 43.95 2.97
CA PRO E 78 13.23 42.54 2.99
C PRO E 78 12.69 41.85 4.24
N ASP E 79 12.37 40.57 4.10
CA ASP E 79 11.91 39.81 5.27
C ASP E 79 13.00 39.72 6.32
N ASN E 80 14.23 39.46 5.90
CA ASN E 80 15.35 39.32 6.83
C ASN E 80 16.64 39.58 6.08
N TYR E 81 17.71 39.79 6.84
CA TYR E 81 19.02 40.00 6.27
C TYR E 81 20.05 39.23 7.07
N LEU E 82 21.23 39.09 6.49
CA LEU E 82 22.32 38.36 7.14
C LEU E 82 23.64 38.93 6.63
N TYR E 83 24.48 39.40 7.54
CA TYR E 83 25.74 40.04 7.20
C TYR E 83 26.89 39.27 7.84
N ILE E 84 27.51 38.39 7.07
CA ILE E 84 28.72 37.71 7.51
C ILE E 84 29.73 37.75 6.37
N ASN E 85 31.01 37.76 6.74
CA ASN E 85 32.11 37.78 5.78
C ASN E 85 31.99 38.96 4.83
N ASN E 86 31.57 40.11 5.36
CA ASN E 86 31.45 41.36 4.63
C ASN E 86 30.51 41.26 3.44
N VAL E 87 29.56 40.33 3.48
CA VAL E 87 28.56 40.17 2.44
C VAL E 87 27.19 40.21 3.09
N LEU E 88 26.29 41.01 2.53
CA LEU E 88 24.93 41.15 3.04
C LEU E 88 23.98 40.35 2.16
N TYR E 89 23.20 39.47 2.78
CA TYR E 89 22.25 38.62 2.08
C TYR E 89 20.85 39.13 2.36
N ILE E 90 20.10 39.45 1.30
CA ILE E 90 18.72 39.88 1.42
C ILE E 90 17.84 38.65 1.28
N ILE E 91 17.20 38.25 2.37
CA ILE E 91 16.42 37.02 2.41
C ILE E 91 14.94 37.37 2.30
N ASP E 92 14.21 36.56 1.53
CA ASP E 92 12.78 36.75 1.38
C ASP E 92 12.10 35.38 1.47
N TYR E 93 11.16 35.24 2.39
CA TYR E 93 10.43 34.01 2.57
C TYR E 93 9.23 33.97 1.63
N LYS E 94 9.04 32.84 0.97
CA LYS E 94 7.90 32.65 0.07
C LYS E 94 7.30 31.28 0.35
N VAL E 95 5.99 31.22 0.55
CA VAL E 95 5.30 29.91 0.72
C VAL E 95 4.38 29.75 -0.47
N SER E 96 4.93 29.37 -1.63
CA SER E 96 4.11 29.28 -2.86
C SER E 96 4.38 27.96 -3.59
N VAL E 97 3.44 27.54 -4.44
CA VAL E 97 3.64 26.30 -5.26
C VAL E 97 4.38 26.66 -6.56
N SER E 98 4.53 27.95 -6.86
CA SER E 98 5.17 28.37 -8.15
C SER E 98 6.30 29.36 -7.89
N ASN E 99 7.05 29.74 -8.94
CA ASN E 99 8.18 30.63 -8.76
C ASN E 99 7.98 31.99 -9.41
N GLU E 100 6.77 32.32 -9.84
CA GLU E 100 6.54 33.62 -10.48
C GLU E 100 6.80 34.77 -9.52
N SER E 101 6.16 34.72 -8.34
CA SER E 101 6.39 35.77 -7.35
C SER E 101 7.84 35.79 -6.90
N SER E 102 8.45 34.61 -6.74
CA SER E 102 9.84 34.53 -6.32
C SER E 102 10.76 35.23 -7.32
N VAL E 103 10.58 34.96 -8.61
CA VAL E 103 11.47 35.52 -9.62
C VAL E 103 11.23 37.02 -9.78
N ILE E 104 9.97 37.46 -9.73
CA ILE E 104 9.72 38.89 -9.89
C ILE E 104 10.26 39.66 -8.69
N THR E 105 10.12 39.11 -7.49
CA THR E 105 10.67 39.77 -6.31
C THR E 105 12.19 39.76 -6.34
N TYR E 106 12.79 38.68 -6.83
CA TYR E 106 14.24 38.64 -7.01
C TYR E 106 14.70 39.76 -7.93
N ASP E 107 14.07 39.90 -9.08
CA ASP E 107 14.44 40.93 -10.03
C ASP E 107 14.29 42.32 -9.41
N LYS E 108 13.15 42.57 -8.76
CA LYS E 108 12.89 43.88 -8.18
C LYS E 108 13.93 44.22 -7.11
N TYR E 109 14.16 43.29 -6.18
CA TYR E 109 15.09 43.57 -5.09
C TYR E 109 16.51 43.75 -5.61
N TYR E 110 16.91 42.92 -6.58
CA TYR E 110 18.25 43.05 -7.16
C TYR E 110 18.44 44.41 -7.80
N GLU E 111 17.48 44.84 -8.63
CA GLU E 111 17.59 46.14 -9.29
C GLU E 111 17.62 47.27 -8.27
N LEU E 112 16.76 47.20 -7.26
CA LEU E 112 16.72 48.28 -6.27
C LEU E 112 17.91 48.27 -5.34
N THR E 113 18.65 47.17 -5.24
CA THR E 113 19.80 47.14 -4.34
C THR E 113 21.14 47.28 -5.05
N ARG E 114 21.16 47.25 -6.39
CA ARG E 114 22.43 47.42 -7.10
C ARG E 114 23.13 48.72 -6.71
N ASP E 115 22.39 49.83 -6.67
CA ASP E 115 23.01 51.12 -6.42
C ASP E 115 23.64 51.20 -5.03
N ILE E 116 22.94 50.70 -4.01
CA ILE E 116 23.51 50.68 -2.67
C ILE E 116 24.68 49.73 -2.60
N SER E 117 24.61 48.62 -3.35
CA SER E 117 25.72 47.67 -3.38
C SER E 117 26.98 48.33 -3.93
N ASP E 118 26.83 49.13 -4.98
CA ASP E 118 27.99 49.81 -5.56
C ASP E 118 28.60 50.82 -4.60
N ARG E 119 27.76 51.55 -3.88
CA ARG E 119 28.21 52.68 -3.06
C ARG E 119 28.95 52.22 -1.81
N LEU E 120 28.28 51.45 -0.95
CA LEU E 120 28.84 51.09 0.35
C LEU E 120 29.94 50.06 0.25
N SER E 121 30.37 49.73 -0.97
CA SER E 121 31.45 48.77 -1.20
C SER E 121 31.15 47.42 -0.57
N ILE E 122 29.88 47.02 -0.62
CA ILE E 122 29.42 45.77 -0.04
C ILE E 122 28.64 44.98 -1.09
N PRO E 123 29.00 43.73 -1.37
CA PRO E 123 28.18 42.93 -2.29
C PRO E 123 26.87 42.53 -1.63
N ILE E 124 25.77 42.75 -2.34
CA ILE E 124 24.43 42.44 -1.86
C ILE E 124 23.90 41.25 -2.64
N GLU E 125 23.48 40.21 -1.92
CA GLU E 125 22.95 39.00 -2.51
C GLU E 125 21.46 38.93 -2.23
N ILE E 126 20.67 38.71 -3.28
CA ILE E 126 19.22 38.54 -3.13
C ILE E 126 18.96 37.04 -3.03
N VAL E 127 18.50 36.59 -1.86
CA VAL E 127 18.24 35.18 -1.61
C VAL E 127 16.75 35.00 -1.39
N ILE E 128 16.13 34.14 -2.20
CA ILE E 128 14.71 33.85 -2.10
C ILE E 128 14.55 32.41 -1.64
N ILE E 129 14.05 32.22 -0.43
CA ILE E 129 13.78 30.91 0.12
C ILE E 129 12.31 30.60 -0.10
N ARG E 130 12.04 29.58 -0.90
CA ARG E 130 10.64 29.22 -1.22
C ARG E 130 10.33 27.80 -0.75
N ILE E 131 9.18 27.60 -0.13
CA ILE E 131 8.72 26.30 0.34
C ILE E 131 7.41 25.98 -0.35
N ASP E 132 7.27 24.73 -0.77
CA ASP E 132 6.06 24.28 -1.43
C ASP E 132 5.13 23.66 -0.40
N PRO E 133 3.96 24.26 -0.14
CA PRO E 133 3.11 23.78 0.97
C PRO E 133 2.62 22.34 0.82
N VAL E 134 2.27 21.91 -0.39
CA VAL E 134 1.70 20.58 -0.54
C VAL E 134 2.78 19.50 -0.53
N SER E 135 3.96 19.80 -1.04
CA SER E 135 5.10 18.87 -0.91
C SER E 135 6.20 19.74 -0.31
N ARG E 136 6.65 19.46 0.91
CA ARG E 136 7.55 20.43 1.58
C ARG E 136 8.95 20.31 0.97
N ASP E 137 9.13 20.87 -0.23
CA ASP E 137 10.45 20.85 -0.90
C ASP E 137 11.00 22.27 -0.90
N LEU E 138 12.24 22.44 -0.45
CA LEU E 138 12.82 23.79 -0.32
C LEU E 138 13.57 24.18 -1.59
N HIS E 139 13.34 25.40 -2.08
CA HIS E 139 14.00 25.94 -3.26
C HIS E 139 14.79 27.18 -2.85
N ILE E 140 16.09 27.17 -3.09
CA ILE E 140 16.97 28.30 -2.81
C ILE E 140 17.71 28.66 -4.09
N ASN E 141 17.71 29.94 -4.44
CA ASN E 141 18.33 30.37 -5.69
C ASN E 141 19.82 30.68 -5.50
N SER E 142 20.20 31.21 -4.34
CA SER E 142 21.59 31.60 -4.11
C SER E 142 22.41 30.38 -3.71
N ASP E 143 23.45 30.08 -4.50
CA ASP E 143 24.35 29.00 -4.15
C ASP E 143 25.32 29.39 -3.04
N ARG E 144 25.66 30.68 -2.93
CA ARG E 144 26.52 31.12 -1.85
C ARG E 144 25.85 30.93 -0.49
N PHE E 145 24.54 31.23 -0.41
CA PHE E 145 23.81 31.01 0.83
C PHE E 145 23.78 29.53 1.19
N LYS E 146 23.53 28.66 0.21
CA LYS E 146 23.56 27.23 0.46
C LYS E 146 24.95 26.76 0.83
N GLU E 147 25.98 27.41 0.29
CA GLU E 147 27.34 27.12 0.73
C GLU E 147 27.54 27.48 2.19
N LEU E 148 26.98 28.62 2.62
CA LEU E 148 27.06 29.03 4.02
C LEU E 148 26.36 28.02 4.92
N TYR E 149 25.18 27.55 4.50
CA TYR E 149 24.41 26.62 5.32
C TYR E 149 24.36 25.26 4.61
N PRO E 150 25.25 24.33 4.94
CA PRO E 150 25.25 23.05 4.21
C PRO E 150 24.07 22.18 4.57
N THR E 151 23.60 22.21 5.81
CA THR E 151 22.49 21.37 6.26
C THR E 151 21.34 22.28 6.68
N ILE E 152 20.26 22.26 5.91
CA ILE E 152 19.03 22.97 6.24
C ILE E 152 17.96 21.92 6.48
N VAL E 153 17.39 21.91 7.68
CA VAL E 153 16.61 20.78 8.15
C VAL E 153 15.19 21.27 8.48
N VAL E 154 14.71 22.24 7.72
CA VAL E 154 13.36 22.75 7.93
C VAL E 154 12.36 21.62 7.72
N ASP E 155 11.71 21.18 8.81
CA ASP E 155 10.76 20.07 8.81
C ASP E 155 9.48 20.54 9.50
N ILE E 156 8.57 21.10 8.70
CA ILE E 156 7.34 21.67 9.24
C ILE E 156 6.16 21.20 8.41
N ASN E 157 4.97 21.44 8.97
CA ASN E 157 3.71 20.97 8.33
C ASN E 157 2.75 22.16 8.14
N PHE E 158 2.05 22.19 7.01
CA PHE E 158 1.10 23.24 6.69
C PHE E 158 -0.34 22.75 6.71
N ASN E 159 -0.59 21.59 7.34
CA ASN E 159 -1.91 20.98 7.27
C ASN E 159 -2.95 21.84 7.99
N GLN E 160 -2.55 22.52 9.07
CA GLN E 160 -3.51 23.33 9.81
C GLN E 160 -4.08 24.46 8.97
N PHE E 161 -3.22 25.15 8.22
CA PHE E 161 -3.69 26.24 7.37
C PHE E 161 -4.60 25.73 6.26
N PHE E 162 -4.28 24.56 5.71
CA PHE E 162 -5.15 23.97 4.69
C PHE E 162 -6.52 23.65 5.25
N ASP E 163 -6.57 23.14 6.49
CA ASP E 163 -7.85 22.83 7.12
C ASP E 163 -8.69 24.09 7.31
N LEU E 164 -8.06 25.17 7.78
CA LEU E 164 -8.79 26.42 7.97
C LEU E 164 -9.29 26.97 6.63
N LYS E 165 -8.45 26.90 5.59
CA LYS E 165 -8.88 27.37 4.28
C LYS E 165 -10.05 26.55 3.76
N GLN E 166 -10.00 25.23 3.94
CA GLN E 166 -11.11 24.38 3.51
C GLN E 166 -12.38 24.70 4.28
N LEU E 167 -12.26 24.94 5.58
CA LEU E 167 -13.44 25.30 6.37
C LEU E 167 -14.04 26.62 5.88
N LEU E 168 -13.19 27.62 5.63
CA LEU E 168 -13.70 28.89 5.13
C LEU E 168 -14.39 28.73 3.79
N TYR E 169 -13.78 27.95 2.89
CA TYR E 169 -14.32 27.81 1.55
C TYR E 169 -15.61 26.97 1.55
N GLU E 170 -15.73 26.00 2.45
CA GLU E 170 -16.97 25.22 2.50
C GLU E 170 -18.08 26.04 3.16
N LYS E 171 -17.70 26.90 4.10
CA LYS E 171 -18.72 27.75 4.77
C LYS E 171 -19.26 28.75 3.75
N PHE E 172 -18.37 29.37 2.97
CA PHE E 172 -18.78 30.35 1.98
C PHE E 172 -18.71 29.82 0.55
N GLY E 173 -18.86 28.50 0.37
CA GLY E 173 -18.90 27.96 -0.98
C GLY E 173 -20.16 28.37 -1.73
N ASP E 174 -21.30 28.41 -1.04
CA ASP E 174 -22.55 28.76 -1.70
C ASP E 174 -22.57 30.22 -2.13
N ASP E 175 -21.70 31.05 -1.57
CA ASP E 175 -21.65 32.46 -1.91
C ASP E 175 -20.80 32.63 -3.17
N GLU E 176 -21.47 32.89 -4.30
CA GLU E 176 -20.73 33.09 -5.55
C GLU E 176 -19.92 34.38 -5.51
N GLU E 177 -20.40 35.38 -4.77
CA GLU E 177 -19.67 36.63 -4.65
C GLU E 177 -18.32 36.41 -3.97
N PHE E 178 -18.29 35.57 -2.94
CA PHE E 178 -17.03 35.24 -2.28
C PHE E 178 -16.08 34.54 -3.25
N LEU E 179 -16.59 33.60 -4.04
CA LEU E 179 -15.76 32.90 -5.02
C LEU E 179 -15.19 33.87 -6.04
N LEU E 180 -15.99 34.82 -6.51
CA LEU E 180 -15.48 35.83 -7.41
C LEU E 180 -14.43 36.71 -6.73
N LYS E 181 -14.65 37.05 -5.47
CA LYS E 181 -13.72 37.93 -4.77
C LYS E 181 -12.37 37.26 -4.53
N VAL E 182 -12.36 35.94 -4.31
CA VAL E 182 -11.11 35.22 -4.12
C VAL E 182 -10.55 34.66 -5.42
N ALA E 183 -11.20 34.93 -6.55
CA ALA E 183 -10.73 34.39 -7.83
C ALA E 183 -9.41 35.02 -8.22
N HIS E 184 -8.58 34.23 -8.91
CA HIS E 184 -7.28 34.68 -9.41
C HIS E 184 -7.42 35.00 -10.88
N GLY E 185 -7.24 36.27 -11.23
CA GLY E 185 -7.46 36.70 -12.59
C GLY E 185 -8.94 36.71 -12.95
N ASP E 186 -9.20 36.71 -14.24
CA ASP E 186 -10.56 36.68 -14.78
C ASP E 186 -10.73 35.44 -15.64
N PHE E 187 -11.95 35.24 -16.12
CA PHE E 187 -12.23 34.12 -17.01
C PHE E 187 -11.48 34.28 -18.31
N THR E 188 -10.59 33.33 -18.59
CA THR E 188 -9.74 33.38 -19.78
C THR E 188 -9.95 32.13 -20.60
N LEU E 189 -10.13 32.30 -21.91
CA LEU E 189 -10.22 31.19 -22.85
C LEU E 189 -9.01 31.26 -23.78
N THR E 190 -8.39 30.11 -24.02
CA THR E 190 -7.27 30.04 -24.95
C THR E 190 -7.78 30.13 -26.39
N ALA E 191 -6.85 30.00 -27.33
CA ALA E 191 -7.19 30.06 -28.74
C ALA E 191 -8.08 28.87 -29.11
N PRO E 192 -9.05 29.06 -29.99
CA PRO E 192 -9.91 27.95 -30.40
C PRO E 192 -9.10 26.83 -31.04
N TRP E 193 -9.47 25.59 -30.74
CA TRP E 193 -8.75 24.45 -31.29
C TRP E 193 -9.04 24.27 -32.78
N CYS E 194 -10.26 24.60 -33.20
CA CYS E 194 -10.65 24.48 -34.60
C CYS E 194 -11.22 25.81 -35.07
N LYS E 195 -10.99 26.14 -36.34
CA LYS E 195 -11.51 27.38 -36.90
C LYS E 195 -12.96 27.27 -37.34
N THR E 196 -13.43 26.08 -37.69
CA THR E 196 -14.79 25.88 -38.18
C THR E 196 -15.42 24.69 -37.47
N GLY E 197 -16.75 24.71 -37.41
CA GLY E 197 -17.50 23.66 -36.77
C GLY E 197 -18.28 22.84 -37.78
N CYS E 198 -18.80 21.71 -37.34
CA CYS E 198 -19.50 20.80 -38.25
C CYS E 198 -20.83 21.41 -38.67
N PRO E 199 -21.07 21.56 -39.98
CA PRO E 199 -22.43 21.90 -40.44
C PRO E 199 -23.30 20.68 -40.70
N GLU E 200 -22.73 19.48 -40.77
CA GLU E 200 -23.52 18.27 -40.94
C GLU E 200 -24.01 17.70 -39.61
N PHE E 201 -23.59 18.26 -38.49
CA PHE E 201 -24.08 17.77 -37.19
C PHE E 201 -25.58 17.98 -37.07
N TRP E 202 -26.08 19.13 -37.53
CA TRP E 202 -27.50 19.42 -37.41
C TRP E 202 -28.35 18.47 -38.24
N LYS E 203 -27.76 17.82 -39.24
CA LYS E 203 -28.47 16.90 -40.09
C LYS E 203 -28.28 15.44 -39.69
N HIS E 204 -27.56 15.17 -38.62
CA HIS E 204 -27.32 13.80 -38.21
C HIS E 204 -28.61 13.14 -37.72
N PRO E 205 -28.85 11.88 -38.10
CA PRO E 205 -30.07 11.20 -37.62
C PRO E 205 -30.13 11.07 -36.11
N ILE E 206 -28.99 10.86 -35.45
CA ILE E 206 -28.99 10.75 -34.00
C ILE E 206 -29.38 12.09 -33.37
N TYR E 207 -28.85 13.19 -33.90
CA TYR E 207 -29.25 14.50 -33.40
C TYR E 207 -30.73 14.76 -33.68
N LYS E 208 -31.23 14.29 -34.83
CA LYS E 208 -32.66 14.43 -35.11
C LYS E 208 -33.49 13.70 -34.08
N GLU E 209 -33.10 12.47 -33.74
CA GLU E 209 -33.81 11.72 -32.71
C GLU E 209 -33.78 12.45 -31.37
N PHE E 210 -32.62 12.95 -30.98
CA PHE E 210 -32.47 13.66 -29.71
C PHE E 210 -33.34 14.92 -29.68
N LYS E 211 -33.31 15.69 -30.77
CA LYS E 211 -34.10 16.91 -30.87
C LYS E 211 -35.58 16.61 -30.80
N MET E 212 -36.05 15.60 -31.53
CA MET E 212 -37.47 15.26 -31.50
C MET E 212 -37.88 14.73 -30.14
N SER E 213 -36.98 14.02 -29.46
CA SER E 213 -37.27 13.54 -28.11
C SER E 213 -37.49 14.70 -27.16
N MET E 214 -36.64 15.73 -27.23
CA MET E 214 -36.82 16.90 -26.37
C MET E 214 -38.08 17.66 -26.79
N PRO E 215 -38.73 18.33 -25.86
CA PRO E 215 -39.80 19.27 -26.22
C PRO E 215 -39.23 20.55 -26.82
N VAL E 216 -40.13 21.37 -27.37
CA VAL E 216 -39.70 22.51 -28.18
C VAL E 216 -38.86 23.52 -27.40
N PRO E 217 -39.26 23.97 -26.20
CA PRO E 217 -38.38 24.91 -25.48
C PRO E 217 -37.01 24.36 -25.19
N GLU E 218 -36.90 23.06 -24.88
CA GLU E 218 -35.60 22.47 -24.63
C GLU E 218 -34.79 22.35 -25.91
N ARG E 219 -35.45 22.10 -27.05
CA ARG E 219 -34.73 22.14 -28.31
C ARG E 219 -34.14 23.52 -28.56
N ARG E 220 -34.92 24.56 -28.32
CA ARG E 220 -34.42 25.92 -28.50
C ARG E 220 -33.27 26.20 -27.55
N LEU E 221 -33.40 25.77 -26.29
CA LEU E 221 -32.35 26.00 -25.32
C LEU E 221 -31.07 25.27 -25.68
N PHE E 222 -31.19 24.03 -26.17
CA PHE E 222 -30.02 23.26 -26.57
C PHE E 222 -29.31 23.92 -27.74
N GLU E 223 -30.08 24.36 -28.74
CA GLU E 223 -29.45 25.03 -29.89
C GLU E 223 -28.76 26.32 -29.46
N GLU E 224 -29.43 27.11 -28.61
CA GLU E 224 -28.82 28.35 -28.13
C GLU E 224 -27.55 28.07 -27.34
N SER E 225 -27.59 27.06 -26.46
CA SER E 225 -26.44 26.75 -25.62
C SER E 225 -25.26 26.24 -26.44
N VAL E 226 -25.51 25.39 -27.43
CA VAL E 226 -24.40 24.89 -28.25
C VAL E 226 -23.87 26.00 -29.15
N LYS E 227 -24.71 26.95 -29.55
CA LYS E 227 -24.25 28.09 -30.34
C LYS E 227 -23.82 29.27 -29.47
N PHE E 228 -23.49 29.03 -28.21
CA PHE E 228 -23.11 30.10 -27.30
C PHE E 228 -21.59 30.21 -27.22
N ASN E 229 -21.07 31.44 -27.38
CA ASN E 229 -19.61 31.69 -27.30
C ASN E 229 -19.31 32.49 -26.03
N ALA E 230 -18.59 31.89 -25.08
CA ALA E 230 -18.32 32.58 -23.80
C ALA E 230 -17.46 33.83 -24.01
N TYR E 231 -16.42 33.74 -24.84
CA TYR E 231 -15.51 34.91 -24.97
C TYR E 231 -16.24 36.11 -25.56
N GLU E 232 -17.07 35.88 -26.58
CA GLU E 232 -17.85 36.97 -27.22
C GLU E 232 -18.84 37.57 -26.22
N SER E 233 -19.48 36.73 -25.40
CA SER E 233 -20.52 37.22 -24.46
C SER E 233 -19.93 38.09 -23.36
N GLU E 234 -20.71 39.06 -22.87
CA GLU E 234 -20.23 39.97 -21.79
C GLU E 234 -19.93 39.13 -20.55
N ARG E 235 -20.65 38.04 -20.34
CA ARG E 235 -20.40 37.15 -19.21
C ARG E 235 -20.37 35.72 -19.71
N TRP E 236 -19.46 34.92 -19.15
CA TRP E 236 -19.35 33.54 -19.59
C TRP E 236 -20.51 32.69 -19.10
N ASN E 237 -21.12 33.06 -17.98
CA ASN E 237 -22.22 32.31 -17.40
C ASN E 237 -23.58 32.84 -17.81
N THR E 238 -23.67 33.57 -18.92
CA THR E 238 -24.95 34.16 -19.31
C THR E 238 -25.98 33.08 -19.62
N ASN E 239 -25.60 32.09 -20.42
CA ASN E 239 -26.56 31.05 -20.78
C ASN E 239 -26.76 30.05 -19.66
N LEU E 240 -25.71 29.77 -18.88
CA LEU E 240 -25.88 28.86 -17.74
C LEU E 240 -26.91 29.41 -16.76
N VAL E 241 -26.82 30.70 -16.44
CA VAL E 241 -27.77 31.31 -15.52
C VAL E 241 -29.17 31.29 -16.12
N LYS E 242 -29.28 31.56 -17.42
CA LYS E 242 -30.60 31.55 -18.07
C LYS E 242 -31.24 30.18 -18.00
N ILE E 243 -30.49 29.14 -18.31
CA ILE E 243 -31.03 27.78 -18.28
C ILE E 243 -31.39 27.39 -16.85
N ARG E 244 -30.55 27.76 -15.88
CA ARG E 244 -30.84 27.44 -14.48
C ARG E 244 -32.13 28.12 -14.03
N GLU E 245 -32.31 29.39 -14.40
CA GLU E 245 -33.54 30.10 -14.02
C GLU E 245 -34.74 29.48 -14.73
N TYR E 246 -34.57 29.01 -15.96
CA TYR E 246 -35.67 28.37 -16.66
C TYR E 246 -36.10 27.08 -15.97
N THR E 247 -35.13 26.30 -15.49
CA THR E 247 -35.43 24.99 -14.92
C THR E 247 -35.63 25.03 -13.41
N LYS E 248 -35.50 26.21 -12.79
CA LYS E 248 -35.59 26.31 -11.33
C LYS E 248 -36.94 25.85 -10.81
N LYS E 249 -38.03 26.19 -11.50
CA LYS E 249 -39.35 25.82 -11.00
C LYS E 249 -39.51 24.31 -10.92
N ASP E 250 -39.17 23.60 -12.00
CA ASP E 250 -39.28 22.15 -12.00
C ASP E 250 -38.33 21.52 -10.99
N TYR E 251 -37.10 22.05 -10.90
CA TYR E 251 -36.16 21.52 -9.92
C TYR E 251 -36.71 21.64 -8.50
N SER E 252 -37.20 22.83 -8.15
CA SER E 252 -37.71 23.06 -6.80
C SER E 252 -38.94 22.21 -6.52
N GLU E 253 -39.82 22.05 -7.51
CA GLU E 253 -41.00 21.22 -7.32
C GLU E 253 -40.59 19.77 -7.07
N HIS E 254 -39.61 19.27 -7.83
CA HIS E 254 -39.16 17.89 -7.63
C HIS E 254 -38.54 17.71 -6.25
N ILE E 255 -37.70 18.67 -5.83
CA ILE E 255 -37.09 18.56 -4.51
C ILE E 255 -38.15 18.60 -3.42
N SER E 256 -39.12 19.50 -3.55
CA SER E 256 -40.18 19.61 -2.55
C SER E 256 -41.02 18.34 -2.47
N LYS E 257 -41.38 17.74 -3.61
CA LYS E 257 -42.12 16.49 -3.57
C LYS E 257 -41.32 15.39 -2.90
N SER E 258 -40.05 15.23 -3.30
CA SER E 258 -39.23 14.17 -2.73
C SER E 258 -39.02 14.38 -1.24
N ALA E 259 -38.98 15.63 -0.78
CA ALA E 259 -38.91 15.90 0.65
C ALA E 259 -40.22 15.58 1.34
N LYS E 260 -41.35 15.89 0.68
CA LYS E 260 -42.66 15.59 1.27
C LYS E 260 -42.87 14.09 1.39
N ASN E 261 -42.12 13.29 0.63
CA ASN E 261 -42.29 11.85 0.70
C ASN E 261 -41.84 11.27 2.04
N ILE E 262 -41.15 12.07 2.87
CA ILE E 262 -40.66 11.54 4.14
C ILE E 262 -41.80 11.21 5.08
N PHE E 263 -42.90 11.98 5.01
CA PHE E 263 -44.04 11.69 5.86
C PHE E 263 -44.83 10.49 5.36
N LEU E 264 -44.93 10.35 4.03
CA LEU E 264 -45.68 9.22 3.47
C LEU E 264 -44.94 7.91 3.66
N ALA E 265 -43.62 7.95 3.83
CA ALA E 265 -42.85 6.74 4.01
C ALA E 265 -43.14 6.11 5.36
N SER E 266 -43.29 4.78 5.36
CA SER E 266 -43.46 4.02 6.58
C SER E 266 -42.10 3.62 7.14
N GLY E 267 -42.11 2.79 8.18
CA GLY E 267 -40.89 2.35 8.81
C GLY E 267 -40.36 1.00 8.36
N PHE E 268 -40.98 0.37 7.37
CA PHE E 268 -40.61 -0.97 6.96
C PHE E 268 -39.73 -0.90 5.72
N TYR E 269 -38.45 -1.23 5.88
CA TYR E 269 -37.51 -1.33 4.79
C TYR E 269 -37.06 -2.77 4.63
N LYS E 270 -36.21 -3.01 3.64
CA LYS E 270 -35.80 -4.38 3.29
C LYS E 270 -34.81 -4.90 4.34
N GLN E 271 -35.38 -5.32 5.47
CA GLN E 271 -34.59 -5.94 6.51
C GLN E 271 -34.27 -7.38 6.14
N PRO E 272 -33.00 -7.79 6.17
CA PRO E 272 -32.69 -9.21 5.97
C PRO E 272 -33.03 -10.01 7.21
N ASN E 273 -33.62 -11.19 7.01
CA ASN E 273 -33.87 -12.09 8.11
C ASN E 273 -34.08 -13.52 7.58
N LYS E 274 -34.33 -14.43 8.52
CA LYS E 274 -34.26 -15.86 8.23
C LYS E 274 -35.31 -16.29 7.22
N ASN E 275 -36.53 -15.75 7.33
CA ASN E 275 -37.58 -16.14 6.38
C ASN E 275 -37.21 -15.76 4.96
N GLU E 276 -36.69 -14.54 4.80
CA GLU E 276 -36.29 -14.04 3.46
C GLU E 276 -35.12 -14.86 2.94
N ILE E 277 -34.18 -15.23 3.80
CA ILE E 277 -33.05 -16.05 3.38
C ILE E 277 -33.53 -17.42 2.92
N SER E 278 -34.45 -18.03 3.66
CA SER E 278 -34.94 -19.36 3.30
C SER E 278 -35.73 -19.34 1.99
N GLU E 279 -36.59 -18.33 1.81
CA GLU E 279 -37.33 -18.23 0.56
C GLU E 279 -36.39 -18.01 -0.63
N GLY E 280 -35.38 -17.17 -0.45
CA GLY E 280 -34.40 -16.97 -1.50
C GLY E 280 -33.63 -18.24 -1.81
N TRP E 281 -33.30 -19.02 -0.78
CA TRP E 281 -32.59 -20.27 -1.00
C TRP E 281 -33.45 -21.27 -1.77
N THR E 282 -34.75 -21.33 -1.44
CA THR E 282 -35.65 -22.21 -2.18
C THR E 282 -35.75 -21.80 -3.64
N LEU E 283 -35.89 -20.50 -3.89
CA LEU E 283 -35.95 -20.03 -5.28
C LEU E 283 -34.65 -20.33 -6.00
N MET E 284 -33.51 -20.14 -5.32
CA MET E 284 -32.22 -20.42 -5.93
C MET E 284 -32.07 -21.88 -6.30
N VAL E 285 -32.46 -22.78 -5.39
CA VAL E 285 -32.31 -24.21 -5.67
C VAL E 285 -33.25 -24.63 -6.79
N GLU E 286 -34.43 -24.03 -6.87
CA GLU E 286 -35.33 -24.30 -7.99
C GLU E 286 -34.70 -23.86 -9.31
N ARG E 287 -34.14 -22.66 -9.34
CA ARG E 287 -33.54 -22.15 -10.57
C ARG E 287 -32.33 -23.00 -10.98
N VAL E 288 -31.51 -23.39 -10.00
CA VAL E 288 -30.34 -24.19 -10.32
C VAL E 288 -30.73 -25.57 -10.82
N GLN E 289 -31.76 -26.17 -10.21
CA GLN E 289 -32.25 -27.46 -10.70
C GLN E 289 -32.80 -27.34 -12.11
N ASP E 290 -33.43 -26.21 -12.43
CA ASP E 290 -33.91 -26.00 -13.79
C ASP E 290 -32.75 -25.83 -14.77
N GLN E 291 -31.67 -25.17 -14.35
CA GLN E 291 -30.60 -24.83 -15.29
C GLN E 291 -29.50 -25.88 -15.39
N ARG E 292 -29.44 -26.83 -14.46
CA ARG E 292 -28.35 -27.79 -14.39
C ARG E 292 -28.90 -29.21 -14.37
N GLU E 293 -28.00 -30.15 -14.61
CA GLU E 293 -28.28 -31.58 -14.46
C GLU E 293 -27.80 -31.99 -13.07
N ILE E 294 -28.74 -32.25 -12.17
CA ILE E 294 -28.40 -32.53 -10.78
C ILE E 294 -28.16 -34.03 -10.63
N SER E 295 -27.03 -34.38 -10.02
CA SER E 295 -26.64 -35.77 -9.83
C SER E 295 -26.61 -36.10 -8.34
N LYS E 296 -27.23 -37.23 -7.98
CA LYS E 296 -27.22 -37.72 -6.62
C LYS E 296 -26.15 -38.78 -6.37
N SER E 297 -25.34 -39.10 -7.38
CA SER E 297 -24.36 -40.17 -7.24
C SER E 297 -23.00 -39.61 -6.87
N LEU E 298 -22.37 -40.22 -5.86
CA LEU E 298 -21.01 -39.83 -5.48
C LEU E 298 -20.01 -40.12 -6.58
N HIS E 299 -20.31 -41.06 -7.48
CA HIS E 299 -19.36 -41.43 -8.51
C HIS E 299 -19.32 -40.42 -9.66
N ASP E 300 -20.22 -39.45 -9.66
CA ASP E 300 -20.21 -38.37 -10.64
C ASP E 300 -19.35 -37.19 -10.18
N GLN E 301 -18.73 -37.28 -9.01
CA GLN E 301 -17.96 -36.17 -8.49
C GLN E 301 -16.69 -35.96 -9.29
N LYS E 302 -16.22 -34.73 -9.31
CA LYS E 302 -14.94 -34.37 -9.88
C LYS E 302 -13.92 -34.18 -8.76
N PRO E 303 -12.63 -34.32 -9.06
CA PRO E 303 -11.62 -34.25 -8.00
C PRO E 303 -11.60 -32.88 -7.33
N SER E 304 -11.72 -32.90 -6.00
CA SER E 304 -11.52 -31.68 -5.23
C SER E 304 -10.06 -31.23 -5.29
N ILE E 305 -9.15 -32.19 -5.21
CA ILE E 305 -7.73 -31.96 -5.44
C ILE E 305 -7.24 -33.03 -6.41
N HIS E 306 -6.58 -32.61 -7.47
CA HIS E 306 -6.12 -33.55 -8.48
C HIS E 306 -4.86 -34.27 -8.03
N PHE E 307 -4.95 -35.03 -6.95
CA PHE E 307 -3.78 -35.60 -6.30
C PHE E 307 -4.24 -36.55 -5.21
N ILE E 308 -3.46 -37.61 -4.99
CA ILE E 308 -3.67 -38.50 -3.86
C ILE E 308 -2.33 -38.68 -3.16
N TRP E 309 -2.38 -38.76 -1.83
CA TRP E 309 -1.16 -38.74 -1.04
C TRP E 309 -1.19 -39.85 0.00
N GLY E 310 0.01 -40.34 0.34
CA GLY E 310 0.16 -41.28 1.42
C GLY E 310 1.47 -41.03 2.13
N ALA E 311 1.52 -41.45 3.40
CA ALA E 311 2.70 -41.22 4.21
C ALA E 311 3.90 -41.98 3.65
N HIS E 312 5.09 -41.49 3.98
CA HIS E 312 6.30 -42.08 3.47
C HIS E 312 6.62 -43.37 4.21
N ASN E 313 7.57 -44.12 3.66
CA ASN E 313 8.00 -45.39 4.25
C ASN E 313 9.42 -45.24 4.77
N PRO E 314 9.62 -45.07 6.08
CA PRO E 314 10.99 -44.93 6.59
C PRO E 314 11.88 -46.13 6.33
N GLY E 315 11.30 -47.33 6.27
CA GLY E 315 12.11 -48.51 6.05
C GLY E 315 12.76 -48.54 4.68
N ASN E 316 12.01 -48.15 3.65
CA ASN E 316 12.54 -48.19 2.29
C ASN E 316 13.55 -47.09 2.06
N SER E 317 14.45 -47.32 1.10
CA SER E 317 15.43 -46.33 0.72
C SER E 317 14.78 -45.22 -0.12
N ASN E 318 15.44 -44.07 -0.15
CA ASN E 318 14.95 -42.92 -0.90
C ASN E 318 15.77 -42.65 -2.16
N ASN E 319 16.68 -43.55 -2.53
CA ASN E 319 17.46 -43.37 -3.74
C ASN E 319 16.53 -43.43 -4.96
N ALA E 320 16.88 -42.66 -5.99
CA ALA E 320 16.02 -42.57 -7.17
C ALA E 320 15.90 -43.92 -7.88
N THR E 321 17.02 -44.62 -8.06
CA THR E 321 16.99 -45.91 -8.74
C THR E 321 16.24 -46.95 -7.91
N PHE E 322 16.45 -46.95 -6.60
CA PHE E 322 15.71 -47.88 -5.74
C PHE E 322 14.21 -47.60 -5.79
N LYS E 323 13.82 -46.32 -5.81
CA LYS E 323 12.41 -45.98 -5.92
C LYS E 323 11.85 -46.43 -7.26
N LEU E 324 12.61 -46.27 -8.34
CA LEU E 324 12.16 -46.73 -9.64
C LEU E 324 11.96 -48.24 -9.66
N ILE E 325 12.91 -48.98 -9.08
CA ILE E 325 12.80 -50.43 -9.03
C ILE E 325 11.59 -50.85 -8.21
N LEU E 326 11.39 -50.19 -7.06
CA LEU E 326 10.27 -50.51 -6.20
C LEU E 326 8.94 -50.24 -6.91
N LEU E 327 8.85 -49.12 -7.61
CA LEU E 327 7.63 -48.81 -8.34
C LEU E 327 7.36 -49.84 -9.43
N SER E 328 8.40 -50.23 -10.17
CA SER E 328 8.22 -51.24 -11.21
C SER E 328 7.75 -52.57 -10.62
N LYS E 329 8.38 -52.99 -9.52
CA LYS E 329 7.99 -54.25 -8.88
C LYS E 329 6.55 -54.19 -8.38
N SER E 330 6.17 -53.07 -7.75
CA SER E 330 4.82 -52.94 -7.22
C SER E 330 3.79 -52.93 -8.34
N LEU E 331 4.10 -52.27 -9.45
CA LEU E 331 3.18 -52.26 -10.58
C LEU E 331 3.04 -53.65 -11.18
N GLN E 332 4.15 -54.39 -11.29
CA GLN E 332 4.08 -55.74 -11.85
C GLN E 332 3.30 -56.69 -10.95
N SER E 333 3.49 -56.56 -9.64
CA SER E 333 2.91 -57.52 -8.70
C SER E 333 1.45 -57.23 -8.35
N ILE E 334 0.73 -56.45 -9.16
CA ILE E 334 -0.67 -56.21 -8.87
C ILE E 334 -1.45 -57.51 -8.99
N LYS E 335 -2.18 -57.84 -7.92
CA LYS E 335 -2.98 -59.06 -7.88
C LYS E 335 -4.44 -58.72 -8.14
N GLY E 336 -5.13 -59.65 -8.78
CA GLY E 336 -6.55 -59.50 -9.08
C GLY E 336 -6.78 -59.21 -10.54
N ILE E 337 -8.05 -59.01 -10.87
CA ILE E 337 -8.49 -58.69 -12.23
C ILE E 337 -9.27 -57.39 -12.18
N SER E 338 -8.98 -56.50 -13.12
CA SER E 338 -9.66 -55.21 -13.22
C SER E 338 -9.55 -54.72 -14.65
N THR E 339 -10.13 -53.55 -14.90
CA THR E 339 -10.18 -53.04 -16.26
C THR E 339 -8.78 -52.73 -16.80
N TYR E 340 -7.94 -52.11 -15.99
CA TYR E 340 -6.63 -51.66 -16.45
C TYR E 340 -5.48 -52.34 -15.72
N THR E 341 -5.73 -53.41 -14.97
CA THR E 341 -4.67 -54.06 -14.23
C THR E 341 -3.59 -54.63 -15.15
N GLU E 342 -4.01 -55.17 -16.30
CA GLU E 342 -3.02 -55.71 -17.24
C GLU E 342 -2.20 -54.60 -17.86
N ALA E 343 -2.83 -53.46 -18.15
CA ALA E 343 -2.07 -52.32 -18.67
C ALA E 343 -1.06 -51.83 -17.65
N PHE E 344 -1.46 -51.75 -16.38
CA PHE E 344 -0.54 -51.30 -15.34
C PHE E 344 0.62 -52.28 -15.16
N LYS E 345 0.32 -53.58 -15.21
CA LYS E 345 1.39 -54.57 -15.11
C LYS E 345 2.34 -54.48 -16.30
N SER E 346 1.79 -54.26 -17.50
CA SER E 346 2.64 -54.09 -18.67
C SER E 346 3.53 -52.86 -18.55
N LEU E 347 2.98 -51.76 -18.01
CA LEU E 347 3.80 -50.58 -17.78
C LEU E 347 4.91 -50.86 -16.79
N GLY E 348 4.59 -51.57 -15.71
CA GLY E 348 5.61 -51.93 -14.73
C GLY E 348 6.71 -52.79 -15.34
N LYS E 349 6.34 -53.71 -16.23
CA LYS E 349 7.33 -54.49 -16.95
C LYS E 349 8.16 -53.61 -17.87
N MET E 350 7.51 -52.61 -18.50
CA MET E 350 8.21 -51.71 -19.41
C MET E 350 9.25 -50.89 -18.67
N MET E 351 8.99 -50.52 -17.42
CA MET E 351 9.90 -49.66 -16.69
C MET E 351 10.87 -50.48 -15.85
N ASP E 352 11.01 -51.77 -16.14
CA ASP E 352 11.80 -52.68 -15.30
C ASP E 352 13.26 -52.57 -15.68
N ILE E 353 14.02 -51.82 -14.88
CA ILE E 353 15.47 -51.73 -15.08
C ILE E 353 16.14 -53.05 -14.71
N GLY E 354 15.68 -53.69 -13.64
CA GLY E 354 16.27 -54.94 -13.22
C GLY E 354 17.45 -54.71 -12.28
N ASP E 355 18.48 -55.54 -12.47
CA ASP E 355 19.67 -55.44 -11.65
C ASP E 355 20.72 -54.52 -12.24
N LYS E 356 20.49 -53.98 -13.44
CA LYS E 356 21.47 -53.11 -14.10
C LYS E 356 21.26 -51.65 -13.69
N ALA E 357 21.20 -51.44 -12.37
CA ALA E 357 21.08 -50.09 -11.84
C ALA E 357 22.32 -49.27 -12.17
N ILE E 358 23.51 -49.86 -12.07
CA ILE E 358 24.74 -49.14 -12.37
C ILE E 358 24.77 -48.74 -13.84
N GLU E 359 24.40 -49.67 -14.73
CA GLU E 359 24.38 -49.34 -16.16
C GLU E 359 23.37 -48.26 -16.47
N TYR E 360 22.18 -48.34 -15.86
CA TYR E 360 21.17 -47.31 -16.09
C TYR E 360 21.66 -45.95 -15.63
N GLU E 361 22.26 -45.90 -14.44
CA GLU E 361 22.79 -44.63 -13.93
C GLU E 361 23.89 -44.09 -14.82
N GLU E 362 24.79 -44.96 -15.29
CA GLU E 362 25.87 -44.49 -16.17
C GLU E 362 25.32 -43.94 -17.48
N PHE E 363 24.34 -44.63 -18.07
CA PHE E 363 23.77 -44.17 -19.33
C PHE E 363 23.11 -42.82 -19.16
N CYS E 364 22.30 -42.67 -18.11
CA CYS E 364 21.62 -41.40 -17.88
C CYS E 364 22.61 -40.28 -17.57
N MET E 365 23.65 -40.58 -16.79
CA MET E 365 24.64 -39.57 -16.46
C MET E 365 25.41 -39.12 -17.70
N SER E 366 25.76 -40.05 -18.58
CA SER E 366 26.44 -39.67 -19.80
C SER E 366 25.55 -38.78 -20.67
N LEU E 367 24.27 -39.13 -20.78
CA LEU E 367 23.35 -38.29 -21.55
C LEU E 367 23.25 -36.90 -20.96
N LYS E 368 23.11 -36.80 -19.64
CA LYS E 368 22.96 -35.49 -19.01
C LYS E 368 24.23 -34.66 -19.13
N SER E 369 25.39 -35.28 -18.97
CA SER E 369 26.65 -34.56 -19.13
C SER E 369 26.80 -34.04 -20.56
N LYS E 370 26.39 -34.84 -21.55
CA LYS E 370 26.40 -34.37 -22.93
C LYS E 370 25.45 -33.19 -23.11
N ALA E 371 24.26 -33.27 -22.51
CA ALA E 371 23.26 -32.21 -22.70
C ALA E 371 23.71 -30.89 -22.06
N ARG E 372 24.28 -30.96 -20.86
CA ARG E 372 24.64 -29.76 -20.11
C ARG E 372 25.87 -29.05 -20.63
N SER E 373 26.63 -29.66 -21.54
CA SER E 373 27.86 -29.05 -22.02
C SER E 373 27.62 -27.93 -23.03
N SER E 374 26.40 -27.78 -23.53
CA SER E 374 26.09 -26.80 -24.55
C SER E 374 25.09 -25.79 -24.00
N TRP E 375 25.31 -24.51 -24.29
CA TRP E 375 24.33 -23.49 -23.93
C TRP E 375 23.04 -23.70 -24.73
N LYS E 376 23.17 -24.07 -26.00
CA LYS E 376 22.01 -24.34 -26.84
C LYS E 376 21.60 -25.80 -26.74
N GLN E 377 20.40 -26.10 -27.20
CA GLN E 377 19.92 -27.47 -27.22
C GLN E 377 20.67 -28.28 -28.27
N ILE E 378 20.95 -29.54 -27.96
CA ILE E 378 21.68 -30.40 -28.88
C ILE E 378 20.76 -30.79 -30.02
N MET E 379 21.07 -30.32 -31.23
CA MET E 379 20.27 -30.59 -32.41
C MET E 379 21.03 -31.52 -33.35
N ASN E 380 20.27 -32.11 -34.28
CA ASN E 380 20.80 -32.92 -35.37
C ASN E 380 21.42 -34.23 -34.91
N LYS E 381 21.39 -34.50 -33.61
CA LYS E 381 21.78 -35.80 -33.07
C LYS E 381 20.56 -36.48 -32.47
N LYS E 382 20.29 -37.70 -32.91
CA LYS E 382 19.07 -38.41 -32.53
C LYS E 382 19.34 -39.28 -31.31
N LEU E 383 18.46 -39.17 -30.32
CA LEU E 383 18.52 -40.07 -29.17
C LEU E 383 17.98 -41.44 -29.55
N GLU E 384 18.71 -42.49 -29.17
CA GLU E 384 18.31 -43.84 -29.47
C GLU E 384 18.10 -44.62 -28.17
N PRO E 385 16.94 -45.24 -27.99
CA PRO E 385 16.69 -45.96 -26.74
C PRO E 385 17.67 -47.10 -26.54
N LYS E 386 18.12 -47.27 -25.30
CA LYS E 386 19.04 -48.39 -24.98
C LYS E 386 18.25 -49.43 -24.17
N GLN E 387 18.45 -50.71 -24.46
CA GLN E 387 17.66 -51.77 -23.77
C GLN E 387 18.41 -52.20 -22.50
N ILE E 388 17.83 -51.92 -21.33
CA ILE E 388 18.41 -52.41 -20.04
C ILE E 388 17.36 -53.36 -19.48
N ASN E 389 17.68 -54.66 -19.37
CA ASN E 389 16.66 -55.64 -18.93
C ASN E 389 15.46 -55.51 -19.87
N ASN E 390 14.25 -55.34 -19.32
CA ASN E 390 13.02 -55.28 -20.16
C ASN E 390 12.64 -53.82 -20.39
N ALA E 391 13.54 -52.89 -20.10
CA ALA E 391 13.23 -51.47 -20.22
C ALA E 391 13.98 -50.86 -21.38
N LEU E 392 13.24 -50.25 -22.30
CA LEU E 392 13.81 -49.48 -23.40
C LEU E 392 13.91 -48.02 -22.95
N VAL E 393 15.11 -47.56 -22.64
CA VAL E 393 15.33 -46.29 -21.97
C VAL E 393 15.88 -45.28 -22.97
N LEU E 394 15.19 -44.16 -23.14
CA LEU E 394 15.67 -43.04 -23.94
C LEU E 394 16.36 -41.97 -23.11
N TRP E 395 15.93 -41.78 -21.86
CA TRP E 395 16.52 -40.81 -20.96
C TRP E 395 16.22 -41.26 -19.54
N GLU E 396 16.79 -40.54 -18.59
CA GLU E 396 16.51 -40.82 -17.19
C GLU E 396 15.02 -40.64 -16.91
N GLN E 397 14.38 -41.68 -16.36
CA GLN E 397 12.92 -41.64 -16.10
C GLN E 397 12.15 -41.43 -17.40
N GLN E 398 12.66 -41.93 -18.53
CA GLN E 398 11.94 -41.90 -19.79
C GLN E 398 12.06 -43.27 -20.45
N PHE E 399 10.92 -43.88 -20.76
CA PHE E 399 10.90 -45.24 -21.28
C PHE E 399 9.99 -45.32 -22.48
N MET E 400 10.30 -46.24 -23.40
CA MET E 400 9.46 -46.48 -24.56
C MET E 400 8.19 -47.21 -24.16
N ILE E 401 7.15 -47.01 -24.98
CA ILE E 401 5.96 -47.86 -24.94
C ILE E 401 6.24 -49.04 -25.85
N ASN E 402 6.65 -50.17 -25.25
CA ASN E 402 7.08 -51.32 -26.04
C ASN E 402 5.88 -52.15 -26.44
N ASN E 403 5.74 -52.39 -27.75
CA ASN E 403 4.58 -53.10 -28.25
C ASN E 403 4.64 -54.58 -27.90
N ASP E 404 5.85 -55.12 -27.69
CA ASP E 404 5.98 -56.52 -27.30
C ASP E 404 5.51 -56.76 -25.88
N LEU E 405 5.73 -55.79 -24.98
CA LEU E 405 5.45 -55.99 -23.57
C LEU E 405 3.98 -55.78 -23.23
N ILE E 406 3.19 -55.21 -24.13
CA ILE E 406 1.79 -54.92 -23.86
C ILE E 406 0.94 -55.40 -25.03
N ASP E 407 -0.23 -55.96 -24.73
CA ASP E 407 -1.17 -56.31 -25.78
C ASP E 407 -1.70 -55.05 -26.44
N LYS E 408 -1.99 -55.15 -27.74
CA LYS E 408 -2.49 -53.98 -28.47
C LYS E 408 -3.85 -53.53 -27.94
N SER E 409 -4.74 -54.49 -27.67
CA SER E 409 -6.06 -54.14 -27.15
C SER E 409 -5.95 -53.44 -25.80
N GLU E 410 -5.08 -53.95 -24.92
CA GLU E 410 -4.88 -53.31 -23.63
C GLU E 410 -4.26 -51.93 -23.77
N LYS E 411 -3.34 -51.77 -24.71
CA LYS E 411 -2.70 -50.47 -24.91
C LYS E 411 -3.71 -49.43 -25.36
N LEU E 412 -4.54 -49.75 -26.35
CA LEU E 412 -5.59 -48.82 -26.75
C LEU E 412 -6.60 -48.58 -25.63
N LYS E 413 -6.96 -49.63 -24.88
CA LYS E 413 -7.87 -49.42 -23.75
C LYS E 413 -7.31 -48.39 -22.79
N LEU E 414 -6.07 -48.58 -22.35
CA LEU E 414 -5.46 -47.63 -21.43
C LEU E 414 -5.42 -46.23 -22.05
N PHE E 415 -4.83 -46.10 -23.24
CA PHE E 415 -4.54 -44.78 -23.79
C PHE E 415 -5.82 -44.01 -24.13
N LYS E 416 -6.92 -44.72 -24.43
CA LYS E 416 -8.13 -44.02 -24.80
C LYS E 416 -9.10 -43.89 -23.63
N ASN E 417 -9.49 -45.01 -23.03
CA ASN E 417 -10.48 -44.98 -21.96
C ASN E 417 -9.91 -44.49 -20.63
N PHE E 418 -8.60 -44.36 -20.50
CA PHE E 418 -8.00 -43.92 -19.24
C PHE E 418 -7.33 -42.57 -19.36
N CYS E 419 -6.39 -42.41 -20.28
CA CYS E 419 -5.65 -41.17 -20.44
C CYS E 419 -6.31 -40.20 -21.42
N GLY E 420 -7.30 -40.65 -22.18
CA GLY E 420 -7.94 -39.77 -23.13
C GLY E 420 -7.13 -39.46 -24.37
N ILE E 421 -6.06 -40.20 -24.61
CA ILE E 421 -5.22 -40.00 -25.80
C ILE E 421 -5.82 -40.79 -26.95
N GLY E 422 -6.10 -40.10 -28.05
CA GLY E 422 -6.77 -40.73 -29.18
C GLY E 422 -8.27 -40.82 -29.05
N LYS E 423 -8.86 -40.21 -28.03
CA LYS E 423 -10.30 -40.28 -27.85
C LYS E 423 -11.01 -39.52 -28.97
N HIS E 424 -12.03 -40.16 -29.53
CA HIS E 424 -12.83 -39.56 -30.60
C HIS E 424 -11.97 -39.12 -31.79
N VAL E 437 -28.15 -30.64 -26.17
CA VAL E 437 -26.70 -30.57 -26.09
C VAL E 437 -26.31 -30.91 -24.64
N SER E 438 -27.30 -31.35 -23.87
CA SER E 438 -27.13 -31.76 -22.48
C SER E 438 -26.79 -30.57 -21.58
N LYS E 439 -26.80 -30.78 -20.27
CA LYS E 439 -26.59 -29.73 -19.30
C LYS E 439 -25.37 -30.05 -18.45
N PRO E 440 -24.68 -29.03 -17.93
CA PRO E 440 -23.56 -29.28 -17.03
C PRO E 440 -23.98 -30.09 -15.81
N LYS E 441 -23.31 -31.21 -15.56
CA LYS E 441 -23.67 -32.05 -14.43
C LYS E 441 -22.98 -31.55 -13.16
N ILE E 442 -23.78 -31.26 -12.15
CA ILE E 442 -23.28 -30.81 -10.85
C ILE E 442 -23.94 -31.64 -9.77
N LEU E 443 -23.24 -31.79 -8.65
CA LEU E 443 -23.77 -32.56 -7.54
C LEU E 443 -24.88 -31.81 -6.83
N ASP E 444 -25.81 -32.55 -6.25
CA ASP E 444 -26.88 -31.94 -5.47
C ASP E 444 -26.33 -31.41 -4.16
N PHE E 445 -26.24 -30.08 -4.05
CA PHE E 445 -25.67 -29.47 -2.86
C PHE E 445 -26.65 -29.40 -1.70
N ASP E 446 -27.94 -29.59 -1.95
CA ASP E 446 -28.94 -29.60 -0.90
C ASP E 446 -29.34 -31.01 -0.47
N ASP E 447 -28.73 -32.03 -1.06
CA ASP E 447 -29.07 -33.41 -0.71
C ASP E 447 -28.38 -33.78 0.60
N ALA E 448 -29.15 -34.37 1.52
CA ALA E 448 -28.59 -34.77 2.80
C ALA E 448 -27.50 -35.82 2.64
N ASN E 449 -27.73 -36.81 1.77
CA ASN E 449 -26.72 -37.84 1.54
C ASN E 449 -25.46 -37.25 0.93
N MET E 450 -25.61 -36.32 -0.01
CA MET E 450 -24.44 -35.72 -0.63
C MET E 450 -23.65 -34.88 0.37
N TYR E 451 -24.34 -34.13 1.22
CA TYR E 451 -23.63 -33.36 2.24
C TYR E 451 -22.95 -34.28 3.25
N LEU E 452 -23.58 -35.41 3.57
CA LEU E 452 -22.94 -36.37 4.46
C LEU E 452 -21.70 -36.96 3.81
N ALA E 453 -21.74 -37.17 2.50
CA ALA E 453 -20.55 -37.62 1.79
C ALA E 453 -19.44 -36.58 1.86
N SER E 454 -19.79 -35.30 1.72
CA SER E 454 -18.79 -34.24 1.83
C SER E 454 -18.20 -34.19 3.24
N LEU E 455 -19.04 -34.32 4.26
CA LEU E 455 -18.55 -34.38 5.64
C LEU E 455 -17.62 -35.56 5.83
N THR E 456 -17.98 -36.72 5.26
CA THR E 456 -17.12 -37.90 5.37
C THR E 456 -15.77 -37.65 4.72
N MET E 457 -15.77 -37.02 3.54
CA MET E 457 -14.52 -36.73 2.87
C MET E 457 -13.64 -35.81 3.70
N MET E 458 -14.23 -34.74 4.25
CA MET E 458 -13.42 -33.80 5.04
C MET E 458 -12.95 -34.44 6.34
N GLU E 459 -13.79 -35.26 6.97
CA GLU E 459 -13.36 -35.94 8.20
C GLU E 459 -12.22 -36.90 7.92
N GLN E 460 -12.30 -37.65 6.81
CA GLN E 460 -11.21 -38.56 6.47
C GLN E 460 -9.94 -37.81 6.17
N SER E 461 -10.05 -36.68 5.47
CA SER E 461 -8.85 -35.85 5.16
C SER E 461 -8.24 -35.36 6.46
N LYS E 462 -9.06 -34.87 7.37
CA LYS E 462 -8.53 -34.38 8.64
C LYS E 462 -7.86 -35.51 9.42
N LYS E 463 -8.48 -36.69 9.44
CA LYS E 463 -7.91 -37.82 10.17
C LYS E 463 -6.56 -38.22 9.60
N ILE E 464 -6.44 -38.31 8.28
CA ILE E 464 -5.19 -38.77 7.69
C ILE E 464 -4.11 -37.69 7.80
N LEU E 465 -4.46 -36.43 7.61
CA LEU E 465 -3.46 -35.37 7.52
C LEU E 465 -3.14 -34.70 8.84
N SER E 466 -3.89 -34.97 9.90
CA SER E 466 -3.61 -34.33 11.18
C SER E 466 -2.46 -34.98 11.91
N LYS E 467 -2.02 -36.17 11.50
CA LYS E 467 -0.96 -36.87 12.20
C LYS E 467 0.38 -36.18 11.96
N SER E 468 1.33 -36.44 12.85
CA SER E 468 2.66 -35.86 12.71
C SER E 468 3.38 -36.44 11.50
N ASN E 469 4.27 -35.63 10.94
CA ASN E 469 5.09 -36.09 9.81
C ASN E 469 6.04 -37.19 10.24
N GLY E 470 6.61 -37.06 11.44
CA GLY E 470 7.69 -37.93 11.87
C GLY E 470 9.04 -37.52 11.37
N LEU E 471 9.13 -36.42 10.63
CA LEU E 471 10.38 -35.92 10.08
C LEU E 471 10.59 -34.48 10.55
N LYS E 472 11.83 -34.00 10.38
CA LYS E 472 12.21 -32.72 10.94
C LYS E 472 11.42 -31.59 10.29
N PRO E 473 10.90 -30.65 11.07
CA PRO E 473 10.25 -29.46 10.49
C PRO E 473 11.23 -28.49 9.84
N ASP E 474 12.50 -28.86 9.75
CA ASP E 474 13.51 -28.03 9.11
C ASP E 474 13.15 -27.78 7.65
N ASN E 475 13.19 -26.52 7.25
CA ASN E 475 13.02 -26.15 5.84
C ASN E 475 13.57 -24.74 5.65
N PHE E 476 13.52 -24.29 4.39
CA PHE E 476 14.14 -23.01 4.02
C PHE E 476 13.49 -21.84 4.74
N ILE E 477 12.16 -21.80 4.75
CA ILE E 477 11.45 -20.68 5.37
C ILE E 477 11.80 -20.57 6.85
N LEU E 478 11.70 -21.70 7.57
CA LEU E 478 12.00 -21.67 8.99
C LEU E 478 13.46 -21.28 9.24
N ASN E 479 14.39 -21.96 8.57
CA ASN E 479 15.81 -21.70 8.82
C ASN E 479 16.18 -20.26 8.53
N GLU E 480 15.59 -19.66 7.50
CA GLU E 480 16.08 -18.34 7.10
C GLU E 480 15.29 -17.19 7.71
N PHE E 481 14.08 -17.43 8.22
CA PHE E 481 13.26 -16.33 8.72
C PHE E 481 12.64 -16.61 10.08
N GLY E 482 13.07 -17.67 10.77
CA GLY E 482 12.46 -18.01 12.04
C GLY E 482 12.74 -16.98 13.12
N SER E 483 13.97 -16.45 13.14
CA SER E 483 14.30 -15.43 14.14
C SER E 483 13.42 -14.19 13.97
N ARG E 484 13.28 -13.71 12.73
CA ARG E 484 12.47 -12.52 12.49
C ARG E 484 11.00 -12.78 12.82
N ILE E 485 10.45 -13.91 12.36
CA ILE E 485 9.05 -14.21 12.63
C ILE E 485 8.82 -14.41 14.12
N LYS E 486 9.78 -15.01 14.82
CA LYS E 486 9.65 -15.24 16.25
C LYS E 486 9.66 -13.94 17.03
N ASP E 487 10.60 -13.04 16.71
CA ASP E 487 10.63 -11.75 17.38
C ASP E 487 9.38 -10.95 17.10
N ALA E 488 8.85 -11.02 15.87
CA ALA E 488 7.63 -10.29 15.57
C ALA E 488 6.43 -10.87 16.34
N ASN E 489 6.25 -12.19 16.28
CA ASN E 489 5.16 -12.84 17.02
C ASN E 489 5.57 -14.28 17.31
N LYS E 490 6.07 -14.51 18.52
CA LYS E 490 6.29 -15.88 19.00
C LYS E 490 5.11 -16.79 18.70
N GLU E 491 3.88 -16.28 18.83
CA GLU E 491 2.71 -17.11 18.54
C GLU E 491 2.65 -17.51 17.07
N THR E 492 2.94 -16.58 16.17
CA THR E 492 2.99 -16.90 14.75
C THR E 492 4.08 -17.94 14.48
N TYR E 493 5.22 -17.81 15.16
CA TYR E 493 6.29 -18.78 15.00
C TYR E 493 5.84 -20.18 15.45
N ASP E 494 5.15 -20.25 16.59
CA ASP E 494 4.65 -21.54 17.07
C ASP E 494 3.62 -22.13 16.13
N ASN E 495 2.75 -21.29 15.57
CA ASN E 495 1.78 -21.79 14.60
C ASN E 495 2.47 -22.34 13.37
N MET E 496 3.51 -21.65 12.88
CA MET E 496 4.26 -22.18 11.74
C MET E 496 4.90 -23.52 12.08
N HIS E 497 5.46 -23.63 13.29
CA HIS E 497 6.10 -24.88 13.68
C HIS E 497 5.09 -26.02 13.72
N LYS E 498 3.91 -25.76 14.26
CA LYS E 498 2.86 -26.78 14.26
C LYS E 498 2.43 -27.16 12.84
N ILE E 499 2.29 -26.16 11.96
CA ILE E 499 1.91 -26.45 10.59
C ILE E 499 2.94 -27.33 9.91
N PHE E 500 4.22 -27.02 10.11
CA PHE E 500 5.27 -27.82 9.49
C PHE E 500 5.38 -29.19 10.12
N GLU E 501 4.95 -29.34 11.36
CA GLU E 501 4.93 -30.66 11.99
C GLU E 501 3.79 -31.54 11.49
N THR E 502 2.64 -30.95 11.17
CA THR E 502 1.48 -31.73 10.74
C THR E 502 1.72 -32.35 9.36
N GLY E 503 0.77 -33.19 8.95
CA GLY E 503 0.84 -33.87 7.67
C GLY E 503 0.27 -33.12 6.49
N TYR E 504 -0.51 -32.06 6.75
CA TYR E 504 -0.97 -31.20 5.66
C TYR E 504 0.22 -30.60 4.93
N TRP E 505 1.22 -30.13 5.68
CA TRP E 505 2.40 -29.55 5.06
C TRP E 505 3.14 -30.57 4.21
N GLN E 506 3.31 -31.79 4.72
CA GLN E 506 3.99 -32.81 3.94
C GLN E 506 3.23 -33.13 2.66
N CYS E 507 1.90 -33.26 2.76
CA CYS E 507 1.11 -33.58 1.57
C CYS E 507 1.21 -32.48 0.53
N ILE E 508 1.03 -31.22 0.93
CA ILE E 508 1.06 -30.14 -0.06
C ILE E 508 2.47 -29.90 -0.61
N SER E 509 3.51 -30.05 0.22
CA SER E 509 4.87 -29.92 -0.28
C SER E 509 5.20 -31.04 -1.26
N ASP E 510 4.78 -32.27 -0.95
CA ASP E 510 4.99 -33.37 -1.88
C ASP E 510 4.26 -33.14 -3.18
N PHE E 511 3.02 -32.63 -3.12
CA PHE E 511 2.29 -32.36 -4.34
C PHE E 511 2.97 -31.28 -5.16
N SER E 512 3.48 -30.23 -4.51
CA SER E 512 4.16 -29.16 -5.25
C SER E 512 5.45 -29.66 -5.90
N THR E 513 6.27 -30.40 -5.14
CA THR E 513 7.51 -30.92 -5.70
C THR E 513 7.23 -31.90 -6.83
N LEU E 514 6.25 -32.79 -6.64
CA LEU E 514 5.90 -33.75 -7.67
C LEU E 514 5.39 -33.06 -8.91
N MET E 515 4.61 -31.99 -8.75
CA MET E 515 4.06 -31.33 -9.92
C MET E 515 5.14 -30.55 -10.66
N LYS E 516 6.09 -29.98 -9.92
CA LYS E 516 7.24 -29.36 -10.58
C LYS E 516 8.03 -30.39 -11.39
N ASN E 517 8.21 -31.57 -10.81
CA ASN E 517 8.94 -32.66 -11.51
C ASN E 517 8.12 -33.11 -12.73
N ILE E 518 6.80 -33.12 -12.64
CA ILE E 518 5.94 -33.49 -13.77
C ILE E 518 6.08 -32.47 -14.89
N LEU E 519 6.04 -31.18 -14.54
CA LEU E 519 6.21 -30.13 -15.54
C LEU E 519 7.59 -30.21 -16.19
N SER E 520 8.62 -30.56 -15.41
CA SER E 520 9.95 -30.69 -15.97
C SER E 520 10.04 -31.85 -16.95
N VAL E 521 9.45 -32.98 -16.60
CA VAL E 521 9.60 -34.16 -17.45
C VAL E 521 8.65 -34.14 -18.64
N SER E 522 7.59 -33.33 -18.58
CA SER E 522 6.63 -33.32 -19.69
C SER E 522 7.11 -32.50 -20.88
N GLN E 523 8.19 -31.73 -20.75
CA GLN E 523 8.65 -30.90 -21.85
C GLN E 523 9.20 -31.73 -23.01
N TYR E 524 10.01 -32.74 -22.71
CA TYR E 524 10.66 -33.53 -23.75
C TYR E 524 10.01 -34.90 -23.91
N ASN E 525 8.80 -35.08 -23.41
CA ASN E 525 8.08 -36.34 -23.58
C ASN E 525 7.67 -36.50 -25.03
N ARG E 526 7.78 -37.72 -25.54
CA ARG E 526 7.41 -38.01 -26.92
C ARG E 526 6.08 -38.75 -26.97
N HIS E 527 5.67 -39.15 -28.17
CA HIS E 527 4.37 -39.80 -28.34
C HIS E 527 4.41 -41.25 -27.88
N ASN E 528 5.58 -41.88 -27.96
CA ASN E 528 5.72 -43.29 -27.59
C ASN E 528 6.48 -43.48 -26.29
N THR E 529 6.65 -42.43 -25.49
CA THR E 529 7.39 -42.51 -24.25
C THR E 529 6.54 -42.01 -23.10
N PHE E 530 6.79 -42.55 -21.91
CA PHE E 530 6.17 -42.08 -20.69
C PHE E 530 7.23 -41.80 -19.65
N ARG E 531 6.96 -40.83 -18.80
CA ARG E 531 7.92 -40.35 -17.82
C ARG E 531 7.48 -40.76 -16.42
N ILE E 532 8.44 -40.86 -15.51
CA ILE E 532 8.17 -41.11 -14.10
C ILE E 532 8.69 -39.94 -13.30
N ALA E 533 7.82 -39.34 -12.49
CA ALA E 533 8.17 -38.23 -11.63
C ALA E 533 8.17 -38.68 -10.18
N MET E 534 9.18 -38.26 -9.44
CA MET E 534 9.28 -38.71 -8.02
C MET E 534 9.46 -37.49 -7.13
N CYS E 535 9.12 -37.61 -5.86
CA CYS E 535 9.24 -36.47 -4.92
C CYS E 535 10.01 -36.93 -3.68
N ALA E 536 10.12 -36.07 -2.67
CA ALA E 536 10.82 -36.45 -1.46
C ALA E 536 10.19 -37.67 -0.81
N ASN E 537 8.87 -37.76 -0.86
CA ASN E 537 8.18 -38.97 -0.40
C ASN E 537 8.57 -40.15 -1.28
N ASN E 538 8.94 -41.25 -0.66
CA ASN E 538 9.36 -42.45 -1.38
C ASN E 538 8.18 -43.35 -1.73
N ASN E 539 6.96 -42.97 -1.36
CA ASN E 539 5.77 -43.73 -1.69
C ASN E 539 4.91 -43.08 -2.76
N VAL E 540 5.07 -41.79 -3.00
CA VAL E 540 4.26 -41.05 -3.96
C VAL E 540 5.05 -40.95 -5.26
N PHE E 541 4.42 -41.34 -6.36
CA PHE E 541 5.05 -41.28 -7.67
C PHE E 541 4.06 -40.68 -8.65
N ALA E 542 4.54 -40.39 -9.85
CA ALA E 542 3.70 -39.91 -10.92
C ALA E 542 4.16 -40.52 -12.23
N ILE E 543 3.22 -40.91 -13.06
CA ILE E 543 3.50 -41.43 -14.39
C ILE E 543 2.91 -40.44 -15.39
N VAL E 544 3.79 -39.84 -16.20
CA VAL E 544 3.39 -38.82 -17.15
C VAL E 544 3.20 -39.48 -18.51
N PHE E 545 2.00 -39.39 -19.04
CA PHE E 545 1.64 -40.04 -20.29
C PHE E 545 2.01 -39.15 -21.48
N PRO E 546 2.11 -39.73 -22.68
CA PRO E 546 2.45 -38.93 -23.86
C PRO E 546 1.44 -37.81 -24.10
N SER E 547 1.94 -36.69 -24.62
CA SER E 547 1.10 -35.54 -24.90
C SER E 547 1.72 -34.76 -26.04
N ALA E 548 0.93 -33.84 -26.60
CA ALA E 548 1.37 -33.02 -27.73
C ALA E 548 2.04 -31.74 -27.25
N LYS E 554 -2.41 -24.17 -26.36
CA LYS E 554 -2.21 -24.40 -24.93
C LYS E 554 -1.85 -25.85 -24.65
N ALA E 555 -0.60 -26.08 -24.28
CA ALA E 555 -0.14 -27.42 -23.96
C ALA E 555 -0.79 -27.91 -22.68
N THR E 556 -0.99 -29.23 -22.61
CA THR E 556 -1.59 -29.87 -21.45
C THR E 556 -0.65 -30.95 -20.93
N VAL E 557 -0.84 -31.33 -19.67
CA VAL E 557 -0.07 -32.37 -19.03
C VAL E 557 -1.01 -33.46 -18.57
N VAL E 558 -0.71 -34.70 -18.95
CA VAL E 558 -1.48 -35.86 -18.53
C VAL E 558 -0.64 -36.67 -17.56
N TYR E 559 -1.13 -36.84 -16.34
CA TYR E 559 -0.38 -37.54 -15.31
C TYR E 559 -1.33 -38.40 -14.49
N SER E 560 -0.76 -39.39 -13.81
CA SER E 560 -1.51 -40.24 -12.90
C SER E 560 -0.67 -40.47 -11.65
N ILE E 561 -1.27 -40.29 -10.49
CA ILE E 561 -0.53 -40.39 -9.22
C ILE E 561 -0.58 -41.83 -8.73
N ILE E 562 0.58 -42.36 -8.36
CA ILE E 562 0.70 -43.71 -7.84
C ILE E 562 1.23 -43.62 -6.41
N VAL E 563 0.53 -44.25 -5.48
CA VAL E 563 0.88 -44.21 -4.06
C VAL E 563 0.98 -45.64 -3.55
N LEU E 564 2.07 -45.95 -2.86
CA LEU E 564 2.25 -47.23 -2.20
C LEU E 564 2.02 -47.05 -0.71
N HIS E 565 1.14 -47.86 -0.13
CA HIS E 565 0.82 -47.79 1.29
C HIS E 565 0.64 -49.20 1.83
N LYS E 566 1.17 -49.44 3.03
CA LYS E 566 1.12 -50.76 3.62
C LYS E 566 -0.31 -51.17 3.97
N GLU E 567 -1.07 -50.26 4.56
CA GLU E 567 -2.43 -50.54 5.00
C GLU E 567 -3.42 -49.93 4.02
N GLU E 568 -4.39 -50.73 3.59
CA GLU E 568 -5.46 -50.21 2.74
C GLU E 568 -6.30 -49.22 3.53
N GLU E 569 -6.87 -48.26 2.81
CA GLU E 569 -7.67 -47.16 3.35
C GLU E 569 -6.85 -46.18 4.18
N ASN E 570 -5.52 -46.28 4.14
CA ASN E 570 -4.64 -45.32 4.80
C ASN E 570 -4.16 -44.25 3.83
N ILE E 571 -4.92 -43.98 2.78
CA ILE E 571 -4.54 -43.02 1.75
C ILE E 571 -5.47 -41.83 1.82
N PHE E 572 -4.98 -40.66 1.41
CA PHE E 572 -5.77 -39.44 1.37
C PHE E 572 -6.37 -39.30 -0.03
N ASN E 573 -7.67 -39.52 -0.16
CA ASN E 573 -8.34 -39.48 -1.46
C ASN E 573 -9.34 -38.34 -1.50
N PRO E 574 -9.02 -37.18 -2.14
CA PRO E 574 -9.99 -36.10 -2.30
C PRO E 574 -10.75 -36.26 -3.62
N GLY E 575 -11.47 -37.37 -3.76
CA GLY E 575 -12.25 -37.63 -4.99
C GLY E 575 -11.40 -37.73 -6.24
N CYS E 576 -10.20 -38.31 -6.14
CA CYS E 576 -9.30 -38.45 -7.32
C CYS E 576 -8.87 -39.90 -7.54
N LEU E 577 -9.29 -40.84 -6.68
CA LEU E 577 -8.77 -42.23 -6.77
C LEU E 577 -9.44 -43.07 -7.83
N HIS E 578 -8.65 -43.81 -8.62
CA HIS E 578 -9.18 -44.77 -9.58
C HIS E 578 -9.44 -46.11 -8.91
N GLY E 579 -8.51 -46.56 -8.08
CA GLY E 579 -8.67 -47.82 -7.38
C GLY E 579 -7.43 -48.17 -6.59
N THR E 580 -7.62 -49.04 -5.61
CA THR E 580 -6.54 -49.54 -4.76
C THR E 580 -6.41 -51.03 -4.98
N PHE E 581 -5.20 -51.49 -5.29
CA PHE E 581 -4.96 -52.89 -5.61
C PHE E 581 -3.90 -53.47 -4.68
N LYS E 582 -3.94 -54.78 -4.50
CA LYS E 582 -2.94 -55.48 -3.72
C LYS E 582 -1.68 -55.72 -4.55
N CYS E 583 -0.52 -55.59 -3.90
CA CYS E 583 0.76 -55.85 -4.53
C CYS E 583 1.68 -56.46 -3.49
N MET E 584 2.97 -56.55 -3.82
CA MET E 584 3.92 -57.03 -2.84
C MET E 584 4.09 -56.02 -1.71
N ASN E 585 4.17 -56.52 -0.48
CA ASN E 585 4.45 -55.72 0.70
C ASN E 585 3.42 -54.60 0.88
N GLY E 586 2.16 -54.90 0.57
CA GLY E 586 1.11 -53.94 0.83
C GLY E 586 0.19 -53.65 -0.35
N TYR E 587 -0.26 -52.41 -0.45
CA TYR E 587 -1.23 -52.02 -1.46
C TYR E 587 -0.63 -50.94 -2.36
N ILE E 588 -1.20 -50.82 -3.56
CA ILE E 588 -0.83 -49.78 -4.51
C ILE E 588 -2.12 -49.09 -4.98
N SER E 589 -2.12 -47.77 -4.97
CA SER E 589 -3.28 -46.98 -5.35
C SER E 589 -2.92 -46.16 -6.58
N ILE E 590 -3.82 -46.16 -7.56
CA ILE E 590 -3.64 -45.41 -8.80
C ILE E 590 -4.73 -44.35 -8.86
N SER E 591 -4.33 -43.11 -9.14
CA SER E 591 -5.32 -42.07 -9.32
C SER E 591 -5.78 -42.04 -10.77
N ARG E 592 -6.95 -41.45 -10.98
CA ARG E 592 -7.47 -41.32 -12.35
C ARG E 592 -6.55 -40.36 -13.10
N ALA E 593 -6.51 -40.47 -14.43
CA ALA E 593 -5.69 -39.60 -15.25
C ALA E 593 -6.18 -38.16 -15.15
N ILE E 594 -5.24 -37.22 -15.05
CA ILE E 594 -5.53 -35.81 -14.91
C ILE E 594 -4.93 -35.08 -16.10
N ARG E 595 -5.75 -34.30 -16.79
CA ARG E 595 -5.30 -33.45 -17.90
C ARG E 595 -5.45 -32.00 -17.46
N LEU E 596 -4.33 -31.30 -17.35
CA LEU E 596 -4.31 -29.95 -16.78
C LEU E 596 -3.49 -29.02 -17.66
N ASP E 597 -3.80 -27.73 -17.54
CA ASP E 597 -3.06 -26.70 -18.26
C ASP E 597 -1.86 -26.24 -17.43
N LYS E 598 -0.80 -25.85 -18.12
CA LYS E 598 0.46 -25.47 -17.43
C LYS E 598 0.20 -24.29 -16.48
N GLU E 599 -0.78 -23.45 -16.80
CA GLU E 599 -1.13 -22.30 -15.92
C GLU E 599 -1.69 -22.81 -14.59
N ARG E 600 -2.50 -23.87 -14.61
CA ARG E 600 -3.06 -24.45 -13.36
C ARG E 600 -1.96 -25.25 -12.65
N CYS E 601 -1.08 -25.92 -13.39
CA CYS E 601 0.04 -26.65 -12.84
C CYS E 601 1.01 -25.74 -12.08
N GLN E 602 1.28 -24.55 -12.64
CA GLN E 602 2.14 -23.59 -11.95
C GLN E 602 1.50 -23.11 -10.65
N ARG E 603 0.18 -22.90 -10.66
CA ARG E 603 -0.50 -22.55 -9.42
C ARG E 603 -0.33 -23.67 -8.39
N ILE E 604 -0.44 -24.92 -8.82
CA ILE E 604 -0.24 -26.05 -7.91
C ILE E 604 1.19 -26.02 -7.35
N VAL E 605 2.17 -25.70 -8.20
CA VAL E 605 3.55 -25.62 -7.74
C VAL E 605 3.69 -24.55 -6.67
N SER E 606 3.06 -23.39 -6.88
CA SER E 606 3.19 -22.30 -5.92
C SER E 606 2.36 -22.54 -4.67
N SER E 607 1.41 -23.48 -4.71
CA SER E 607 0.42 -23.72 -3.66
C SER E 607 0.91 -23.79 -2.21
N PRO E 608 2.11 -24.30 -1.90
CA PRO E 608 2.53 -24.26 -0.48
C PRO E 608 2.56 -22.87 0.12
N GLY E 609 3.00 -21.87 -0.66
CA GLY E 609 2.98 -20.51 -0.15
C GLY E 609 1.58 -20.01 0.11
N LEU E 610 0.65 -20.30 -0.80
CA LEU E 610 -0.75 -19.92 -0.60
C LEU E 610 -1.31 -20.59 0.64
N PHE E 611 -1.00 -21.87 0.83
CA PHE E 611 -1.51 -22.62 1.97
C PHE E 611 -0.99 -22.02 3.29
N LEU E 612 0.32 -21.79 3.36
CA LEU E 612 0.89 -21.24 4.59
C LEU E 612 0.34 -19.84 4.88
N THR E 613 0.25 -19.01 3.84
CA THR E 613 -0.28 -17.66 4.03
C THR E 613 -1.71 -17.70 4.54
N THR E 614 -2.55 -18.54 3.91
CA THR E 614 -3.95 -18.63 4.29
C THR E 614 -4.09 -19.12 5.72
N CYS E 615 -3.35 -20.16 6.09
CA CYS E 615 -3.44 -20.71 7.44
C CYS E 615 -3.03 -19.66 8.46
N LEU E 616 -1.92 -18.96 8.22
CA LEU E 616 -1.45 -17.99 9.19
C LEU E 616 -2.39 -16.79 9.30
N LEU E 617 -2.94 -16.35 8.16
CA LEU E 617 -3.91 -15.27 8.19
C LEU E 617 -5.15 -15.66 9.00
N PHE E 618 -5.67 -16.86 8.78
CA PHE E 618 -6.89 -17.25 9.48
C PHE E 618 -6.64 -17.50 10.96
N LYS E 619 -5.46 -18.00 11.31
CA LYS E 619 -5.17 -18.32 12.70
C LYS E 619 -4.65 -17.14 13.50
N HIS E 620 -4.16 -16.10 12.83
CA HIS E 620 -3.46 -15.01 13.51
C HIS E 620 -4.30 -14.36 14.59
N ASP E 621 -3.73 -14.30 15.80
CA ASP E 621 -4.33 -13.58 16.93
C ASP E 621 -5.73 -14.09 17.26
N ASN E 622 -5.91 -15.41 17.24
CA ASN E 622 -7.18 -16.03 17.58
C ASN E 622 -6.92 -17.38 18.22
N PRO E 623 -7.01 -17.46 19.56
CA PRO E 623 -6.83 -18.76 20.23
C PRO E 623 -8.07 -19.63 20.23
N THR E 624 -9.21 -19.12 19.77
CA THR E 624 -10.45 -19.90 19.76
C THR E 624 -10.60 -20.76 18.51
N LEU E 625 -9.67 -20.66 17.57
CA LEU E 625 -9.72 -21.44 16.33
C LEU E 625 -8.77 -22.63 16.44
N VAL E 626 -9.09 -23.69 15.73
CA VAL E 626 -8.28 -24.90 15.73
C VAL E 626 -7.43 -24.95 14.46
N MET E 627 -6.12 -25.11 14.65
CA MET E 627 -5.21 -25.15 13.51
C MET E 627 -5.54 -26.30 12.57
N SER E 628 -6.00 -27.43 13.12
CA SER E 628 -6.37 -28.56 12.27
C SER E 628 -7.54 -28.20 11.35
N ASP E 629 -8.57 -27.54 11.89
CA ASP E 629 -9.69 -27.11 11.06
C ASP E 629 -9.24 -26.10 10.00
N ILE E 630 -8.40 -25.15 10.40
CA ILE E 630 -7.95 -24.14 9.45
C ILE E 630 -7.17 -24.78 8.31
N MET E 631 -6.26 -25.70 8.62
CA MET E 631 -5.51 -26.36 7.55
C MET E 631 -6.40 -27.26 6.72
N ASN E 632 -7.43 -27.86 7.33
CA ASN E 632 -8.35 -28.77 6.60
C ASN E 632 -9.13 -27.96 5.57
N PHE E 633 -9.45 -26.71 5.89
CA PHE E 633 -10.09 -25.83 4.92
C PHE E 633 -9.09 -25.32 3.88
N SER E 634 -7.88 -24.94 4.34
CA SER E 634 -6.93 -24.27 3.46
C SER E 634 -6.33 -25.22 2.44
N ILE E 635 -6.17 -26.49 2.79
CA ILE E 635 -5.62 -27.45 1.84
C ILE E 635 -6.52 -27.62 0.64
N TYR E 636 -7.80 -27.30 0.78
CA TYR E 636 -8.72 -27.53 -0.36
C TYR E 636 -8.85 -26.25 -1.17
N THR E 637 -8.95 -25.09 -0.51
CA THR E 637 -9.04 -23.77 -1.21
C THR E 637 -7.73 -23.44 -1.94
N SER E 638 -6.58 -23.73 -1.34
CA SER E 638 -5.26 -23.45 -1.96
C SER E 638 -5.04 -24.27 -3.22
N LEU E 639 -5.49 -25.54 -3.24
CA LEU E 639 -5.23 -26.45 -4.38
C LEU E 639 -6.44 -26.46 -5.33
N SER E 640 -7.41 -25.58 -5.11
CA SER E 640 -8.58 -25.47 -6.02
C SER E 640 -8.17 -24.76 -7.31
N ILE E 641 -8.27 -25.45 -8.45
CA ILE E 641 -7.94 -24.87 -9.73
C ILE E 641 -9.11 -24.95 -10.70
N THR E 642 -10.32 -25.10 -10.18
CA THR E 642 -11.52 -25.24 -10.99
C THR E 642 -12.52 -24.14 -10.67
N LYS E 643 -13.53 -24.02 -11.51
CA LYS E 643 -14.51 -22.95 -11.40
C LYS E 643 -15.59 -23.24 -10.35
N SER E 644 -15.59 -24.44 -9.77
CA SER E 644 -16.58 -24.79 -8.77
C SER E 644 -16.45 -23.90 -7.53
N VAL E 645 -15.22 -23.70 -7.06
CA VAL E 645 -15.01 -22.84 -5.89
C VAL E 645 -15.08 -21.38 -6.30
N LEU E 646 -14.81 -21.07 -7.57
CA LEU E 646 -14.97 -19.71 -8.07
C LEU E 646 -16.42 -19.28 -7.97
N SER E 647 -17.35 -20.18 -8.26
CA SER E 647 -18.77 -19.84 -8.19
C SER E 647 -19.25 -19.58 -6.76
N LEU E 648 -18.44 -19.89 -5.75
CA LEU E 648 -18.82 -19.70 -4.36
C LEU E 648 -18.05 -18.60 -3.65
N THR E 649 -16.77 -18.41 -3.95
CA THR E 649 -15.95 -17.48 -3.18
C THR E 649 -16.46 -16.05 -3.28
N GLU E 650 -16.88 -15.63 -4.46
CA GLU E 650 -17.17 -14.23 -4.73
C GLU E 650 -18.59 -13.86 -4.30
N PRO E 651 -19.63 -14.65 -4.61
CA PRO E 651 -20.98 -14.33 -4.11
C PRO E 651 -21.12 -14.37 -2.60
N ALA E 652 -20.20 -15.06 -1.91
CA ALA E 652 -20.30 -15.15 -0.46
C ALA E 652 -20.23 -13.78 0.19
N ARG E 653 -19.42 -12.88 -0.37
CA ARG E 653 -19.36 -11.50 0.12
C ARG E 653 -20.75 -10.90 0.17
N TYR E 654 -21.44 -10.91 -0.97
CA TYR E 654 -22.75 -10.28 -1.03
C TYR E 654 -23.74 -10.96 -0.10
N MET E 655 -23.77 -12.29 -0.10
CA MET E 655 -24.73 -12.98 0.75
C MET E 655 -24.52 -12.62 2.22
N ILE E 656 -23.32 -12.90 2.74
CA ILE E 656 -23.08 -12.72 4.21
C ILE E 656 -23.12 -11.24 4.60
N MET E 657 -22.49 -10.36 3.82
CA MET E 657 -22.44 -8.91 4.19
C MET E 657 -23.85 -8.32 4.18
N ASN E 658 -24.66 -8.68 3.20
CA ASN E 658 -26.06 -8.17 3.15
C ASN E 658 -26.82 -8.66 4.38
N SER E 659 -26.60 -9.91 4.78
CA SER E 659 -27.32 -10.47 5.95
C SER E 659 -26.96 -9.70 7.22
N LEU E 660 -25.69 -9.36 7.39
CA LEU E 660 -25.23 -8.59 8.58
C LEU E 660 -25.76 -7.16 8.48
N ALA E 661 -26.02 -6.67 7.28
CA ALA E 661 -26.39 -5.25 7.08
C ALA E 661 -27.74 -4.87 7.70
N ILE E 662 -27.99 -3.57 7.79
CA ILE E 662 -29.27 -3.05 8.30
C ILE E 662 -30.37 -3.24 7.28
N SER E 663 -30.10 -2.87 6.03
CA SER E 663 -31.08 -3.00 4.95
C SER E 663 -30.39 -3.52 3.72
N SER E 664 -30.93 -4.59 3.16
CA SER E 664 -30.31 -5.23 1.98
C SER E 664 -31.34 -6.16 1.36
N ASN E 665 -31.25 -6.38 0.06
CA ASN E 665 -32.17 -7.31 -0.65
C ASN E 665 -31.45 -8.64 -0.84
N VAL E 666 -31.08 -9.30 0.25
CA VAL E 666 -30.37 -10.56 0.20
C VAL E 666 -31.24 -11.66 -0.40
N LYS E 667 -32.56 -11.63 -0.13
CA LYS E 667 -33.44 -12.63 -0.69
C LYS E 667 -33.41 -12.61 -2.20
N ASP E 668 -33.47 -11.41 -2.79
CA ASP E 668 -33.50 -11.27 -4.27
C ASP E 668 -32.12 -11.59 -4.82
N TYR E 669 -31.06 -11.27 -4.08
CA TYR E 669 -29.73 -11.65 -4.55
C TYR E 669 -29.61 -13.16 -4.63
N ILE E 670 -29.99 -13.88 -3.57
CA ILE E 670 -29.88 -15.34 -3.58
C ILE E 670 -30.77 -15.93 -4.67
N ALA E 671 -31.99 -15.41 -4.81
CA ALA E 671 -32.93 -16.00 -5.75
C ALA E 671 -32.48 -15.81 -7.19
N GLU E 672 -31.91 -14.65 -7.53
CA GLU E 672 -31.70 -14.31 -8.93
C GLU E 672 -30.26 -14.33 -9.39
N LYS E 673 -29.29 -14.27 -8.49
CA LYS E 673 -27.89 -14.17 -8.90
C LYS E 673 -27.02 -15.30 -8.39
N PHE E 674 -27.19 -15.73 -7.14
CA PHE E 674 -26.36 -16.79 -6.60
C PHE E 674 -26.62 -18.09 -7.35
N SER E 675 -25.58 -18.60 -8.00
CA SER E 675 -25.66 -19.82 -8.79
C SER E 675 -24.50 -20.73 -8.42
N PRO E 676 -24.63 -21.51 -7.35
CA PRO E 676 -23.54 -22.42 -6.96
C PRO E 676 -23.28 -23.45 -8.05
N TYR E 677 -22.01 -23.77 -8.24
CA TYR E 677 -21.58 -24.71 -9.27
C TYR E 677 -20.82 -25.84 -8.56
N THR E 678 -21.57 -26.81 -8.06
CA THR E 678 -21.02 -27.80 -7.14
C THR E 678 -20.70 -29.08 -7.91
N LYS E 679 -19.54 -29.09 -8.58
CA LYS E 679 -19.03 -30.31 -9.21
C LYS E 679 -18.18 -31.15 -8.27
N THR E 680 -17.87 -30.65 -7.08
CA THR E 680 -16.98 -31.33 -6.15
C THR E 680 -17.61 -31.38 -4.76
N LEU E 681 -17.21 -32.42 -4.01
CA LEU E 681 -17.67 -32.55 -2.64
C LEU E 681 -17.25 -31.36 -1.78
N PHE E 682 -16.06 -30.82 -2.02
CA PHE E 682 -15.65 -29.63 -1.29
C PHE E 682 -16.56 -28.45 -1.63
N SER E 683 -16.98 -28.35 -2.88
CA SER E 683 -17.92 -27.30 -3.26
C SER E 683 -19.24 -27.46 -2.52
N VAL E 684 -19.72 -28.70 -2.40
CA VAL E 684 -20.95 -28.94 -1.64
C VAL E 684 -20.77 -28.52 -0.18
N TYR E 685 -19.64 -28.90 0.42
CA TYR E 685 -19.36 -28.56 1.80
C TYR E 685 -19.31 -27.05 2.01
N MET E 686 -18.63 -26.35 1.10
CA MET E 686 -18.50 -24.90 1.23
C MET E 686 -19.82 -24.20 0.97
N THR E 687 -20.66 -24.76 0.09
CA THR E 687 -22.01 -24.23 -0.07
C THR E 687 -22.79 -24.33 1.23
N ARG E 688 -22.70 -25.47 1.91
CA ARG E 688 -23.37 -25.60 3.21
C ARG E 688 -22.81 -24.59 4.21
N LEU E 689 -21.48 -24.39 4.19
CA LEU E 689 -20.89 -23.42 5.10
C LEU E 689 -21.42 -22.02 4.85
N ILE E 690 -21.54 -21.62 3.58
CA ILE E 690 -22.07 -20.31 3.25
C ILE E 690 -23.53 -20.20 3.66
N LYS E 691 -24.31 -21.25 3.41
CA LYS E 691 -25.72 -21.23 3.80
C LYS E 691 -25.89 -21.04 5.30
N ASN E 692 -25.11 -21.77 6.10
CA ASN E 692 -25.18 -21.59 7.55
C ASN E 692 -24.71 -20.20 7.96
N ALA E 693 -23.66 -19.71 7.30
CA ALA E 693 -23.12 -18.39 7.62
C ALA E 693 -24.13 -17.28 7.38
N CYS E 694 -25.01 -17.43 6.39
CA CYS E 694 -26.02 -16.40 6.15
C CYS E 694 -26.94 -16.25 7.36
N PHE E 695 -27.50 -17.37 7.85
CA PHE E 695 -28.38 -17.32 9.01
C PHE E 695 -27.63 -16.82 10.24
N ASP E 696 -26.39 -17.30 10.44
CA ASP E 696 -25.62 -16.84 11.59
C ASP E 696 -25.37 -15.34 11.52
N ALA E 697 -25.04 -14.82 10.33
CA ALA E 697 -24.76 -13.40 10.17
C ALA E 697 -26.00 -12.57 10.45
N TYR E 698 -27.17 -13.05 10.03
CA TYR E 698 -28.39 -12.35 10.43
C TYR E 698 -28.54 -12.37 11.95
N ASP E 699 -28.25 -13.51 12.59
CA ASP E 699 -28.46 -13.63 14.03
C ASP E 699 -27.52 -12.73 14.83
N GLN E 700 -26.30 -12.47 14.32
CA GLN E 700 -25.26 -11.89 15.14
C GLN E 700 -24.90 -10.46 14.74
N ARG E 701 -25.77 -9.75 14.03
CA ARG E 701 -25.42 -8.41 13.58
C ARG E 701 -25.41 -7.42 14.73
N GLN E 702 -26.08 -7.76 15.84
CA GLN E 702 -26.17 -6.82 16.95
C GLN E 702 -24.95 -6.86 17.86
N ARG E 703 -24.07 -7.85 17.71
CA ARG E 703 -22.92 -7.94 18.59
C ARG E 703 -21.77 -7.04 18.15
N VAL E 704 -21.97 -6.22 17.12
CA VAL E 704 -20.96 -5.24 16.75
C VAL E 704 -21.01 -4.07 17.73
N GLN E 705 -19.84 -3.71 18.27
CA GLN E 705 -19.74 -2.63 19.25
C GLN E 705 -18.58 -1.73 18.89
N LEU E 706 -18.67 -0.48 19.33
CA LEU E 706 -17.71 0.56 18.97
C LEU E 706 -16.79 0.86 20.14
N ARG E 707 -15.56 1.25 19.81
CA ARG E 707 -14.61 1.69 20.83
C ARG E 707 -15.04 3.03 21.41
N ASP E 708 -14.55 3.33 22.61
CA ASP E 708 -14.78 4.63 23.21
C ASP E 708 -13.97 5.70 22.49
N ILE E 709 -14.64 6.64 21.83
CA ILE E 709 -13.95 7.68 21.09
C ILE E 709 -13.26 8.62 22.07
N TYR E 710 -12.01 8.96 21.79
CA TYR E 710 -11.27 9.96 22.55
C TYR E 710 -11.06 11.17 21.66
N LEU E 711 -11.77 12.26 21.96
CA LEU E 711 -11.72 13.47 21.18
C LEU E 711 -10.88 14.52 21.90
N SER E 712 -9.82 14.98 21.24
CA SER E 712 -8.99 16.05 21.76
C SER E 712 -9.38 17.42 21.23
N ASP E 713 -10.45 17.50 20.44
CA ASP E 713 -10.96 18.67 19.75
C ASP E 713 -10.02 19.12 18.63
N TYR E 714 -8.87 18.48 18.47
CA TYR E 714 -7.97 18.73 17.36
C TYR E 714 -7.69 17.50 16.51
N ASP E 715 -7.83 16.31 17.10
CA ASP E 715 -7.65 15.05 16.38
C ASP E 715 -8.41 13.97 17.13
N ILE E 716 -8.66 12.86 16.46
CA ILE E 716 -9.38 11.72 17.03
C ILE E 716 -8.39 10.59 17.26
N THR E 717 -8.35 10.10 18.50
CA THR E 717 -7.57 8.94 18.85
C THR E 717 -8.47 7.93 19.54
N GLN E 718 -8.08 6.66 19.48
CA GLN E 718 -8.86 5.56 20.04
C GLN E 718 -10.27 5.54 19.46
N LYS E 719 -10.34 5.30 18.15
CA LYS E 719 -11.59 5.20 17.41
C LYS E 719 -11.67 3.83 16.76
N GLY E 720 -12.89 3.42 16.42
CA GLY E 720 -13.05 2.18 15.69
C GLY E 720 -14.11 1.25 16.25
N ILE E 721 -13.90 -0.06 16.08
CA ILE E 721 -14.84 -1.08 16.49
C ILE E 721 -14.15 -2.01 17.48
N LYS E 722 -14.85 -2.34 18.56
CA LYS E 722 -14.26 -3.11 19.65
C LYS E 722 -13.73 -4.45 19.17
N ASP E 723 -12.70 -4.95 19.86
CA ASP E 723 -12.14 -6.26 19.58
C ASP E 723 -12.62 -7.24 20.65
N ASN E 724 -13.82 -7.77 20.42
CA ASN E 724 -14.38 -8.83 21.25
C ASN E 724 -14.77 -10.00 20.35
N ARG E 725 -14.28 -11.19 20.68
CA ARG E 725 -14.49 -12.37 19.85
C ARG E 725 -15.87 -12.96 20.19
N GLU E 726 -16.90 -12.35 19.63
CA GLU E 726 -18.26 -12.81 19.84
C GLU E 726 -18.94 -13.28 18.56
N LEU E 727 -18.49 -12.82 17.39
CA LEU E 727 -19.07 -13.29 16.14
C LEU E 727 -18.59 -14.71 15.84
N THR E 728 -19.49 -15.53 15.32
CA THR E 728 -19.16 -16.90 14.99
C THR E 728 -18.38 -16.95 13.69
N SER E 729 -17.38 -17.84 13.65
CA SER E 729 -16.57 -18.00 12.45
C SER E 729 -17.38 -18.70 11.35
N ILE E 730 -16.92 -18.53 10.12
CA ILE E 730 -17.69 -18.96 8.96
C ILE E 730 -17.26 -20.33 8.47
N TRP E 731 -16.00 -20.45 8.06
CA TRP E 731 -15.56 -21.66 7.36
C TRP E 731 -15.20 -22.80 8.31
N PHE E 732 -15.15 -22.54 9.61
CA PHE E 732 -14.62 -23.47 10.59
C PHE E 732 -14.94 -22.98 11.99
N PRO E 733 -15.15 -23.89 12.94
CA PRO E 733 -15.70 -23.50 14.24
C PRO E 733 -14.77 -22.57 15.02
N GLY E 734 -15.37 -21.68 15.78
CA GLY E 734 -14.63 -20.75 16.60
C GLY E 734 -15.38 -19.43 16.73
N SER E 735 -14.69 -18.47 17.35
CA SER E 735 -15.21 -17.12 17.50
C SER E 735 -14.21 -16.13 16.94
N VAL E 736 -14.71 -15.06 16.32
CA VAL E 736 -13.87 -14.08 15.66
C VAL E 736 -14.32 -12.68 16.07
N THR E 737 -13.41 -11.72 15.88
CA THR E 737 -13.69 -10.31 16.00
C THR E 737 -14.36 -9.85 14.70
N LEU E 738 -14.85 -8.60 14.66
CA LEU E 738 -15.46 -8.11 13.44
C LEU E 738 -14.46 -7.99 12.30
N LYS E 739 -13.23 -7.57 12.61
CA LYS E 739 -12.20 -7.50 11.57
C LYS E 739 -11.88 -8.87 11.01
N GLU E 740 -11.77 -9.88 11.88
CA GLU E 740 -11.51 -11.23 11.42
C GLU E 740 -12.70 -11.78 10.64
N TYR E 741 -13.91 -11.40 11.04
CA TYR E 741 -15.11 -11.78 10.30
C TYR E 741 -15.09 -11.19 8.89
N LEU E 742 -14.75 -9.92 8.77
CA LEU E 742 -14.67 -9.29 7.46
C LEU E 742 -13.57 -9.93 6.62
N THR E 743 -12.44 -10.27 7.24
CA THR E 743 -11.39 -10.99 6.52
C THR E 743 -11.90 -12.33 6.01
N GLN E 744 -12.61 -13.07 6.86
CA GLN E 744 -13.13 -14.38 6.44
C GLN E 744 -14.16 -14.22 5.33
N ILE E 745 -14.87 -13.10 5.31
CA ILE E 745 -15.83 -12.86 4.23
C ILE E 745 -15.10 -12.55 2.92
N TYR E 746 -14.09 -11.67 2.98
CA TYR E 746 -13.57 -11.05 1.76
C TYR E 746 -12.32 -11.72 1.20
N LEU E 747 -11.49 -12.33 2.02
CA LEU E 747 -10.27 -13.00 1.56
C LEU E 747 -10.54 -14.16 0.59
N PRO E 748 -11.56 -15.01 0.81
CA PRO E 748 -11.75 -16.14 -0.11
C PRO E 748 -11.86 -15.77 -1.58
N PHE E 749 -12.31 -14.55 -1.90
CA PHE E 749 -12.36 -14.14 -3.30
C PHE E 749 -10.98 -14.18 -3.96
N TYR E 750 -9.94 -13.97 -3.18
CA TYR E 750 -8.57 -13.96 -3.69
C TYR E 750 -7.94 -15.34 -3.73
N PHE E 751 -8.65 -16.36 -3.27
CA PHE E 751 -8.21 -17.73 -3.50
C PHE E 751 -8.41 -18.17 -4.93
N ASN E 752 -9.20 -17.42 -5.71
CA ASN E 752 -9.47 -17.77 -7.09
C ASN E 752 -8.23 -17.55 -7.95
N ALA E 753 -8.20 -18.22 -9.10
CA ALA E 753 -7.08 -18.14 -10.03
C ALA E 753 -7.54 -17.48 -11.31
N LYS E 754 -6.76 -16.50 -11.78
CA LYS E 754 -7.05 -15.85 -13.04
C LYS E 754 -6.78 -16.78 -14.20
N GLY E 755 -7.52 -16.58 -15.29
CA GLY E 755 -7.31 -17.36 -16.50
C GLY E 755 -7.86 -18.76 -16.46
N LEU E 756 -8.80 -19.06 -15.57
CA LEU E 756 -9.42 -20.37 -15.53
C LEU E 756 -10.44 -20.58 -16.65
N HIS E 757 -10.80 -19.53 -17.37
CA HIS E 757 -11.87 -19.61 -18.35
C HIS E 757 -11.35 -20.20 -19.67
N GLU E 758 -12.30 -20.63 -20.49
CA GLU E 758 -12.01 -21.18 -21.82
C GLU E 758 -12.54 -20.23 -22.89
N LYS E 759 -11.69 -19.91 -23.86
CA LYS E 759 -12.00 -18.85 -24.82
C LYS E 759 -13.27 -19.14 -25.58
N HIS E 760 -13.45 -20.39 -26.04
CA HIS E 760 -14.65 -20.78 -26.77
C HIS E 760 -15.92 -20.36 -26.03
N HIS E 761 -16.12 -20.92 -24.84
CA HIS E 761 -17.33 -20.68 -24.10
C HIS E 761 -17.45 -19.21 -23.69
N VAL E 762 -16.36 -18.59 -23.25
CA VAL E 762 -16.49 -17.24 -22.73
C VAL E 762 -16.82 -16.26 -23.85
N MET E 763 -16.24 -16.45 -25.04
CA MET E 763 -16.65 -15.63 -26.18
C MET E 763 -18.13 -15.80 -26.47
N VAL E 764 -18.61 -17.05 -26.44
CA VAL E 764 -20.03 -17.25 -26.71
C VAL E 764 -20.90 -16.51 -25.68
N ASP E 765 -20.58 -16.66 -24.39
CA ASP E 765 -21.41 -16.03 -23.35
C ASP E 765 -21.32 -14.51 -23.40
N LEU E 766 -20.12 -13.96 -23.62
CA LEU E 766 -19.99 -12.50 -23.67
C LEU E 766 -20.75 -11.92 -24.86
N ALA E 767 -20.65 -12.57 -26.03
CA ALA E 767 -21.44 -12.13 -27.17
C ALA E 767 -22.93 -12.22 -26.87
N LYS E 768 -23.35 -13.29 -26.20
CA LYS E 768 -24.76 -13.45 -25.86
C LYS E 768 -25.23 -12.29 -24.98
N THR E 769 -24.46 -11.96 -23.95
CA THR E 769 -24.88 -10.89 -23.04
C THR E 769 -24.96 -9.55 -23.77
N ILE E 770 -23.94 -9.22 -24.56
CA ILE E 770 -23.95 -7.94 -25.27
C ILE E 770 -25.14 -7.86 -26.22
N LEU E 771 -25.36 -8.93 -27.00
CA LEU E 771 -26.42 -8.90 -27.99
C LEU E 771 -27.80 -8.93 -27.33
N GLU E 772 -27.93 -9.61 -26.20
CA GLU E 772 -29.21 -9.59 -25.49
C GLU E 772 -29.53 -8.20 -24.98
N ILE E 773 -28.54 -7.51 -24.41
CA ILE E 773 -28.78 -6.14 -23.96
C ILE E 773 -29.16 -5.25 -25.15
N GLU E 774 -28.46 -5.42 -26.27
CA GLU E 774 -28.77 -4.61 -27.45
C GLU E 774 -30.19 -4.88 -27.97
N CYS E 775 -30.59 -6.15 -28.02
CA CYS E 775 -31.91 -6.49 -28.52
C CYS E 775 -33.01 -5.98 -27.58
N GLU E 776 -32.79 -6.10 -26.27
CA GLU E 776 -33.77 -5.57 -25.32
C GLU E 776 -33.90 -4.06 -25.45
N GLN E 777 -32.77 -3.38 -25.64
CA GLN E 777 -32.84 -1.92 -25.85
C GLN E 777 -33.55 -1.59 -27.15
N ARG E 778 -33.33 -2.38 -28.20
CA ARG E 778 -34.00 -2.11 -29.47
C ARG E 778 -35.50 -2.27 -29.35
N GLU E 779 -35.95 -3.32 -28.67
CA GLU E 779 -37.39 -3.60 -28.60
C GLU E 779 -38.07 -2.75 -27.54
N ASN E 780 -37.69 -2.93 -26.26
CA ASN E 780 -38.45 -2.38 -25.16
C ASN E 780 -38.23 -0.87 -25.02
N ILE E 781 -36.99 -0.41 -25.14
CA ILE E 781 -36.63 0.95 -24.78
C ILE E 781 -36.89 1.87 -25.97
N LYS E 782 -37.86 2.78 -25.81
CA LYS E 782 -38.18 3.76 -26.84
C LYS E 782 -38.25 5.19 -26.33
N GLU E 783 -38.31 5.40 -25.01
CA GLU E 783 -38.47 6.73 -24.44
C GLU E 783 -37.16 7.15 -23.78
N ILE E 784 -36.74 8.39 -24.03
CA ILE E 784 -35.47 8.88 -23.50
C ILE E 784 -35.69 9.77 -22.28
N TRP E 785 -36.80 10.51 -22.23
CA TRP E 785 -37.08 11.42 -21.13
C TRP E 785 -38.41 11.04 -20.48
N SER E 786 -38.41 10.98 -19.15
CA SER E 786 -39.61 10.69 -18.38
C SER E 786 -39.47 11.30 -17.00
N THR E 787 -40.58 11.36 -16.28
CA THR E 787 -40.62 11.96 -14.95
C THR E 787 -40.90 10.94 -13.86
N ASN E 788 -41.44 9.77 -14.20
CA ASN E 788 -41.81 8.77 -13.22
C ASN E 788 -40.72 7.74 -12.96
N CYS E 789 -39.45 8.10 -13.21
CA CYS E 789 -38.30 7.24 -12.93
C CYS E 789 -38.42 5.90 -13.65
N THR E 790 -38.74 5.95 -14.94
CA THR E 790 -38.77 4.74 -15.76
C THR E 790 -37.34 4.22 -15.94
N LYS E 791 -37.23 2.90 -16.12
CA LYS E 791 -35.93 2.29 -16.33
C LYS E 791 -35.29 2.81 -17.62
N GLN E 792 -33.97 3.03 -17.57
CA GLN E 792 -33.20 3.50 -18.71
C GLN E 792 -33.77 4.80 -19.28
N THR E 793 -34.06 5.75 -18.38
CA THR E 793 -34.63 7.02 -18.79
C THR E 793 -34.14 8.10 -17.83
N VAL E 794 -34.08 9.34 -18.32
CA VAL E 794 -33.53 10.47 -17.57
C VAL E 794 -34.57 11.56 -17.47
N ASN E 795 -34.70 12.14 -16.27
CA ASN E 795 -35.54 13.32 -16.08
C ASN E 795 -34.82 14.52 -16.67
N LEU E 796 -35.42 15.13 -17.70
CA LEU E 796 -34.71 16.15 -18.49
C LEU E 796 -34.48 17.42 -17.69
N LYS E 797 -35.54 17.94 -17.05
CA LYS E 797 -35.41 19.19 -16.33
C LYS E 797 -34.42 19.08 -15.18
N ILE E 798 -34.51 18.00 -14.40
CA ILE E 798 -33.60 17.82 -13.26
C ILE E 798 -32.17 17.66 -13.75
N LEU E 799 -31.98 16.89 -14.82
CA LEU E 799 -30.64 16.71 -15.39
C LEU E 799 -30.05 18.05 -15.79
N ILE E 800 -30.81 18.84 -16.55
CA ILE E 800 -30.28 20.11 -17.05
C ILE E 800 -29.98 21.06 -15.90
N HIS E 801 -30.89 21.16 -14.93
CA HIS E 801 -30.68 22.07 -13.81
C HIS E 801 -29.46 21.67 -13.00
N SER E 802 -29.31 20.38 -12.70
CA SER E 802 -28.17 19.93 -11.92
C SER E 802 -26.86 20.12 -12.68
N LEU E 803 -26.88 19.84 -13.98
CA LEU E 803 -25.68 20.08 -14.78
C LEU E 803 -25.30 21.56 -14.78
N CYS E 804 -26.29 22.44 -14.92
CA CYS E 804 -26.00 23.87 -14.89
C CYS E 804 -25.39 24.27 -13.55
N LYS E 805 -25.99 23.82 -12.45
CA LYS E 805 -25.49 24.20 -11.13
C LYS E 805 -24.06 23.70 -10.92
N ASN E 806 -23.82 22.43 -11.23
CA ASN E 806 -22.49 21.86 -10.99
C ASN E 806 -21.45 22.49 -11.91
N LEU E 807 -21.79 22.72 -13.17
CA LEU E 807 -20.85 23.36 -14.09
C LEU E 807 -20.53 24.78 -13.63
N LEU E 808 -21.55 25.53 -13.19
CA LEU E 808 -21.32 26.87 -12.67
C LEU E 808 -20.35 26.84 -11.50
N ALA E 809 -20.61 25.98 -10.51
CA ALA E 809 -19.74 25.92 -9.35
C ALA E 809 -18.32 25.54 -9.75
N ASP E 810 -18.18 24.50 -10.57
CA ASP E 810 -16.86 23.99 -10.91
C ASP E 810 -16.04 25.03 -11.68
N THR E 811 -16.65 25.67 -12.69
CA THR E 811 -15.88 26.61 -13.48
C THR E 811 -15.73 27.95 -12.79
N SER E 812 -16.54 28.22 -11.75
CA SER E 812 -16.28 29.38 -10.92
C SER E 812 -15.12 29.13 -9.97
N ARG E 813 -14.90 27.87 -9.58
CA ARG E 813 -13.82 27.57 -8.67
C ARG E 813 -12.45 27.94 -9.26
N HIS E 814 -12.24 27.64 -10.54
CA HIS E 814 -10.98 27.93 -11.22
C HIS E 814 -11.25 28.69 -12.50
N ASN E 815 -10.50 29.77 -12.74
CA ASN E 815 -10.73 30.65 -13.88
C ASN E 815 -9.95 30.25 -15.12
N HIS E 816 -8.93 29.41 -15.00
CA HIS E 816 -8.08 29.02 -16.13
C HIS E 816 -8.24 27.53 -16.42
N LEU E 817 -9.49 27.06 -16.41
CA LEU E 817 -9.74 25.63 -16.58
C LEU E 817 -9.29 25.15 -17.96
N ARG E 818 -9.60 25.93 -19.01
CA ARG E 818 -9.21 25.53 -20.36
C ARG E 818 -7.70 25.45 -20.50
N ASN E 819 -7.00 26.44 -19.96
CA ASN E 819 -5.53 26.42 -20.00
C ASN E 819 -4.98 25.24 -19.22
N ARG E 820 -5.60 24.93 -18.08
CA ARG E 820 -5.14 23.79 -17.30
C ARG E 820 -5.34 22.48 -18.06
N ILE E 821 -6.47 22.34 -18.73
CA ILE E 821 -6.72 21.16 -19.56
C ILE E 821 -5.65 21.02 -20.62
N GLU E 822 -5.41 22.10 -21.38
CA GLU E 822 -4.44 22.01 -22.48
C GLU E 822 -3.06 21.70 -21.91
N ASN E 823 -2.69 22.35 -20.80
CA ASN E 823 -1.34 22.17 -20.28
C ASN E 823 -1.13 20.75 -19.74
N ARG E 824 -2.08 20.24 -18.97
CA ARG E 824 -1.89 18.93 -18.34
C ARG E 824 -2.07 17.79 -19.33
N ASN E 825 -2.89 17.97 -20.36
CA ASN E 825 -3.17 16.89 -21.29
C ASN E 825 -2.40 17.02 -22.59
N ASN E 826 -1.41 17.92 -22.65
CA ASN E 826 -0.55 18.06 -23.81
C ASN E 826 -1.33 18.34 -25.08
N PHE E 827 -2.40 19.13 -24.97
CA PHE E 827 -3.21 19.45 -26.14
C PHE E 827 -2.42 20.24 -27.17
N ARG E 828 -1.59 21.17 -26.70
CA ARG E 828 -0.81 22.00 -27.61
C ARG E 828 0.44 21.30 -28.14
N ARG E 829 0.85 20.20 -27.52
CA ARG E 829 2.05 19.50 -27.93
C ARG E 829 1.71 18.45 -29.00
N SER E 830 2.74 17.76 -29.46
CA SER E 830 2.61 16.86 -30.60
C SER E 830 1.93 15.55 -30.22
N ILE E 831 1.51 14.81 -31.24
CA ILE E 831 0.91 13.49 -31.06
C ILE E 831 1.89 12.52 -30.43
N THR E 832 3.18 12.63 -30.74
CA THR E 832 4.15 11.62 -30.35
C THR E 832 4.58 11.73 -28.90
N THR E 833 4.13 12.74 -28.17
CA THR E 833 4.55 12.95 -26.79
C THR E 833 3.53 12.49 -25.76
N ILE E 834 2.48 11.78 -26.19
CA ILE E 834 1.43 11.32 -25.28
C ILE E 834 1.56 9.81 -25.14
N SER E 835 1.57 9.34 -23.89
CA SER E 835 1.85 7.93 -23.63
C SER E 835 0.76 7.03 -24.19
N THR E 836 -0.51 7.42 -24.04
CA THR E 836 -1.60 6.55 -24.47
C THR E 836 -1.64 6.39 -25.98
N PHE E 837 -0.98 7.29 -26.71
CA PHE E 837 -0.95 7.23 -28.17
C PHE E 837 0.31 6.59 -28.71
N THR E 838 1.29 6.28 -27.85
CA THR E 838 2.56 5.68 -28.28
C THR E 838 2.85 4.39 -27.53
N SER E 839 1.82 3.74 -26.98
CA SER E 839 2.02 2.56 -26.17
C SER E 839 2.13 1.32 -27.06
N SER E 840 2.39 0.18 -26.41
CA SER E 840 2.41 -1.11 -27.08
C SER E 840 1.11 -1.88 -26.90
N LYS E 841 0.06 -1.19 -26.46
CA LYS E 841 -1.24 -1.84 -26.33
C LYS E 841 -1.81 -2.12 -27.71
N SER E 842 -2.80 -3.01 -27.76
CA SER E 842 -3.42 -3.40 -29.00
C SER E 842 -4.45 -2.36 -29.44
N CYS E 843 -4.59 -2.23 -30.76
CA CYS E 843 -5.62 -1.39 -31.34
C CYS E 843 -6.13 -2.06 -32.60
N LEU E 844 -7.27 -1.59 -33.09
CA LEU E 844 -7.97 -2.21 -34.19
C LEU E 844 -7.68 -1.45 -35.48
N LYS E 845 -7.39 -2.19 -36.55
CA LYS E 845 -7.15 -1.62 -37.87
C LYS E 845 -8.16 -2.20 -38.85
N ILE E 846 -8.87 -1.33 -39.57
CA ILE E 846 -9.96 -1.72 -40.46
C ILE E 846 -9.51 -1.53 -41.90
N GLY E 847 -9.72 -2.54 -42.72
CA GLY E 847 -9.29 -2.49 -44.10
C GLY E 847 -9.11 -3.90 -44.65
N ASP E 848 -8.56 -3.97 -45.85
CA ASP E 848 -8.34 -5.24 -46.52
C ASP E 848 -7.01 -5.83 -46.01
N PHE E 849 -7.11 -6.87 -45.19
CA PHE E 849 -5.95 -7.55 -44.63
C PHE E 849 -6.05 -9.06 -44.82
N ARG E 850 -6.68 -9.50 -45.90
CA ARG E 850 -6.87 -10.94 -46.12
C ARG E 850 -5.53 -11.66 -46.26
N LYS E 851 -4.57 -11.02 -46.94
CA LYS E 851 -3.27 -11.69 -47.20
C LYS E 851 -2.56 -11.95 -45.87
N GLU E 852 -2.41 -10.91 -45.04
CA GLU E 852 -1.69 -11.06 -43.75
C GLU E 852 -2.44 -12.05 -42.86
N LYS E 853 -3.78 -11.98 -42.84
CA LYS E 853 -4.56 -12.85 -41.92
C LYS E 853 -4.36 -14.32 -42.31
N GLU E 854 -4.28 -14.63 -43.61
CA GLU E 854 -4.00 -16.03 -44.04
C GLU E 854 -2.65 -16.47 -43.46
N TYR E 893 -9.96 -18.95 -42.20
CA TYR E 893 -10.30 -17.57 -42.53
C TYR E 893 -10.85 -17.45 -43.94
N GLU E 894 -10.27 -18.24 -44.86
CA GLU E 894 -10.72 -18.21 -46.24
C GLU E 894 -12.17 -18.68 -46.37
N MET E 895 -12.51 -19.75 -45.65
CA MET E 895 -13.88 -20.25 -45.69
C MET E 895 -14.86 -19.23 -45.14
N LEU E 896 -14.50 -18.57 -44.03
CA LEU E 896 -15.38 -17.56 -43.45
C LEU E 896 -15.53 -16.36 -44.40
N ARG E 897 -14.43 -15.96 -45.04
CA ARG E 897 -14.50 -14.85 -45.98
C ARG E 897 -15.40 -15.18 -47.17
N ASN E 898 -15.31 -16.40 -47.67
CA ASN E 898 -16.11 -16.78 -48.83
C ASN E 898 -17.59 -16.96 -48.47
N ALA E 899 -17.86 -17.59 -47.33
CA ALA E 899 -19.23 -17.97 -46.99
C ALA E 899 -20.05 -16.82 -46.42
N MET E 900 -19.42 -15.74 -45.99
CA MET E 900 -20.18 -14.67 -45.36
C MET E 900 -19.91 -13.35 -46.08
N PRO E 901 -20.88 -12.85 -46.84
CA PRO E 901 -20.65 -11.66 -47.67
C PRO E 901 -20.28 -10.41 -46.89
N ASN E 902 -21.15 -9.98 -45.98
CA ASN E 902 -20.97 -8.72 -45.26
C ASN E 902 -19.96 -8.84 -44.12
N TYR E 903 -18.76 -9.30 -44.46
CA TYR E 903 -17.68 -9.44 -43.50
C TYR E 903 -16.82 -8.18 -43.53
N THR E 904 -16.71 -7.50 -42.39
CA THR E 904 -15.84 -6.33 -42.26
C THR E 904 -14.46 -6.83 -41.86
N ASP E 905 -13.53 -6.81 -42.82
CA ASP E 905 -12.20 -7.30 -42.56
C ASP E 905 -11.46 -6.36 -41.60
N TYR E 906 -10.77 -6.97 -40.64
CA TYR E 906 -10.09 -6.21 -39.60
C TYR E 906 -8.83 -6.96 -39.22
N ILE E 907 -7.91 -6.22 -38.59
CA ILE E 907 -6.69 -6.81 -38.03
C ILE E 907 -6.33 -6.03 -36.78
N SER E 908 -5.65 -6.71 -35.87
CA SER E 908 -5.19 -6.09 -34.64
C SER E 908 -3.72 -5.75 -34.76
N THR E 909 -3.35 -4.59 -34.24
CA THR E 909 -1.98 -4.11 -34.30
C THR E 909 -1.68 -3.29 -33.05
N LYS E 910 -0.42 -2.98 -32.84
CA LYS E 910 0.02 -2.22 -31.68
C LYS E 910 -0.21 -0.74 -31.91
N VAL E 911 -0.41 0.01 -30.81
CA VAL E 911 -0.70 1.42 -30.91
C VAL E 911 0.47 2.18 -31.52
N PHE E 912 1.70 1.89 -31.09
CA PHE E 912 2.85 2.60 -31.63
C PHE E 912 3.02 2.32 -33.12
N ASP E 913 2.79 1.09 -33.54
CA ASP E 913 2.89 0.76 -34.96
C ASP E 913 1.83 1.48 -35.76
N ARG E 914 0.61 1.57 -35.23
CA ARG E 914 -0.45 2.27 -35.94
C ARG E 914 -0.14 3.76 -36.05
N LEU E 915 0.42 4.35 -34.99
CA LEU E 915 0.85 5.74 -35.06
C LEU E 915 1.94 5.93 -36.10
N TYR E 916 2.90 5.01 -36.15
CA TYR E 916 3.96 5.09 -37.15
C TYR E 916 3.38 5.03 -38.56
N GLU E 917 2.42 4.13 -38.77
CA GLU E 917 1.80 4.01 -40.08
C GLU E 917 1.07 5.28 -40.47
N LEU E 918 0.29 5.84 -39.53
CA LEU E 918 -0.47 7.04 -39.84
C LEU E 918 0.45 8.23 -40.10
N LEU E 919 1.57 8.32 -39.37
CA LEU E 919 2.52 9.39 -39.62
C LEU E 919 3.21 9.22 -40.97
N ASP E 920 3.59 7.99 -41.31
CA ASP E 920 4.28 7.75 -42.58
C ASP E 920 3.36 8.00 -43.77
N LYS E 921 2.08 7.66 -43.64
CA LYS E 921 1.14 7.88 -44.74
C LYS E 921 0.58 9.29 -44.76
N LYS E 922 1.07 10.18 -43.90
CA LYS E 922 0.70 11.59 -43.81
C LYS E 922 -0.75 11.80 -43.38
N VAL E 923 -1.42 10.76 -42.88
CA VAL E 923 -2.75 10.95 -42.31
C VAL E 923 -2.65 11.83 -41.06
N LEU E 924 -1.58 11.68 -40.30
CA LEU E 924 -1.33 12.47 -39.11
C LEU E 924 -0.05 13.26 -39.29
N THR E 925 0.05 14.38 -38.58
CA THR E 925 1.21 15.24 -38.64
C THR E 925 1.71 15.51 -37.23
N ASP E 926 2.73 16.38 -37.13
CA ASP E 926 3.31 16.75 -35.84
C ASP E 926 2.74 18.06 -35.30
N LYS E 927 1.67 18.57 -35.89
CA LYS E 927 0.99 19.75 -35.39
C LYS E 927 0.44 19.48 -34.00
N PRO E 928 -0.07 20.51 -33.29
CA PRO E 928 -0.66 20.27 -31.97
C PRO E 928 -1.75 19.20 -32.03
N VAL E 929 -1.77 18.33 -31.03
CA VAL E 929 -2.60 17.13 -31.09
C VAL E 929 -4.09 17.44 -31.14
N ILE E 930 -4.54 18.52 -30.49
CA ILE E 930 -5.97 18.76 -30.39
C ILE E 930 -6.57 19.09 -31.76
N GLU E 931 -5.83 19.84 -32.58
CA GLU E 931 -6.32 20.18 -33.91
C GLU E 931 -6.50 18.93 -34.77
N GLN E 932 -5.53 18.02 -34.72
CA GLN E 932 -5.65 16.76 -35.44
C GLN E 932 -6.78 15.92 -34.88
N ILE E 933 -6.98 15.96 -33.56
CA ILE E 933 -8.05 15.20 -32.93
C ILE E 933 -9.40 15.68 -33.46
N MET E 934 -9.59 17.00 -33.57
CA MET E 934 -10.88 17.50 -34.06
C MET E 934 -11.04 17.25 -35.55
N ASP E 935 -9.95 17.32 -36.31
CA ASP E 935 -10.02 16.93 -37.71
C ASP E 935 -10.49 15.48 -37.84
N MET E 936 -9.97 14.60 -36.99
CA MET E 936 -10.43 13.21 -37.01
C MET E 936 -11.87 13.08 -36.51
N MET E 937 -12.27 13.95 -35.58
CA MET E 937 -13.68 13.97 -35.18
C MET E 937 -14.58 14.20 -36.37
N ILE E 938 -14.17 15.00 -37.34
CA ILE E 938 -15.05 15.15 -38.54
C ILE E 938 -14.81 13.98 -39.51
N ASP E 939 -13.56 13.66 -39.82
CA ASP E 939 -13.24 12.63 -40.84
C ASP E 939 -13.71 11.21 -40.48
N HIS E 940 -13.58 10.77 -39.23
CA HIS E 940 -13.92 9.35 -38.92
C HIS E 940 -15.42 9.17 -38.67
N LYS E 941 -16.21 9.04 -39.74
CA LYS E 941 -17.66 8.80 -39.62
C LYS E 941 -17.96 7.43 -39.01
N LYS E 942 -17.22 6.39 -39.36
CA LYS E 942 -17.56 5.03 -38.88
C LYS E 942 -16.65 4.57 -37.75
N PHE E 943 -17.23 4.14 -36.64
CA PHE E 943 -16.42 3.63 -35.50
C PHE E 943 -16.62 2.12 -35.39
N TYR E 944 -15.53 1.36 -35.30
CA TYR E 944 -15.59 -0.09 -35.20
C TYR E 944 -14.90 -0.53 -33.92
N PHE E 945 -15.51 -1.51 -33.25
CA PHE E 945 -14.94 -2.08 -32.03
C PHE E 945 -14.99 -3.59 -32.11
N THR E 946 -14.05 -4.23 -31.43
CA THR E 946 -14.06 -5.66 -31.21
C THR E 946 -13.92 -5.91 -29.71
N PHE E 947 -14.17 -7.13 -29.29
CA PHE E 947 -14.12 -7.47 -27.88
C PHE E 947 -13.38 -8.78 -27.66
N PHE E 948 -12.82 -8.91 -26.46
CA PHE E 948 -12.18 -10.14 -26.02
C PHE E 948 -12.40 -10.28 -24.53
N ASN E 949 -12.17 -11.49 -24.02
CA ASN E 949 -12.43 -11.76 -22.61
C ASN E 949 -11.26 -11.34 -21.75
N LYS E 950 -11.58 -10.73 -20.60
CA LYS E 950 -10.55 -10.30 -19.66
C LYS E 950 -9.81 -11.48 -19.05
N GLY E 951 -10.49 -12.60 -18.81
CA GLY E 951 -9.89 -13.71 -18.11
C GLY E 951 -9.61 -13.40 -16.66
N GLN E 952 -10.56 -12.75 -16.00
CA GLN E 952 -10.42 -12.36 -14.61
C GLN E 952 -10.71 -13.56 -13.70
N LYS E 953 -10.68 -13.33 -12.39
CA LYS E 953 -10.84 -14.39 -11.40
C LYS E 953 -12.28 -14.55 -10.95
N THR E 954 -13.23 -13.83 -11.54
CA THR E 954 -14.62 -13.95 -11.14
C THR E 954 -15.29 -15.14 -11.81
N SER E 955 -16.47 -15.49 -11.31
CA SER E 955 -17.18 -16.67 -11.81
C SER E 955 -17.55 -16.52 -13.28
N LYS E 956 -17.97 -15.32 -13.67
CA LYS E 956 -18.28 -15.00 -15.06
C LYS E 956 -17.27 -13.98 -15.55
N ASP E 957 -16.73 -14.19 -16.75
CA ASP E 957 -15.70 -13.31 -17.28
C ASP E 957 -16.29 -11.95 -17.64
N ARG E 958 -15.42 -10.98 -17.84
CA ARG E 958 -15.80 -9.62 -18.20
C ARG E 958 -15.35 -9.32 -19.61
N GLU E 959 -16.25 -8.73 -20.39
CA GLU E 959 -15.93 -8.40 -21.78
C GLU E 959 -15.11 -7.12 -21.84
N ILE E 960 -14.08 -7.14 -22.68
CA ILE E 960 -13.15 -6.02 -22.84
C ILE E 960 -13.15 -5.63 -24.31
N PHE E 961 -13.32 -4.34 -24.57
CA PHE E 961 -13.51 -3.83 -25.92
C PHE E 961 -12.26 -3.10 -26.42
N VAL E 962 -11.88 -3.39 -27.65
CA VAL E 962 -10.73 -2.77 -28.28
C VAL E 962 -11.22 -1.91 -29.44
N GLY E 963 -10.69 -0.69 -29.52
CA GLY E 963 -11.10 0.24 -30.54
C GLY E 963 -9.95 0.62 -31.44
N GLU E 964 -10.25 1.48 -32.41
CA GLU E 964 -9.23 1.92 -33.34
C GLU E 964 -8.62 3.25 -32.89
N TYR E 965 -7.58 3.66 -33.61
CA TYR E 965 -6.75 4.79 -33.19
C TYR E 965 -7.54 6.09 -33.15
N GLU E 966 -8.34 6.36 -34.18
CA GLU E 966 -9.09 7.60 -34.24
C GLU E 966 -10.10 7.68 -33.09
N ALA E 967 -10.78 6.57 -32.81
CA ALA E 967 -11.67 6.53 -31.67
C ALA E 967 -10.91 6.78 -30.37
N LYS E 968 -9.71 6.21 -30.26
CA LYS E 968 -8.89 6.45 -29.08
C LYS E 968 -8.64 7.94 -28.89
N MET E 969 -8.27 8.64 -29.97
CA MET E 969 -7.93 10.06 -29.83
C MET E 969 -9.15 10.91 -29.51
N CYS E 970 -10.27 10.65 -30.19
CA CYS E 970 -11.48 11.44 -29.91
C CYS E 970 -11.95 11.24 -28.47
N MET E 971 -12.01 9.98 -28.02
CA MET E 971 -12.37 9.71 -26.64
C MET E 971 -11.34 10.30 -25.69
N TYR E 972 -10.08 10.36 -26.11
CA TYR E 972 -9.04 10.97 -25.28
C TYR E 972 -9.35 12.43 -25.02
N ALA E 973 -9.70 13.17 -26.07
CA ALA E 973 -10.02 14.59 -25.89
C ALA E 973 -11.23 14.77 -24.98
N VAL E 974 -12.33 14.07 -25.29
CA VAL E 974 -13.55 14.21 -24.48
C VAL E 974 -13.27 13.83 -23.03
N GLU E 975 -12.52 12.75 -22.82
CA GLU E 975 -12.34 12.21 -21.49
C GLU E 975 -11.38 13.07 -20.69
N ARG E 976 -10.41 13.72 -21.34
CA ARG E 976 -9.53 14.62 -20.62
C ARG E 976 -10.27 15.88 -20.18
N ILE E 977 -11.17 16.40 -21.02
CA ILE E 977 -12.01 17.52 -20.59
C ILE E 977 -12.82 17.11 -19.37
N ALA E 978 -13.47 15.95 -19.43
CA ALA E 978 -14.26 15.48 -18.30
C ALA E 978 -13.39 15.26 -17.07
N LYS E 979 -12.18 14.75 -17.25
CA LYS E 979 -11.29 14.48 -16.13
C LYS E 979 -10.90 15.77 -15.41
N GLU E 980 -10.53 16.79 -16.18
CA GLU E 980 -10.11 18.04 -15.55
C GLU E 980 -11.30 18.74 -14.89
N ARG E 981 -12.51 18.45 -15.30
CA ARG E 981 -13.65 19.05 -14.56
C ARG E 981 -13.94 18.17 -13.35
N CYS E 982 -13.58 16.89 -13.41
CA CYS E 982 -13.80 16.03 -12.24
C CYS E 982 -12.79 16.32 -11.14
N LYS E 983 -11.60 16.82 -11.50
CA LYS E 983 -10.58 17.11 -10.50
C LYS E 983 -11.07 18.13 -9.48
N LEU E 984 -11.89 19.09 -9.92
CA LEU E 984 -12.34 20.15 -9.02
C LEU E 984 -13.38 19.64 -8.03
N ASN E 985 -14.27 18.78 -8.52
CA ASN E 985 -15.41 18.28 -7.71
C ASN E 985 -14.90 17.42 -6.52
N PRO E 986 -15.19 17.75 -5.24
CA PRO E 986 -14.75 16.90 -4.13
C PRO E 986 -15.37 15.52 -4.12
N ASP E 987 -16.62 15.38 -4.58
CA ASP E 987 -17.30 14.09 -4.53
C ASP E 987 -16.66 13.10 -5.48
N GLU E 988 -16.13 13.58 -6.61
CA GLU E 988 -15.51 12.69 -7.58
C GLU E 988 -14.26 12.04 -7.01
N MET E 989 -14.05 10.77 -7.37
CA MET E 989 -12.96 9.99 -6.80
C MET E 989 -12.03 9.33 -7.81
N ILE E 990 -12.36 9.30 -9.09
CA ILE E 990 -11.39 8.85 -10.07
C ILE E 990 -10.24 9.84 -10.15
N SER E 991 -10.56 11.14 -10.11
CA SER E 991 -9.53 12.18 -10.15
C SER E 991 -8.60 12.07 -8.96
N GLU E 992 -9.07 11.49 -7.86
CA GLU E 992 -8.20 11.25 -6.73
C GLU E 992 -7.15 10.21 -7.09
N PRO E 993 -5.86 10.47 -6.86
CA PRO E 993 -4.84 9.47 -7.17
C PRO E 993 -5.04 8.21 -6.35
N GLY E 994 -4.49 7.11 -6.85
CA GLY E 994 -4.77 5.82 -6.24
C GLY E 994 -4.33 5.77 -4.79
N ASP E 995 -5.11 5.04 -3.99
CA ASP E 995 -4.81 4.75 -2.58
C ASP E 995 -5.00 5.97 -1.68
N GLY E 996 -5.31 7.13 -2.27
CA GLY E 996 -5.72 8.27 -1.46
C GLY E 996 -7.19 8.22 -1.07
N LYS E 997 -7.95 7.32 -1.69
CA LYS E 997 -9.36 7.19 -1.36
C LYS E 997 -9.52 6.63 0.05
N LEU E 998 -8.56 5.85 0.53
CA LEU E 998 -8.58 5.40 1.92
C LEU E 998 -8.48 6.59 2.87
N LYS E 999 -7.57 7.52 2.58
CA LYS E 999 -7.45 8.72 3.39
C LYS E 999 -8.71 9.57 3.32
N VAL E 1000 -9.33 9.67 2.14
CA VAL E 1000 -10.55 10.44 2.00
C VAL E 1000 -11.67 9.83 2.82
N LEU E 1001 -11.81 8.49 2.76
CA LEU E 1001 -12.81 7.82 3.57
C LEU E 1001 -12.59 8.09 5.05
N GLU E 1002 -11.33 8.03 5.49
CA GLU E 1002 -11.02 8.29 6.92
C GLU E 1002 -11.45 9.72 7.26
N GLN E 1003 -11.11 10.69 6.42
CA GLN E 1003 -11.45 12.08 6.69
C GLN E 1003 -12.95 12.29 6.79
N LYS E 1004 -13.70 11.68 5.85
CA LYS E 1004 -15.15 11.80 5.88
C LYS E 1004 -15.72 11.20 7.16
N SER E 1005 -15.24 10.02 7.53
CA SER E 1005 -15.75 9.39 8.76
C SER E 1005 -15.43 10.23 9.98
N GLU E 1006 -14.22 10.79 10.06
CA GLU E 1006 -13.86 11.62 11.20
C GLU E 1006 -14.74 12.86 11.28
N GLN E 1007 -14.97 13.54 10.16
CA GLN E 1007 -15.80 14.73 10.26
C GLN E 1007 -17.25 14.39 10.57
N GLU E 1008 -17.70 13.21 10.15
CA GLU E 1008 -19.10 12.79 10.46
C GLU E 1008 -19.21 12.45 11.94
N ILE E 1009 -18.18 11.85 12.51
CA ILE E 1009 -18.17 11.60 13.95
C ILE E 1009 -18.20 12.91 14.72
N ARG E 1010 -17.38 13.87 14.29
CA ARG E 1010 -17.34 15.17 14.97
C ARG E 1010 -18.69 15.88 14.86
N PHE E 1011 -19.30 15.84 13.67
CA PHE E 1011 -20.61 16.46 13.49
C PHE E 1011 -21.64 15.80 14.40
N LEU E 1012 -21.64 14.48 14.47
CA LEU E 1012 -22.58 13.77 15.31
C LEU E 1012 -22.43 14.20 16.77
N VAL E 1013 -21.21 14.18 17.28
CA VAL E 1013 -20.98 14.53 18.69
C VAL E 1013 -21.42 15.96 18.95
N GLU E 1014 -20.95 16.89 18.12
CA GLU E 1014 -21.23 18.31 18.35
C GLU E 1014 -22.73 18.59 18.28
N THR E 1015 -23.40 18.11 17.22
CA THR E 1015 -24.82 18.39 17.06
C THR E 1015 -25.64 17.75 18.16
N THR E 1016 -25.32 16.50 18.53
CA THR E 1016 -26.08 15.84 19.58
C THR E 1016 -25.95 16.59 20.91
N ARG E 1017 -24.72 16.97 21.27
CA ARG E 1017 -24.54 17.70 22.52
C ARG E 1017 -25.25 19.05 22.48
N GLN E 1018 -25.14 19.75 21.35
CA GLN E 1018 -25.76 21.07 21.24
C GLN E 1018 -27.28 20.98 21.36
N LYS E 1019 -27.89 19.97 20.73
CA LYS E 1019 -29.33 19.82 20.80
C LYS E 1019 -29.79 19.35 22.19
N ASN E 1020 -29.07 18.42 22.79
CA ASN E 1020 -29.52 17.82 24.04
C ASN E 1020 -28.93 18.51 25.26
N ARG E 1021 -28.32 19.68 25.07
CA ARG E 1021 -27.86 20.47 26.21
C ARG E 1021 -28.98 20.70 27.22
N GLU E 1022 -30.16 21.12 26.75
CA GLU E 1022 -31.26 21.41 27.67
C GLU E 1022 -31.71 20.17 28.42
N ILE E 1023 -31.83 19.03 27.72
CA ILE E 1023 -32.29 17.81 28.36
C ILE E 1023 -31.26 17.31 29.36
N ASP E 1024 -29.97 17.43 29.03
CA ASP E 1024 -28.93 17.02 29.96
C ASP E 1024 -28.91 17.91 31.19
N GLU E 1025 -29.14 19.22 31.01
CA GLU E 1025 -29.24 20.11 32.15
C GLU E 1025 -30.43 19.74 33.04
N ALA E 1026 -31.56 19.38 32.41
CA ALA E 1026 -32.72 18.94 33.19
C ALA E 1026 -32.41 17.64 33.93
N ILE E 1027 -31.67 16.73 33.30
CA ILE E 1027 -31.28 15.50 33.97
C ILE E 1027 -30.41 15.78 35.19
N GLU E 1028 -29.45 16.68 35.02
CA GLU E 1028 -28.56 17.05 36.12
C GLU E 1028 -28.50 18.56 36.31
N ILE E 1055 -38.13 13.07 34.62
CA ILE E 1055 -36.97 13.30 33.77
C ILE E 1055 -36.92 12.26 32.66
N GLU E 1056 -37.50 11.09 32.93
CA GLU E 1056 -37.57 10.04 31.91
C GLU E 1056 -38.42 10.49 30.74
N LYS E 1057 -39.52 11.19 31.02
CA LYS E 1057 -40.35 11.72 29.94
C LYS E 1057 -39.59 12.71 29.08
N LEU E 1058 -38.77 13.56 29.70
CA LEU E 1058 -37.93 14.46 28.94
C LEU E 1058 -36.90 13.69 28.11
N SER E 1059 -36.29 12.67 28.70
CA SER E 1059 -35.30 11.88 27.96
C SER E 1059 -35.93 11.17 26.78
N LEU E 1060 -37.21 10.84 26.88
CA LEU E 1060 -37.91 10.23 25.74
C LEU E 1060 -38.01 11.20 24.57
N GLY E 1061 -38.29 12.48 24.85
CA GLY E 1061 -38.52 13.43 23.78
C GLY E 1061 -37.27 14.08 23.24
N LYS E 1062 -36.11 13.75 23.81
CA LYS E 1062 -34.87 14.38 23.38
C LYS E 1062 -34.43 13.88 22.02
N ALA E 1063 -33.51 14.58 21.37
CA ALA E 1063 -33.08 14.27 20.02
C ALA E 1063 -32.06 13.14 20.02
N LYS E 1064 -32.16 12.28 19.01
CA LYS E 1064 -31.27 11.14 18.85
C LYS E 1064 -30.57 11.23 17.51
N GLY E 1065 -29.32 10.76 17.47
CA GLY E 1065 -28.50 10.80 16.27
C GLY E 1065 -28.59 9.49 15.50
N LEU E 1066 -28.68 9.60 14.18
CA LEU E 1066 -28.73 8.46 13.29
C LEU E 1066 -27.59 8.55 12.30
N LYS E 1067 -26.84 7.45 12.15
CA LYS E 1067 -25.74 7.36 11.20
C LYS E 1067 -26.06 6.26 10.20
N MET E 1068 -25.91 6.57 8.92
CA MET E 1068 -26.30 5.68 7.84
C MET E 1068 -25.15 5.58 6.84
N GLU E 1069 -24.82 4.37 6.39
CA GLU E 1069 -23.77 4.21 5.35
C GLU E 1069 -24.36 3.41 4.19
N ILE E 1070 -24.58 4.04 3.04
CA ILE E 1070 -25.06 3.29 1.85
C ILE E 1070 -23.84 2.89 1.01
N ASN E 1071 -23.39 1.64 1.13
CA ASN E 1071 -22.30 1.15 0.26
C ASN E 1071 -23.05 0.61 -0.95
N ALA E 1072 -22.95 1.28 -2.09
CA ALA E 1072 -23.83 0.90 -3.21
C ALA E 1072 -23.12 0.51 -4.49
N ASP E 1073 -23.79 -0.27 -5.32
CA ASP E 1073 -23.27 -0.66 -6.63
C ASP E 1073 -24.31 -0.33 -7.68
N MET E 1074 -23.83 -0.06 -8.90
CA MET E 1074 -24.70 0.27 -10.01
C MET E 1074 -24.72 -0.87 -11.02
N SER E 1075 -25.92 -1.23 -11.46
CA SER E 1075 -26.11 -2.35 -12.39
C SER E 1075 -25.92 -1.87 -13.82
N LYS E 1076 -25.05 -2.54 -14.55
CA LYS E 1076 -24.84 -2.29 -15.98
C LYS E 1076 -24.56 -0.80 -16.21
N TRP E 1077 -23.44 -0.34 -15.67
CA TRP E 1077 -23.11 1.08 -15.70
C TRP E 1077 -23.00 1.58 -17.13
N SER E 1078 -22.32 0.83 -17.99
CA SER E 1078 -22.12 1.29 -19.36
C SER E 1078 -23.10 0.63 -20.32
N ALA E 1079 -23.56 -0.58 -19.99
CA ALA E 1079 -24.45 -1.30 -20.90
C ALA E 1079 -25.82 -0.64 -20.99
N GLN E 1080 -26.38 -0.24 -19.85
CA GLN E 1080 -27.70 0.37 -19.80
C GLN E 1080 -27.54 1.80 -19.26
N ASP E 1081 -27.23 2.73 -20.15
CA ASP E 1081 -27.04 4.12 -19.81
C ASP E 1081 -27.55 4.99 -20.94
N VAL E 1082 -28.19 6.09 -20.58
CA VAL E 1082 -28.72 7.03 -21.57
C VAL E 1082 -27.56 7.92 -22.02
N PHE E 1083 -27.04 7.63 -23.21
CA PHE E 1083 -25.90 8.40 -23.72
C PHE E 1083 -26.30 9.82 -24.10
N TYR E 1084 -27.60 10.11 -24.21
CA TYR E 1084 -28.03 11.43 -24.62
C TYR E 1084 -27.79 12.46 -23.54
N LYS E 1085 -27.63 12.03 -22.29
CA LYS E 1085 -27.43 12.98 -21.20
C LYS E 1085 -26.05 13.62 -21.26
N TYR E 1086 -25.13 13.02 -22.02
CA TYR E 1086 -23.81 13.62 -22.19
C TYR E 1086 -23.81 14.71 -23.25
N PHE E 1087 -24.80 14.68 -24.15
CA PHE E 1087 -24.96 15.78 -25.10
C PHE E 1087 -25.17 17.08 -24.36
N TRP E 1088 -25.97 17.07 -23.31
CA TRP E 1088 -26.21 18.28 -22.53
C TRP E 1088 -24.96 18.71 -21.77
N LEU E 1089 -24.19 17.74 -21.28
CA LEU E 1089 -22.94 18.09 -20.61
C LEU E 1089 -21.97 18.78 -21.56
N ILE E 1090 -21.93 18.33 -22.81
CA ILE E 1090 -21.07 18.99 -23.80
C ILE E 1090 -21.61 20.36 -24.17
N ALA E 1091 -22.93 20.45 -24.41
CA ALA E 1091 -23.49 21.70 -24.90
C ALA E 1091 -23.48 22.80 -23.84
N LEU E 1092 -23.66 22.42 -22.58
CA LEU E 1092 -23.74 23.44 -21.49
C LEU E 1092 -22.36 23.78 -20.95
N ASP E 1093 -21.29 23.35 -21.61
CA ASP E 1093 -19.93 23.58 -21.04
C ASP E 1093 -19.45 24.98 -21.39
N PRO E 1094 -19.15 25.84 -20.40
CA PRO E 1094 -18.62 27.19 -20.68
C PRO E 1094 -17.25 27.23 -21.35
N ILE E 1095 -16.33 26.32 -21.00
CA ILE E 1095 -14.93 26.38 -21.50
C ILE E 1095 -14.74 25.92 -22.95
N LEU E 1096 -15.81 25.63 -23.70
CA LEU E 1096 -15.62 25.24 -25.10
C LEU E 1096 -16.25 26.27 -26.03
N TYR E 1097 -15.65 26.39 -27.21
CA TYR E 1097 -16.16 27.25 -28.28
C TYR E 1097 -17.30 26.55 -29.03
N PRO E 1098 -18.16 27.31 -29.71
CA PRO E 1098 -19.26 26.67 -30.44
C PRO E 1098 -18.81 25.67 -31.48
N GLN E 1099 -17.74 25.95 -32.22
CA GLN E 1099 -17.22 25.00 -33.19
C GLN E 1099 -16.68 23.74 -32.53
N GLU E 1100 -16.01 23.89 -31.39
CA GLU E 1100 -15.55 22.73 -30.63
C GLU E 1100 -16.74 21.89 -30.16
N LYS E 1101 -17.79 22.55 -29.67
CA LYS E 1101 -18.99 21.83 -29.25
C LYS E 1101 -19.61 21.08 -30.42
N GLU E 1102 -19.69 21.73 -31.58
CA GLU E 1102 -20.28 21.08 -32.74
C GLU E 1102 -19.49 19.84 -33.14
N ARG E 1103 -18.15 19.95 -33.16
CA ARG E 1103 -17.33 18.82 -33.55
C ARG E 1103 -17.45 17.68 -32.54
N ILE E 1104 -17.44 18.00 -31.24
CA ILE E 1104 -17.53 16.96 -30.23
C ILE E 1104 -18.90 16.27 -30.28
N LEU E 1105 -19.97 17.05 -30.47
CA LEU E 1105 -21.29 16.46 -30.57
C LEU E 1105 -21.43 15.61 -31.82
N TYR E 1106 -20.81 16.04 -32.93
CA TYR E 1106 -20.80 15.20 -34.12
C TYR E 1106 -20.07 13.89 -33.85
N PHE E 1107 -18.96 13.95 -33.12
CA PHE E 1107 -18.27 12.74 -32.73
C PHE E 1107 -19.16 11.82 -31.91
N MET E 1108 -19.87 12.37 -30.94
CA MET E 1108 -20.73 11.53 -30.10
C MET E 1108 -21.87 10.92 -30.90
N CYS E 1109 -22.45 11.70 -31.82
CA CYS E 1109 -23.51 11.19 -32.67
C CYS E 1109 -23.00 10.04 -33.54
N ASN E 1110 -21.80 10.20 -34.11
CA ASN E 1110 -21.22 9.11 -34.89
C ASN E 1110 -20.82 7.94 -34.00
N TYR E 1111 -20.52 8.20 -32.73
CA TYR E 1111 -20.19 7.14 -31.79
C TYR E 1111 -21.42 6.29 -31.50
N MET E 1112 -22.59 6.92 -31.41
CA MET E 1112 -23.81 6.15 -31.17
C MET E 1112 -24.21 5.29 -32.37
N ASP E 1113 -23.49 5.39 -33.49
CA ASP E 1113 -23.68 4.50 -34.62
C ASP E 1113 -22.56 3.47 -34.74
N LYS E 1114 -21.84 3.21 -33.65
CA LYS E 1114 -20.70 2.30 -33.69
C LYS E 1114 -21.15 0.88 -33.96
N GLU E 1115 -20.25 0.09 -34.54
CA GLU E 1115 -20.51 -1.30 -34.89
C GLU E 1115 -19.52 -2.20 -34.17
N LEU E 1116 -20.02 -3.30 -33.61
CA LEU E 1116 -19.17 -4.25 -32.89
C LEU E 1116 -18.80 -5.38 -33.85
N ILE E 1117 -17.50 -5.56 -34.09
CA ILE E 1117 -17.02 -6.61 -34.97
C ILE E 1117 -16.88 -7.89 -34.16
N LEU E 1118 -17.58 -8.93 -34.57
CA LEU E 1118 -17.49 -10.21 -33.87
C LEU E 1118 -16.11 -10.83 -34.08
N PRO E 1119 -15.52 -11.43 -33.06
CA PRO E 1119 -14.19 -12.01 -33.22
C PRO E 1119 -14.18 -13.17 -34.21
N ASP E 1120 -13.04 -13.33 -34.88
CA ASP E 1120 -12.92 -14.36 -35.91
C ASP E 1120 -13.04 -15.76 -35.33
N GLU E 1121 -12.44 -16.00 -34.16
CA GLU E 1121 -12.53 -17.31 -33.55
C GLU E 1121 -13.95 -17.64 -33.12
N LEU E 1122 -14.67 -16.65 -32.57
CA LEU E 1122 -16.07 -16.86 -32.22
C LEU E 1122 -16.90 -17.16 -33.45
N LEU E 1123 -16.66 -16.43 -34.55
CA LEU E 1123 -17.37 -16.73 -35.78
C LEU E 1123 -17.05 -18.12 -36.29
N PHE E 1124 -15.78 -18.49 -36.19
CA PHE E 1124 -15.35 -19.84 -36.68
C PHE E 1124 -16.17 -20.89 -35.94
N ASN E 1125 -16.20 -20.82 -34.61
CA ASN E 1125 -16.91 -21.84 -33.81
C ASN E 1125 -18.40 -21.82 -34.14
N LEU E 1126 -18.98 -20.63 -34.29
CA LEU E 1126 -20.44 -20.53 -34.56
C LEU E 1126 -20.73 -21.05 -35.97
N LEU E 1127 -19.71 -21.07 -36.83
CA LEU E 1127 -19.89 -21.62 -38.16
C LEU E 1127 -19.53 -23.11 -38.24
N ASP E 1128 -18.90 -23.66 -37.21
CA ASP E 1128 -18.53 -25.07 -37.17
C ASP E 1128 -19.39 -25.84 -36.18
N GLN E 1129 -20.67 -25.51 -36.11
CA GLN E 1129 -21.55 -26.15 -35.14
C GLN E 1129 -22.23 -27.40 -35.69
N LYS E 1130 -22.83 -27.30 -36.88
CA LYS E 1130 -23.51 -28.35 -37.63
C LYS E 1130 -24.90 -28.67 -37.08
N VAL E 1131 -25.29 -28.08 -35.95
CA VAL E 1131 -26.64 -28.22 -35.43
C VAL E 1131 -27.13 -26.84 -35.02
N ALA E 1132 -28.31 -26.46 -35.50
CA ALA E 1132 -28.83 -25.12 -35.26
C ALA E 1132 -29.19 -24.94 -33.79
N TYR E 1133 -28.75 -23.81 -33.22
CA TYR E 1133 -29.11 -23.48 -31.85
C TYR E 1133 -30.59 -23.14 -31.77
N GLN E 1134 -31.19 -23.41 -30.61
CA GLN E 1134 -32.63 -23.26 -30.43
C GLN E 1134 -33.10 -21.85 -30.74
N ASN E 1135 -32.64 -20.88 -29.96
CA ASN E 1135 -32.95 -19.47 -30.19
C ASN E 1135 -31.63 -18.72 -30.23
N ASP E 1136 -30.99 -18.69 -31.40
CA ASP E 1136 -29.64 -18.17 -31.55
C ASP E 1136 -29.73 -16.66 -31.67
N ILE E 1137 -29.50 -15.97 -30.55
CA ILE E 1137 -29.55 -14.50 -30.55
C ILE E 1137 -28.42 -13.95 -31.42
N ILE E 1138 -27.27 -14.62 -31.43
CA ILE E 1138 -26.16 -14.17 -32.27
C ILE E 1138 -26.54 -14.25 -33.74
N ALA E 1139 -27.15 -15.36 -34.15
CA ALA E 1139 -27.58 -15.50 -35.54
C ALA E 1139 -28.66 -14.48 -35.88
N THR E 1140 -29.60 -14.24 -34.96
CA THR E 1140 -30.65 -13.26 -35.20
C THR E 1140 -30.07 -11.87 -35.38
N MET E 1141 -29.09 -11.50 -34.53
CA MET E 1141 -28.52 -10.16 -34.59
C MET E 1141 -27.61 -10.00 -35.80
N THR E 1142 -26.99 -11.07 -36.26
CA THR E 1142 -26.05 -11.01 -37.38
C THR E 1142 -26.68 -11.42 -38.71
N ASN E 1143 -28.00 -11.51 -38.77
CA ASN E 1143 -28.71 -11.94 -39.98
C ASN E 1143 -28.27 -13.34 -40.40
N GLN E 1144 -28.41 -14.29 -39.48
CA GLN E 1144 -28.01 -15.68 -39.71
C GLN E 1144 -26.55 -15.77 -40.13
N LEU E 1145 -25.69 -15.04 -39.43
CA LEU E 1145 -24.25 -15.04 -39.66
C LEU E 1145 -23.90 -14.59 -41.07
N ASN E 1146 -24.71 -13.71 -41.66
CA ASN E 1146 -24.38 -13.09 -42.93
C ASN E 1146 -23.49 -11.87 -42.77
N SER E 1147 -23.34 -11.36 -41.56
CA SER E 1147 -22.42 -10.26 -41.27
C SER E 1147 -21.78 -10.49 -39.92
N ASN E 1148 -20.60 -9.91 -39.72
CA ASN E 1148 -19.88 -10.01 -38.46
C ASN E 1148 -20.00 -8.75 -37.61
N THR E 1149 -20.84 -7.80 -38.01
CA THR E 1149 -20.97 -6.53 -37.31
C THR E 1149 -22.37 -6.38 -36.76
N VAL E 1150 -22.45 -5.84 -35.54
CA VAL E 1150 -23.71 -5.55 -34.87
C VAL E 1150 -23.69 -4.10 -34.42
N LEU E 1151 -24.80 -3.41 -34.64
CA LEU E 1151 -24.92 -1.99 -34.33
C LEU E 1151 -25.30 -1.83 -32.86
N ILE E 1152 -24.43 -1.18 -32.09
CA ILE E 1152 -24.66 -0.89 -30.69
C ILE E 1152 -24.86 0.60 -30.52
N LYS E 1153 -25.99 0.99 -29.92
CA LYS E 1153 -26.35 2.40 -29.84
C LYS E 1153 -26.32 2.95 -28.42
N ARG E 1154 -27.07 2.36 -27.49
CA ARG E 1154 -27.22 2.93 -26.16
C ARG E 1154 -26.13 2.47 -25.20
N ASN E 1155 -25.26 1.55 -25.63
CA ASN E 1155 -24.22 1.00 -24.77
C ASN E 1155 -22.89 1.66 -25.14
N TRP E 1156 -22.57 2.77 -24.48
CA TRP E 1156 -21.22 3.29 -24.58
C TRP E 1156 -20.28 2.29 -23.91
N LEU E 1157 -19.17 2.00 -24.57
CA LEU E 1157 -18.47 0.77 -24.25
C LEU E 1157 -17.77 0.91 -22.89
N GLN E 1158 -17.58 -0.23 -22.22
CA GLN E 1158 -17.07 -0.21 -20.86
C GLN E 1158 -15.70 0.44 -20.79
N GLY E 1159 -15.52 1.36 -19.84
CA GLY E 1159 -14.26 1.98 -19.57
C GLY E 1159 -13.92 3.18 -20.43
N ASN E 1160 -14.77 3.53 -21.39
CA ASN E 1160 -14.42 4.60 -22.32
C ASN E 1160 -14.81 5.97 -21.79
N PHE E 1161 -15.88 6.07 -20.99
CA PHE E 1161 -16.41 7.35 -20.56
C PHE E 1161 -16.48 7.40 -19.03
N ASN E 1162 -15.38 6.99 -18.39
CA ASN E 1162 -15.33 6.91 -16.94
C ASN E 1162 -15.59 8.27 -16.31
N TYR E 1163 -14.84 9.29 -16.74
CA TYR E 1163 -14.93 10.60 -16.08
C TYR E 1163 -16.27 11.26 -16.33
N THR E 1164 -16.77 11.18 -17.56
CA THR E 1164 -18.07 11.80 -17.87
C THR E 1164 -19.19 11.13 -17.08
N SER E 1165 -19.21 9.79 -17.07
CA SER E 1165 -20.23 9.08 -16.32
C SER E 1165 -20.13 9.38 -14.82
N SER E 1166 -18.90 9.46 -14.31
CA SER E 1166 -18.71 9.78 -12.90
C SER E 1166 -19.18 11.19 -12.57
N TYR E 1167 -18.95 12.13 -13.48
CA TYR E 1167 -19.44 13.49 -13.26
C TYR E 1167 -20.96 13.53 -13.18
N VAL E 1168 -21.63 12.82 -14.09
CA VAL E 1168 -23.09 12.80 -14.03
C VAL E 1168 -23.59 12.08 -12.78
N HIS E 1169 -22.87 11.04 -12.36
CA HIS E 1169 -23.20 10.37 -11.10
C HIS E 1169 -23.08 11.34 -9.92
N SER E 1170 -22.03 12.16 -9.94
CA SER E 1170 -21.83 13.17 -8.88
C SER E 1170 -23.00 14.16 -8.88
N CYS E 1171 -23.45 14.59 -10.06
CA CYS E 1171 -24.61 15.48 -10.12
C CYS E 1171 -25.85 14.83 -9.53
N ALA E 1172 -26.07 13.56 -9.84
CA ALA E 1172 -27.20 12.83 -9.26
C ALA E 1172 -27.11 12.80 -7.74
N MET E 1173 -25.92 12.55 -7.21
CA MET E 1173 -25.77 12.51 -5.76
C MET E 1173 -25.93 13.89 -5.14
N SER E 1174 -25.60 14.96 -5.88
CA SER E 1174 -25.87 16.31 -5.39
C SER E 1174 -27.36 16.56 -5.26
N VAL E 1175 -28.14 16.11 -6.26
CA VAL E 1175 -29.59 16.24 -6.17
C VAL E 1175 -30.12 15.44 -4.98
N TYR E 1176 -29.56 14.25 -4.76
CA TYR E 1176 -29.93 13.46 -3.59
C TYR E 1176 -29.64 14.20 -2.30
N LYS E 1177 -28.47 14.84 -2.22
CA LYS E 1177 -28.11 15.62 -1.04
C LYS E 1177 -29.11 16.74 -0.79
N GLU E 1178 -29.50 17.44 -1.86
CA GLU E 1178 -30.47 18.52 -1.70
C GLU E 1178 -31.80 17.98 -1.19
N ILE E 1179 -32.26 16.86 -1.74
CA ILE E 1179 -33.52 16.26 -1.28
C ILE E 1179 -33.45 15.94 0.20
N LEU E 1180 -32.35 15.29 0.61
CA LEU E 1180 -32.21 14.91 2.02
C LEU E 1180 -32.16 16.13 2.93
N LYS E 1181 -31.41 17.16 2.53
CA LYS E 1181 -31.29 18.35 3.37
C LYS E 1181 -32.65 19.03 3.54
N GLU E 1182 -33.41 19.15 2.45
CA GLU E 1182 -34.73 19.77 2.55
C GLU E 1182 -35.64 18.92 3.44
N ALA E 1183 -35.63 17.60 3.26
CA ALA E 1183 -36.51 16.74 4.05
C ALA E 1183 -36.19 16.84 5.53
N ILE E 1184 -34.91 16.89 5.89
CA ILE E 1184 -34.55 17.04 7.29
C ILE E 1184 -34.90 18.42 7.80
N THR E 1185 -34.82 19.43 6.94
CA THR E 1185 -35.28 20.77 7.32
C THR E 1185 -36.75 20.74 7.70
N LEU E 1186 -37.56 19.98 6.97
CA LEU E 1186 -38.95 19.79 7.38
C LEU E 1186 -39.09 19.15 8.76
N LEU E 1187 -38.07 18.44 9.22
CA LEU E 1187 -38.09 17.81 10.54
C LEU E 1187 -37.39 18.64 11.61
N ASP E 1188 -36.90 19.82 11.26
CA ASP E 1188 -36.22 20.71 12.21
C ASP E 1188 -35.03 20.01 12.86
N GLY E 1189 -34.19 19.40 12.02
CA GLY E 1189 -33.01 18.70 12.48
C GLY E 1189 -31.77 19.13 11.72
N SER E 1190 -30.68 18.42 11.99
CA SER E 1190 -29.41 18.65 11.31
C SER E 1190 -29.02 17.41 10.53
N ILE E 1191 -28.38 17.62 9.39
CA ILE E 1191 -27.99 16.52 8.51
C ILE E 1191 -26.61 16.84 7.92
N LEU E 1192 -25.81 15.79 7.74
CA LEU E 1192 -24.56 15.87 6.99
C LEU E 1192 -24.48 14.68 6.06
N VAL E 1193 -24.44 14.95 4.76
CA VAL E 1193 -24.41 13.90 3.74
C VAL E 1193 -23.11 14.03 2.96
N ASN E 1194 -22.34 12.94 2.94
CA ASN E 1194 -21.09 12.86 2.20
C ASN E 1194 -21.22 11.71 1.20
N SER E 1195 -21.06 12.02 -0.08
CA SER E 1195 -21.19 11.03 -1.14
C SER E 1195 -19.88 10.93 -1.90
N LEU E 1196 -19.36 9.70 -2.02
CA LEU E 1196 -18.17 9.42 -2.80
C LEU E 1196 -18.57 8.60 -4.03
N VAL E 1197 -18.12 9.02 -5.19
CA VAL E 1197 -18.48 8.41 -6.46
C VAL E 1197 -17.22 8.13 -7.25
N HIS E 1198 -16.91 6.85 -7.47
CA HIS E 1198 -15.78 6.59 -8.35
C HIS E 1198 -16.20 6.56 -9.82
N SER E 1199 -16.78 5.46 -10.27
CA SER E 1199 -17.46 5.43 -11.57
C SER E 1199 -18.88 4.90 -11.43
N ASP E 1200 -19.03 3.67 -10.93
CA ASP E 1200 -20.31 3.06 -10.64
C ASP E 1200 -20.36 2.52 -9.23
N ASP E 1201 -19.36 2.84 -8.42
CA ASP E 1201 -19.33 2.44 -7.02
C ASP E 1201 -19.56 3.69 -6.18
N ASN E 1202 -20.58 3.64 -5.34
CA ASN E 1202 -21.05 4.80 -4.61
C ASN E 1202 -20.94 4.54 -3.12
N GLN E 1203 -20.45 5.53 -2.38
CA GLN E 1203 -20.36 5.46 -0.93
C GLN E 1203 -21.02 6.73 -0.38
N THR E 1204 -22.25 6.58 0.10
CA THR E 1204 -23.00 7.70 0.66
C THR E 1204 -23.21 7.46 2.15
N SER E 1205 -22.73 8.41 2.94
CA SER E 1205 -22.87 8.35 4.41
C SER E 1205 -23.78 9.48 4.85
N ILE E 1206 -24.79 9.19 5.66
CA ILE E 1206 -25.79 10.16 6.08
C ILE E 1206 -25.80 10.20 7.61
N THR E 1207 -25.63 11.40 8.17
CA THR E 1207 -25.66 11.62 9.60
C THR E 1207 -26.80 12.58 9.92
N ILE E 1208 -27.76 12.12 10.71
CA ILE E 1208 -28.96 12.89 11.02
C ILE E 1208 -29.16 12.94 12.52
N VAL E 1209 -29.47 14.13 13.04
CA VAL E 1209 -29.79 14.33 14.45
C VAL E 1209 -31.14 15.05 14.48
N GLN E 1210 -32.19 14.32 14.83
CA GLN E 1210 -33.53 14.88 14.88
C GLN E 1210 -34.28 14.30 16.06
N ASP E 1211 -35.53 14.75 16.25
CA ASP E 1211 -36.36 14.28 17.34
C ASP E 1211 -37.80 13.99 16.95
N LYS E 1212 -38.22 14.32 15.72
CA LYS E 1212 -39.63 14.20 15.37
C LYS E 1212 -40.06 12.75 15.22
N MET E 1213 -39.29 11.93 14.51
CA MET E 1213 -39.73 10.59 14.16
C MET E 1213 -38.64 9.58 14.47
N GLU E 1214 -39.04 8.30 14.52
CA GLU E 1214 -38.12 7.22 14.76
C GLU E 1214 -37.21 7.02 13.56
N ASN E 1215 -36.13 6.26 13.76
CA ASN E 1215 -35.11 6.10 12.73
C ASN E 1215 -35.55 5.19 11.59
N ASP E 1216 -36.52 4.31 11.81
CA ASP E 1216 -36.95 3.40 10.76
C ASP E 1216 -37.58 4.16 9.59
N LYS E 1217 -38.43 5.14 9.90
CA LYS E 1217 -39.02 5.95 8.85
C LYS E 1217 -37.95 6.67 8.04
N ILE E 1218 -36.94 7.20 8.72
CA ILE E 1218 -35.88 7.92 8.03
C ILE E 1218 -35.07 6.99 7.15
N ILE E 1219 -34.79 5.78 7.64
CA ILE E 1219 -34.03 4.83 6.82
C ILE E 1219 -34.81 4.45 5.58
N ASP E 1220 -36.10 4.15 5.73
CA ASP E 1220 -36.92 3.80 4.57
C ASP E 1220 -36.97 4.94 3.57
N PHE E 1221 -37.20 6.16 4.06
CA PHE E 1221 -37.27 7.31 3.17
C PHE E 1221 -35.95 7.54 2.45
N ALA E 1222 -34.84 7.44 3.18
CA ALA E 1222 -33.53 7.68 2.58
C ALA E 1222 -33.22 6.65 1.50
N MET E 1223 -33.55 5.39 1.75
CA MET E 1223 -33.27 4.37 0.74
C MET E 1223 -34.16 4.53 -0.49
N LYS E 1224 -35.45 4.81 -0.28
CA LYS E 1224 -36.33 5.02 -1.42
C LYS E 1224 -35.86 6.21 -2.25
N GLU E 1225 -35.45 7.29 -1.60
CA GLU E 1225 -35.02 8.46 -2.35
C GLU E 1225 -33.66 8.24 -2.99
N PHE E 1226 -32.81 7.40 -2.39
CA PHE E 1226 -31.56 7.07 -3.04
C PHE E 1226 -31.81 6.32 -4.35
N GLU E 1227 -32.70 5.33 -4.30
CA GLU E 1227 -33.03 4.61 -5.53
C GLU E 1227 -33.68 5.54 -6.56
N ARG E 1228 -34.58 6.41 -6.11
CA ARG E 1228 -35.25 7.31 -7.03
C ARG E 1228 -34.29 8.30 -7.65
N ALA E 1229 -33.34 8.81 -6.87
CA ALA E 1229 -32.37 9.76 -7.39
C ALA E 1229 -31.40 9.08 -8.36
N CYS E 1230 -31.06 7.82 -8.10
CA CYS E 1230 -30.25 7.08 -9.06
C CYS E 1230 -31.02 6.90 -10.37
N LEU E 1231 -32.31 6.54 -10.28
CA LEU E 1231 -33.10 6.33 -11.48
C LEU E 1231 -33.38 7.63 -12.22
N THR E 1232 -33.34 8.76 -11.52
CA THR E 1232 -33.66 10.04 -12.14
C THR E 1232 -32.63 10.42 -13.20
N PHE E 1233 -31.35 10.16 -12.95
CA PHE E 1233 -30.29 10.57 -13.85
C PHE E 1233 -29.86 9.45 -14.79
N GLY E 1234 -30.66 8.41 -14.94
CA GLY E 1234 -30.33 7.30 -15.82
C GLY E 1234 -29.54 6.19 -15.18
N CYS E 1235 -29.07 6.37 -13.95
CA CYS E 1235 -28.38 5.32 -13.23
C CYS E 1235 -29.39 4.29 -12.71
N GLN E 1236 -28.86 3.18 -12.20
CA GLN E 1236 -29.69 2.15 -11.60
C GLN E 1236 -28.88 1.44 -10.53
N ALA E 1237 -29.27 1.63 -9.27
CA ALA E 1237 -28.57 1.01 -8.16
C ALA E 1237 -28.82 -0.49 -8.15
N ASN E 1238 -27.77 -1.25 -7.81
CA ASN E 1238 -27.87 -2.71 -7.70
C ASN E 1238 -28.37 -3.04 -6.31
N MET E 1239 -29.70 -3.07 -6.16
CA MET E 1239 -30.28 -3.28 -4.84
C MET E 1239 -29.94 -4.65 -4.28
N LYS E 1240 -29.64 -5.62 -5.16
CA LYS E 1240 -29.18 -6.91 -4.68
C LYS E 1240 -27.82 -6.80 -4.02
N LYS E 1241 -26.94 -5.95 -4.55
CA LYS E 1241 -25.60 -5.77 -4.02
C LYS E 1241 -25.44 -4.49 -3.22
N THR E 1242 -26.51 -3.73 -3.02
CA THR E 1242 -26.47 -2.51 -2.22
C THR E 1242 -26.97 -2.82 -0.81
N TYR E 1243 -26.14 -2.54 0.18
CA TYR E 1243 -26.47 -2.81 1.57
C TYR E 1243 -26.16 -1.61 2.43
N VAL E 1244 -26.88 -1.49 3.54
CA VAL E 1244 -26.80 -0.33 4.42
C VAL E 1244 -26.30 -0.79 5.78
N THR E 1245 -25.31 -0.08 6.30
CA THR E 1245 -24.70 -0.38 7.59
C THR E 1245 -24.73 0.88 8.44
N ASN E 1246 -24.57 0.70 9.76
CA ASN E 1246 -24.45 1.83 10.66
C ASN E 1246 -23.01 2.31 10.83
N CYS E 1247 -22.03 1.43 10.70
CA CYS E 1247 -20.64 1.82 10.90
C CYS E 1247 -19.77 1.58 9.67
N ILE E 1248 -19.92 0.41 9.04
CA ILE E 1248 -18.97 0.00 8.01
C ILE E 1248 -19.15 0.81 6.74
N LYS E 1249 -18.04 1.30 6.19
CA LYS E 1249 -18.00 1.92 4.87
C LYS E 1249 -17.17 1.02 3.95
N GLU E 1250 -17.60 0.90 2.70
CA GLU E 1250 -16.84 0.17 1.69
C GLU E 1250 -16.96 0.92 0.37
N PHE E 1251 -15.89 1.62 -0.02
CA PHE E 1251 -15.98 2.40 -1.24
C PHE E 1251 -15.44 1.65 -2.46
N VAL E 1252 -14.13 1.38 -2.51
CA VAL E 1252 -13.58 0.58 -3.59
C VAL E 1252 -12.60 -0.43 -3.02
N SER E 1253 -13.08 -1.62 -2.69
CA SER E 1253 -12.30 -2.65 -2.01
C SER E 1253 -11.62 -2.13 -0.75
N LEU E 1254 -12.06 -0.99 -0.23
CA LEU E 1254 -11.45 -0.35 0.92
C LEU E 1254 -12.52 -0.12 1.97
N PHE E 1255 -12.16 -0.32 3.23
CA PHE E 1255 -13.10 -0.26 4.33
C PHE E 1255 -12.73 0.86 5.30
N ASN E 1256 -13.74 1.44 5.91
CA ASN E 1256 -13.59 2.36 7.04
C ASN E 1256 -14.56 1.89 8.11
N LEU E 1257 -14.05 1.21 9.13
CA LEU E 1257 -14.92 0.57 10.09
C LEU E 1257 -15.67 1.60 10.94
N TYR E 1258 -14.94 2.39 11.72
CA TYR E 1258 -15.52 3.58 12.33
C TYR E 1258 -14.44 4.63 12.50
N GLY E 1259 -14.28 5.48 11.49
CA GLY E 1259 -13.14 6.37 11.44
C GLY E 1259 -11.81 5.68 11.24
N GLU E 1260 -11.76 4.36 11.41
CA GLU E 1260 -10.51 3.62 11.39
C GLU E 1260 -10.36 2.91 10.06
N PRO E 1261 -9.32 3.22 9.28
CA PRO E 1261 -9.16 2.56 7.98
C PRO E 1261 -8.91 1.07 8.14
N PHE E 1262 -9.44 0.30 7.20
CA PHE E 1262 -9.29 -1.14 7.20
C PHE E 1262 -9.22 -1.64 5.77
N SER E 1263 -8.31 -2.57 5.50
CA SER E 1263 -8.16 -3.12 4.17
C SER E 1263 -7.78 -4.58 4.27
N ILE E 1264 -8.14 -5.34 3.25
CA ILE E 1264 -7.80 -6.76 3.20
C ILE E 1264 -6.42 -6.89 2.57
N TYR E 1265 -5.38 -6.82 3.40
CA TYR E 1265 -4.01 -7.00 2.92
C TYR E 1265 -3.72 -8.43 2.49
N GLY E 1266 -4.65 -9.34 2.74
CA GLY E 1266 -4.45 -10.73 2.35
C GLY E 1266 -4.26 -10.92 0.86
N ARG E 1267 -4.83 -10.03 0.03
CA ARG E 1267 -4.63 -10.16 -1.40
C ARG E 1267 -3.16 -9.93 -1.76
N PHE E 1268 -2.56 -8.89 -1.20
CA PHE E 1268 -1.14 -8.64 -1.42
C PHE E 1268 -0.29 -9.74 -0.80
N LEU E 1269 -0.73 -10.28 0.33
CA LEU E 1269 0.00 -11.40 0.93
C LEU E 1269 -0.03 -12.62 0.01
N LEU E 1270 -1.17 -12.89 -0.62
CA LEU E 1270 -1.29 -14.06 -1.48
C LEU E 1270 -0.55 -13.88 -2.80
N THR E 1271 -0.42 -12.63 -3.26
CA THR E 1271 0.27 -12.41 -4.52
C THR E 1271 1.79 -12.52 -4.38
N SER E 1272 2.27 -13.06 -3.26
CA SER E 1272 3.71 -13.20 -3.08
C SER E 1272 4.28 -14.34 -3.92
N VAL E 1273 3.45 -15.27 -4.35
CA VAL E 1273 3.89 -16.37 -5.22
C VAL E 1273 3.48 -16.14 -6.67
N GLY E 1274 3.03 -14.93 -7.00
CA GLY E 1274 2.55 -14.66 -8.33
C GLY E 1274 3.64 -14.73 -9.38
N ASP E 1275 3.23 -14.58 -10.63
CA ASP E 1275 4.16 -14.64 -11.74
C ASP E 1275 5.13 -13.47 -11.69
N CYS E 1276 6.17 -13.55 -12.52
CA CYS E 1276 7.16 -12.49 -12.64
C CYS E 1276 7.73 -12.55 -14.05
N ALA E 1277 8.73 -11.72 -14.31
CA ALA E 1277 9.33 -11.69 -15.65
C ALA E 1277 10.24 -12.89 -15.88
N TYR E 1278 10.67 -13.56 -14.81
CA TYR E 1278 11.59 -14.70 -14.88
C TYR E 1278 12.89 -14.32 -15.59
N ILE E 1279 13.39 -13.12 -15.32
CA ILE E 1279 14.67 -12.70 -15.89
C ILE E 1279 15.82 -13.42 -15.19
N GLY E 1280 15.78 -13.46 -13.87
CA GLY E 1280 16.86 -14.04 -13.09
C GLY E 1280 16.51 -14.12 -11.62
N PRO E 1281 17.40 -14.69 -10.82
CA PRO E 1281 17.11 -14.88 -9.39
C PRO E 1281 16.83 -13.59 -8.64
N TYR E 1282 17.62 -12.55 -8.91
CA TYR E 1282 17.47 -11.26 -8.19
C TYR E 1282 16.25 -10.54 -8.74
N GLU E 1283 16.13 -10.51 -10.07
CA GLU E 1283 15.03 -9.75 -10.69
C GLU E 1283 13.71 -10.36 -10.24
N ASP E 1284 13.64 -11.69 -10.15
CA ASP E 1284 12.41 -12.37 -9.68
C ASP E 1284 12.08 -11.99 -8.24
N LEU E 1285 13.08 -11.96 -7.36
CA LEU E 1285 12.85 -11.62 -5.92
C LEU E 1285 12.37 -10.17 -5.76
N ALA E 1286 12.94 -9.22 -6.48
CA ALA E 1286 12.59 -7.80 -6.30
C ALA E 1286 11.12 -7.57 -6.63
N SER E 1287 10.55 -8.39 -7.50
CA SER E 1287 9.15 -8.30 -7.91
C SER E 1287 8.21 -8.76 -6.81
N ARG E 1288 8.61 -9.78 -6.05
CA ARG E 1288 7.72 -10.27 -4.99
C ARG E 1288 7.87 -9.49 -3.67
N ILE E 1289 9.06 -8.96 -3.39
CA ILE E 1289 9.19 -8.05 -2.26
C ILE E 1289 8.30 -6.83 -2.47
N SER E 1290 8.02 -6.48 -3.72
CA SER E 1290 7.05 -5.42 -3.98
C SER E 1290 5.70 -5.72 -3.34
N SER E 1291 5.20 -6.95 -3.53
CA SER E 1291 3.91 -7.33 -2.94
C SER E 1291 3.99 -7.35 -1.43
N ALA E 1292 5.12 -7.81 -0.89
CA ALA E 1292 5.28 -7.78 0.56
C ALA E 1292 5.19 -6.35 1.10
N GLN E 1293 5.84 -5.40 0.42
CA GLN E 1293 5.81 -4.01 0.86
C GLN E 1293 4.41 -3.42 0.76
N THR E 1294 3.68 -3.75 -0.30
CA THR E 1294 2.32 -3.26 -0.42
C THR E 1294 1.44 -3.80 0.70
N ALA E 1295 1.61 -5.09 1.04
CA ALA E 1295 0.89 -5.65 2.17
C ALA E 1295 1.22 -4.90 3.45
N ILE E 1296 2.49 -4.56 3.66
CA ILE E 1296 2.87 -3.78 4.84
C ILE E 1296 2.16 -2.43 4.83
N LYS E 1297 2.11 -1.77 3.67
CA LYS E 1297 1.42 -0.49 3.57
C LYS E 1297 -0.06 -0.59 3.90
N HIS E 1298 -0.70 -1.71 3.60
CA HIS E 1298 -2.13 -1.84 3.83
C HIS E 1298 -2.48 -2.39 5.21
N GLY E 1299 -1.50 -2.45 6.12
CA GLY E 1299 -1.77 -2.81 7.49
C GLY E 1299 -1.40 -4.21 7.92
N CYS E 1300 -0.61 -4.93 7.12
CA CYS E 1300 -0.22 -6.28 7.50
C CYS E 1300 0.69 -6.25 8.73
N PRO E 1301 0.50 -7.15 9.69
CA PRO E 1301 1.37 -7.17 10.85
C PRO E 1301 2.78 -7.64 10.48
N PRO E 1302 3.79 -7.28 11.27
CA PRO E 1302 5.17 -7.63 10.91
C PRO E 1302 5.43 -9.12 10.72
N SER E 1303 4.84 -9.96 11.55
CA SER E 1303 5.10 -11.40 11.45
C SER E 1303 4.58 -11.96 10.12
N LEU E 1304 3.38 -11.55 9.72
CA LEU E 1304 2.84 -12.03 8.46
C LEU E 1304 3.59 -11.44 7.28
N ALA E 1305 4.05 -10.19 7.40
CA ALA E 1305 4.89 -9.62 6.36
C ALA E 1305 6.19 -10.40 6.20
N TRP E 1306 6.80 -10.80 7.31
CA TRP E 1306 8.02 -11.58 7.25
C TRP E 1306 7.76 -12.95 6.64
N VAL E 1307 6.61 -13.55 6.95
CA VAL E 1307 6.24 -14.82 6.34
C VAL E 1307 6.11 -14.67 4.83
N SER E 1308 5.51 -13.56 4.39
CA SER E 1308 5.39 -13.32 2.95
C SER E 1308 6.75 -13.16 2.29
N ILE E 1309 7.67 -12.45 2.96
CA ILE E 1309 9.01 -12.28 2.42
C ILE E 1309 9.71 -13.64 2.32
N ALA E 1310 9.56 -14.47 3.35
CA ALA E 1310 10.16 -15.80 3.32
C ALA E 1310 9.60 -16.63 2.19
N ILE E 1311 8.28 -16.54 1.96
CA ILE E 1311 7.66 -17.31 0.90
C ILE E 1311 8.14 -16.82 -0.47
N SER E 1312 8.32 -15.52 -0.64
CA SER E 1312 8.86 -15.01 -1.90
C SER E 1312 10.26 -15.54 -2.15
N HIS E 1313 11.11 -15.53 -1.11
CA HIS E 1313 12.45 -16.07 -1.23
C HIS E 1313 12.41 -17.55 -1.60
N TRP E 1314 11.53 -18.31 -0.94
CA TRP E 1314 11.41 -19.73 -1.23
C TRP E 1314 10.98 -19.98 -2.66
N MET E 1315 10.01 -19.20 -3.14
CA MET E 1315 9.53 -19.37 -4.51
C MET E 1315 10.64 -19.09 -5.51
N THR E 1316 11.41 -18.02 -5.30
CA THR E 1316 12.51 -17.72 -6.22
C THR E 1316 13.56 -18.82 -6.20
N SER E 1317 13.97 -19.27 -5.01
CA SER E 1317 14.99 -20.30 -4.91
C SER E 1317 14.51 -21.60 -5.54
N LEU E 1318 13.23 -21.94 -5.37
CA LEU E 1318 12.67 -23.11 -6.03
C LEU E 1318 12.72 -22.95 -7.54
N THR E 1319 12.41 -21.74 -8.03
CA THR E 1319 12.42 -21.51 -9.47
C THR E 1319 13.81 -21.73 -10.06
N TYR E 1320 14.85 -21.28 -9.36
CA TYR E 1320 16.21 -21.39 -9.88
C TYR E 1320 17.04 -22.45 -9.19
N ASN E 1321 16.41 -23.41 -8.51
CA ASN E 1321 17.11 -24.53 -7.88
C ASN E 1321 18.19 -24.05 -6.91
N MET E 1322 17.88 -23.03 -6.13
CA MET E 1322 18.78 -22.49 -5.13
C MET E 1322 18.42 -22.90 -3.70
N LEU E 1323 17.47 -23.82 -3.53
CA LEU E 1323 17.07 -24.21 -2.20
C LEU E 1323 18.22 -24.92 -1.50
N PRO E 1324 18.24 -24.89 -0.17
CA PRO E 1324 19.36 -25.50 0.56
C PRO E 1324 19.54 -26.97 0.18
N GLY E 1325 20.80 -27.34 -0.08
CA GLY E 1325 21.13 -28.67 -0.53
C GLY E 1325 21.06 -28.88 -2.03
N GLN E 1326 20.44 -27.96 -2.77
CA GLN E 1326 20.31 -28.13 -4.21
C GLN E 1326 21.60 -27.69 -4.90
N SER E 1327 21.64 -27.88 -6.22
CA SER E 1327 22.89 -27.72 -6.96
C SER E 1327 23.34 -26.26 -7.01
N ASN E 1328 22.42 -25.35 -7.30
CA ASN E 1328 22.77 -23.93 -7.42
C ASN E 1328 22.77 -23.21 -6.09
N ASP E 1329 22.78 -23.95 -4.98
CA ASP E 1329 22.82 -23.35 -3.66
C ASP E 1329 24.19 -22.72 -3.41
N PRO E 1330 24.27 -21.43 -3.13
CA PRO E 1330 25.57 -20.74 -3.07
C PRO E 1330 26.24 -20.74 -1.70
N ILE E 1331 25.68 -21.40 -0.70
CA ILE E 1331 26.18 -21.25 0.66
C ILE E 1331 27.58 -21.86 0.80
N ASP E 1332 27.87 -22.91 0.02
CA ASP E 1332 29.17 -23.57 0.14
C ASP E 1332 30.27 -22.77 -0.52
N TYR E 1333 29.97 -22.09 -1.62
CA TYR E 1333 31.01 -21.41 -2.40
C TYR E 1333 31.42 -20.09 -1.76
N PHE E 1334 30.56 -19.50 -0.94
CA PHE E 1334 30.86 -18.22 -0.34
C PHE E 1334 31.22 -18.37 1.12
N PRO E 1335 32.02 -17.45 1.67
CA PRO E 1335 32.34 -17.50 3.11
C PRO E 1335 31.20 -16.95 3.97
N ALA E 1336 30.15 -17.76 4.12
CA ALA E 1336 28.98 -17.37 4.87
C ALA E 1336 28.45 -18.56 5.66
N GLU E 1337 28.04 -18.29 6.90
CA GLU E 1337 27.43 -19.34 7.71
C GLU E 1337 26.04 -19.69 7.21
N ASN E 1338 25.25 -18.68 6.88
CA ASN E 1338 23.89 -18.87 6.40
C ASN E 1338 23.63 -17.90 5.26
N ARG E 1339 22.53 -18.12 4.55
CA ARG E 1339 22.25 -17.34 3.34
C ARG E 1339 21.91 -15.89 3.64
N LYS E 1340 21.67 -15.52 4.90
CA LYS E 1340 21.48 -14.11 5.22
C LYS E 1340 22.77 -13.32 5.03
N ASP E 1341 23.93 -13.99 5.13
CA ASP E 1341 25.19 -13.30 4.95
C ASP E 1341 25.50 -13.02 3.48
N ILE E 1342 24.97 -13.83 2.57
CA ILE E 1342 25.26 -13.64 1.15
C ILE E 1342 24.45 -12.46 0.62
N PRO E 1343 24.99 -11.64 -0.27
CA PRO E 1343 24.19 -10.55 -0.85
C PRO E 1343 23.04 -11.04 -1.71
N ILE E 1344 22.02 -10.19 -1.83
CA ILE E 1344 20.87 -10.53 -2.67
C ILE E 1344 21.31 -10.75 -4.10
N GLU E 1345 22.18 -9.89 -4.61
CA GLU E 1345 22.69 -10.06 -5.96
C GLU E 1345 23.45 -11.36 -6.12
N LEU E 1346 24.06 -11.85 -5.03
CA LEU E 1346 24.72 -13.14 -5.02
C LEU E 1346 23.85 -14.24 -4.44
N ASN E 1347 22.53 -14.04 -4.45
CA ASN E 1347 21.53 -15.07 -4.17
C ASN E 1347 21.38 -15.36 -2.68
N GLY E 1348 21.70 -14.38 -1.84
CA GLY E 1348 21.36 -14.45 -0.43
C GLY E 1348 19.91 -14.08 -0.18
N VAL E 1349 19.53 -14.10 1.08
CA VAL E 1349 18.18 -13.73 1.51
C VAL E 1349 18.23 -12.40 2.21
N LEU E 1350 17.14 -11.64 2.11
CA LEU E 1350 17.11 -10.26 2.61
C LEU E 1350 17.14 -10.25 4.13
N ASP E 1351 18.05 -9.47 4.69
CA ASP E 1351 18.18 -9.29 6.14
C ASP E 1351 18.22 -7.80 6.42
N ALA E 1352 17.11 -7.26 6.90
CA ALA E 1352 17.00 -5.84 7.21
C ALA E 1352 15.74 -5.62 8.03
N PRO E 1353 15.68 -4.57 8.83
CA PRO E 1353 14.44 -4.26 9.55
C PRO E 1353 13.29 -4.01 8.57
N LEU E 1354 12.08 -4.36 9.02
CA LEU E 1354 10.92 -4.24 8.16
C LEU E 1354 10.67 -2.79 7.77
N SER E 1355 10.97 -1.86 8.67
CA SER E 1355 10.84 -0.44 8.33
C SER E 1355 11.81 -0.07 7.21
N MET E 1356 13.05 -0.56 7.26
CA MET E 1356 13.98 -0.33 6.17
C MET E 1356 13.47 -0.92 4.86
N ILE E 1357 12.96 -2.15 4.91
CA ILE E 1357 12.48 -2.79 3.69
C ILE E 1357 11.33 -1.99 3.10
N SER E 1358 10.44 -1.47 3.95
CA SER E 1358 9.32 -0.68 3.47
C SER E 1358 9.78 0.65 2.89
N THR E 1359 10.77 1.28 3.51
CA THR E 1359 11.16 2.62 3.09
C THR E 1359 12.13 2.62 1.91
N VAL E 1360 13.33 2.05 2.08
CA VAL E 1360 14.35 2.19 1.03
C VAL E 1360 14.17 1.13 -0.05
N GLY E 1361 13.60 -0.02 0.30
CA GLY E 1361 13.21 -0.97 -0.72
C GLY E 1361 14.32 -1.70 -1.45
N LEU E 1362 14.96 -2.65 -0.77
CA LEU E 1362 15.95 -3.60 -1.28
C LEU E 1362 17.35 -3.01 -1.41
N GLU E 1363 17.50 -1.78 -0.94
CA GLU E 1363 18.86 -1.23 -0.79
C GLU E 1363 19.10 -1.49 0.70
N SER E 1364 18.04 -1.89 1.43
CA SER E 1364 18.13 -2.11 2.85
C SER E 1364 19.14 -3.18 3.21
N GLY E 1365 19.41 -4.12 2.29
CA GLY E 1365 20.44 -5.11 2.57
C GLY E 1365 21.81 -4.50 2.78
N ASN E 1366 22.26 -3.74 1.78
CA ASN E 1366 23.55 -3.06 1.91
C ASN E 1366 23.53 -2.04 3.04
N LEU E 1367 22.41 -1.31 3.18
CA LEU E 1367 22.33 -0.32 4.26
C LEU E 1367 22.47 -0.97 5.63
N TYR E 1368 21.77 -2.08 5.85
CA TYR E 1368 21.84 -2.76 7.14
C TYR E 1368 23.22 -3.35 7.37
N PHE E 1369 23.85 -3.90 6.33
CA PHE E 1369 25.20 -4.43 6.49
C PHE E 1369 26.16 -3.32 6.90
N LEU E 1370 26.07 -2.17 6.24
CA LEU E 1370 26.96 -1.06 6.57
C LEU E 1370 26.69 -0.53 7.98
N ILE E 1371 25.41 -0.46 8.38
CA ILE E 1371 25.08 0.04 9.71
C ILE E 1371 25.57 -0.92 10.79
N LYS E 1372 25.46 -2.23 10.54
CA LYS E 1372 25.99 -3.20 11.48
C LYS E 1372 27.50 -3.07 11.59
N LEU E 1373 28.18 -2.86 10.45
CA LEU E 1373 29.62 -2.64 10.49
C LEU E 1373 29.97 -1.41 11.32
N LEU E 1374 29.20 -0.33 11.16
CA LEU E 1374 29.44 0.88 11.96
C LEU E 1374 29.26 0.58 13.44
N SER E 1375 28.12 -0.02 13.81
CA SER E 1375 27.84 -0.29 15.22
C SER E 1375 28.86 -1.25 15.81
N LYS E 1376 29.51 -2.06 14.99
CA LYS E 1376 30.50 -3.00 15.49
C LYS E 1376 31.90 -2.40 15.61
N TYR E 1377 32.31 -1.56 14.67
CA TYR E 1377 33.70 -1.14 14.60
C TYR E 1377 33.95 0.32 14.93
N THR E 1378 32.92 1.13 15.11
CA THR E 1378 33.14 2.52 15.49
C THR E 1378 33.65 2.59 16.93
N PRO E 1379 34.51 3.55 17.25
CA PRO E 1379 34.99 3.68 18.63
C PRO E 1379 33.85 4.02 19.58
N VAL E 1380 34.02 3.62 20.85
CA VAL E 1380 32.95 3.75 21.83
C VAL E 1380 32.52 5.21 22.00
N MET E 1381 33.44 6.14 21.83
CA MET E 1381 33.10 7.56 22.00
C MET E 1381 32.05 7.99 20.99
N GLN E 1382 32.18 7.57 19.74
CA GLN E 1382 31.27 7.97 18.68
C GLN E 1382 30.17 6.94 18.42
N LYS E 1383 30.07 5.91 19.25
CA LYS E 1383 29.11 4.84 18.98
C LYS E 1383 27.69 5.34 19.03
N ARG E 1384 27.45 6.41 19.80
CA ARG E 1384 26.08 6.96 19.93
C ARG E 1384 26.00 8.32 19.24
N GLU E 1385 26.92 8.61 18.32
CA GLU E 1385 26.86 9.83 17.54
C GLU E 1385 26.03 9.62 16.28
N SER E 1386 25.98 10.65 15.45
CA SER E 1386 25.25 10.56 14.20
C SER E 1386 26.03 9.74 13.17
N VAL E 1387 25.32 9.32 12.12
CA VAL E 1387 25.91 8.43 11.13
C VAL E 1387 27.06 9.12 10.41
N VAL E 1388 26.95 10.43 10.18
CA VAL E 1388 28.00 11.15 9.47
C VAL E 1388 29.29 11.15 10.29
N ASN E 1389 29.17 11.38 11.60
CA ASN E 1389 30.36 11.33 12.46
C ASN E 1389 30.93 9.92 12.52
N GLN E 1390 30.07 8.90 12.63
CA GLN E 1390 30.56 7.53 12.69
C GLN E 1390 31.27 7.15 11.40
N ILE E 1391 30.77 7.64 10.26
CA ILE E 1391 31.45 7.39 8.99
C ILE E 1391 32.76 8.15 8.92
N ALA E 1392 32.79 9.37 9.44
CA ALA E 1392 34.04 10.12 9.51
C ALA E 1392 35.08 9.40 10.35
N GLU E 1393 34.64 8.60 11.32
CA GLU E 1393 35.56 7.82 12.13
C GLU E 1393 35.97 6.50 11.49
N VAL E 1394 35.64 6.29 10.21
CA VAL E 1394 35.99 5.04 9.54
C VAL E 1394 37.48 4.93 9.30
N LYS E 1395 38.16 6.06 9.09
CA LYS E 1395 39.59 6.02 8.79
C LYS E 1395 40.38 5.36 9.92
N ASN E 1396 39.84 5.35 11.14
CA ASN E 1396 40.52 4.73 12.26
C ASN E 1396 40.29 3.22 12.34
N TRP E 1397 39.49 2.66 11.43
CA TRP E 1397 39.24 1.22 11.45
C TRP E 1397 40.50 0.44 11.12
N LYS E 1398 40.60 -0.76 11.68
CA LYS E 1398 41.65 -1.70 11.35
C LYS E 1398 41.06 -2.80 10.48
N VAL E 1399 41.50 -2.86 9.23
CA VAL E 1399 40.93 -3.81 8.28
C VAL E 1399 41.28 -5.25 8.67
N GLU E 1400 42.33 -5.44 9.46
CA GLU E 1400 42.71 -6.79 9.87
C GLU E 1400 41.67 -7.40 10.80
N ASP E 1401 40.95 -6.57 11.55
CA ASP E 1401 39.97 -7.09 12.50
C ASP E 1401 38.71 -7.57 11.81
N LEU E 1402 38.50 -7.17 10.55
CA LEU E 1402 37.30 -7.55 9.82
C LEU E 1402 37.27 -9.07 9.60
N THR E 1403 36.09 -9.66 9.79
CA THR E 1403 35.92 -11.08 9.56
C THR E 1403 35.91 -11.36 8.06
N ASP E 1404 35.96 -12.66 7.72
CA ASP E 1404 36.02 -13.05 6.31
C ASP E 1404 34.73 -12.69 5.59
N ASN E 1405 33.58 -12.89 6.24
CA ASN E 1405 32.31 -12.54 5.62
C ASN E 1405 32.22 -11.05 5.34
N GLU E 1406 32.61 -10.23 6.32
CA GLU E 1406 32.59 -8.78 6.13
C GLU E 1406 33.55 -8.35 5.04
N ILE E 1407 34.74 -8.95 5.00
CA ILE E 1407 35.70 -8.63 3.95
C ILE E 1407 35.13 -8.97 2.59
N PHE E 1408 34.50 -10.14 2.46
CA PHE E 1408 33.93 -10.57 1.19
C PHE E 1408 32.82 -9.62 0.74
N ARG E 1409 31.91 -9.27 1.65
CA ARG E 1409 30.82 -8.37 1.29
C ARG E 1409 31.34 -6.97 0.94
N LEU E 1410 32.33 -6.48 1.68
CA LEU E 1410 32.90 -5.17 1.39
C LEU E 1410 33.59 -5.16 0.05
N LYS E 1411 34.31 -6.24 -0.29
CA LYS E 1411 34.93 -6.35 -1.60
C LYS E 1411 33.87 -6.36 -2.70
N ILE E 1412 32.77 -7.08 -2.46
CA ILE E 1412 31.68 -7.11 -3.43
C ILE E 1412 31.14 -5.70 -3.67
N LEU E 1413 30.88 -4.96 -2.58
CA LEU E 1413 30.37 -3.60 -2.73
C LEU E 1413 31.38 -2.69 -3.41
N ARG E 1414 32.66 -2.83 -3.07
CA ARG E 1414 33.67 -1.94 -3.61
C ARG E 1414 33.88 -2.16 -5.10
N TYR E 1415 33.95 -3.41 -5.55
CA TYR E 1415 34.37 -3.70 -6.92
C TYR E 1415 33.23 -4.08 -7.85
N LEU E 1416 32.26 -4.86 -7.39
CA LEU E 1416 31.14 -5.24 -8.25
C LEU E 1416 30.07 -4.17 -8.34
N VAL E 1417 29.87 -3.39 -7.28
CA VAL E 1417 28.84 -2.37 -7.26
C VAL E 1417 29.38 -1.00 -7.65
N LEU E 1418 30.54 -0.63 -7.11
CA LEU E 1418 31.16 0.64 -7.39
C LEU E 1418 32.32 0.46 -8.37
N ASP E 1419 32.94 1.58 -8.75
CA ASP E 1419 34.01 1.59 -9.73
C ASP E 1419 35.35 1.82 -9.05
N ALA E 1420 36.41 1.32 -9.67
CA ALA E 1420 37.75 1.46 -9.11
C ALA E 1420 38.25 2.90 -9.21
N GLU E 1421 37.73 3.67 -10.15
CA GLU E 1421 38.22 5.03 -10.35
C GLU E 1421 37.75 5.97 -9.25
N MET E 1422 36.70 5.58 -8.51
CA MET E 1422 36.18 6.44 -7.45
C MET E 1422 37.23 6.65 -6.36
N ASP E 1423 37.25 7.86 -5.82
CA ASP E 1423 38.22 8.30 -4.83
C ASP E 1423 37.48 8.86 -3.63
N PRO E 1424 38.01 8.64 -2.42
CA PRO E 1424 37.33 9.17 -1.23
C PRO E 1424 37.28 10.69 -1.17
N SER E 1425 38.11 11.38 -1.94
CA SER E 1425 38.10 12.84 -1.96
C SER E 1425 36.96 13.41 -2.78
N ASP E 1426 36.17 12.58 -3.45
CA ASP E 1426 35.08 13.07 -4.28
C ASP E 1426 34.05 13.78 -3.43
N ILE E 1427 33.45 14.83 -4.01
CA ILE E 1427 32.46 15.63 -3.30
C ILE E 1427 31.06 15.29 -3.79
N MET E 1428 30.97 14.74 -5.01
CA MET E 1428 29.71 14.28 -5.57
C MET E 1428 29.91 12.97 -6.29
N GLY E 1429 28.94 12.07 -6.18
CA GLY E 1429 29.02 10.77 -6.81
C GLY E 1429 27.65 10.23 -7.13
N GLU E 1430 27.65 9.11 -7.85
CA GLU E 1430 26.38 8.49 -8.30
C GLU E 1430 25.66 7.85 -7.12
N THR E 1431 24.34 7.90 -7.13
CA THR E 1431 23.51 7.37 -6.07
C THR E 1431 23.09 5.94 -6.41
N SER E 1432 22.66 5.21 -5.39
CA SER E 1432 22.28 3.80 -5.58
C SER E 1432 21.13 3.65 -6.57
N ASP E 1433 20.32 4.69 -6.75
CA ASP E 1433 19.26 4.62 -7.75
C ASP E 1433 19.80 4.80 -9.16
N MET E 1434 21.03 5.29 -9.28
CA MET E 1434 21.64 5.48 -10.59
C MET E 1434 22.33 4.22 -11.11
N ARG E 1435 22.36 3.14 -10.35
CA ARG E 1435 23.06 1.93 -10.74
C ARG E 1435 22.17 0.70 -10.53
N GLY E 1436 22.37 -0.31 -11.38
CA GLY E 1436 21.66 -1.57 -11.20
C GLY E 1436 22.33 -2.46 -10.17
N ARG E 1437 21.64 -3.56 -9.83
CA ARG E 1437 22.16 -4.50 -8.81
C ARG E 1437 22.29 -5.92 -9.36
N SER E 1438 21.79 -6.19 -10.57
CA SER E 1438 21.80 -7.53 -11.12
C SER E 1438 23.23 -7.90 -11.53
N ILE E 1439 23.67 -9.08 -11.11
CA ILE E 1439 24.99 -9.59 -11.45
C ILE E 1439 24.90 -10.89 -12.25
N LEU E 1440 24.12 -11.85 -11.75
CA LEU E 1440 23.99 -13.17 -12.35
C LEU E 1440 22.62 -13.26 -13.02
N THR E 1441 22.57 -12.95 -14.30
CA THR E 1441 21.34 -13.04 -15.07
C THR E 1441 21.51 -14.06 -16.19
N PRO E 1442 20.73 -15.14 -16.21
CA PRO E 1442 20.88 -16.15 -17.27
C PRO E 1442 20.52 -15.58 -18.63
N ARG E 1443 21.19 -16.10 -19.66
CA ARG E 1443 20.92 -15.75 -21.04
C ARG E 1443 20.26 -16.93 -21.74
N LYS E 1444 19.31 -16.63 -22.62
CA LYS E 1444 18.57 -17.70 -23.33
C LYS E 1444 18.68 -17.50 -24.84
N PHE E 1445 18.83 -18.58 -25.60
CA PHE E 1445 18.83 -18.45 -27.08
C PHE E 1445 17.36 -18.52 -27.51
N THR E 1446 16.71 -17.38 -27.67
CA THR E 1446 15.25 -17.40 -27.95
C THR E 1446 14.94 -16.69 -29.28
N THR E 1447 14.13 -17.35 -30.13
CA THR E 1447 13.74 -16.75 -31.44
C THR E 1447 12.86 -15.52 -31.20
N ALA E 1448 13.01 -14.49 -32.03
CA ALA E 1448 12.25 -13.22 -31.84
C ALA E 1448 10.75 -13.46 -32.00
N GLY E 1449 10.33 -14.24 -33.00
CA GLY E 1449 8.89 -14.42 -33.27
C GLY E 1449 8.54 -13.99 -34.68
N SER E 1450 7.25 -13.96 -35.03
CA SER E 1450 6.85 -13.65 -36.40
C SER E 1450 7.00 -12.16 -36.70
N LEU E 1451 6.24 -11.33 -35.99
CA LEU E 1451 6.28 -9.87 -36.14
C LEU E 1451 5.98 -9.43 -37.57
N ARG E 1452 5.13 -10.17 -38.28
CA ARG E 1452 4.81 -9.85 -39.66
C ARG E 1452 3.84 -8.67 -39.78
N LYS E 1453 2.89 -8.56 -38.84
CA LYS E 1453 1.81 -7.59 -38.99
C LYS E 1453 2.25 -6.16 -38.68
N LEU E 1454 3.49 -5.94 -38.27
CA LEU E 1454 3.93 -4.62 -37.86
C LEU E 1454 4.49 -3.87 -39.06
N TYR E 1455 3.79 -2.80 -39.46
CA TYR E 1455 4.27 -1.95 -40.54
C TYR E 1455 5.61 -1.32 -40.20
N SER E 1456 5.77 -0.88 -38.94
CA SER E 1456 7.04 -0.33 -38.51
C SER E 1456 8.16 -1.37 -38.58
N PHE E 1457 7.86 -2.62 -38.20
CA PHE E 1457 8.88 -3.66 -38.29
C PHE E 1457 9.25 -3.96 -39.74
N SER E 1458 8.26 -3.93 -40.64
CA SER E 1458 8.56 -4.11 -42.06
C SER E 1458 9.46 -2.97 -42.56
N LYS E 1459 9.16 -1.74 -42.15
CA LYS E 1459 10.01 -0.61 -42.52
C LYS E 1459 11.42 -0.78 -41.96
N TYR E 1460 11.53 -1.28 -40.72
CA TYR E 1460 12.84 -1.50 -40.12
C TYR E 1460 13.62 -2.56 -40.87
N GLN E 1461 12.95 -3.64 -41.29
CA GLN E 1461 13.63 -4.66 -42.07
C GLN E 1461 14.07 -4.13 -43.43
N ASP E 1462 13.24 -3.29 -44.05
CA ASP E 1462 13.62 -2.67 -45.32
C ASP E 1462 14.84 -1.77 -45.13
N ARG E 1463 14.86 -0.99 -44.05
CA ARG E 1463 15.99 -0.13 -43.76
C ARG E 1463 17.25 -0.94 -43.48
N LEU E 1464 17.11 -2.06 -42.77
CA LEU E 1464 18.26 -2.93 -42.51
C LEU E 1464 18.79 -3.53 -43.80
N SER E 1465 17.90 -3.98 -44.69
CA SER E 1465 18.34 -4.51 -45.98
C SER E 1465 18.80 -3.39 -46.90
N SER E 1466 18.40 -2.16 -46.60
CA SER E 1466 18.88 -1.02 -47.37
C SER E 1466 20.40 -0.88 -47.17
N PRO E 1467 21.14 -0.38 -48.15
CA PRO E 1467 22.59 -0.31 -48.00
C PRO E 1467 22.97 0.75 -46.98
N GLY E 1468 23.33 0.30 -45.78
CA GLY E 1468 23.89 1.17 -44.77
C GLY E 1468 22.94 2.15 -44.11
N GLY E 1469 21.64 1.89 -44.11
CA GLY E 1469 20.72 2.80 -43.44
C GLY E 1469 20.97 2.92 -41.95
N MET E 1470 21.50 1.84 -41.38
CA MET E 1470 21.75 1.79 -39.94
C MET E 1470 22.71 2.88 -39.50
N VAL E 1471 23.73 3.19 -40.32
CA VAL E 1471 24.72 4.16 -39.86
C VAL E 1471 24.12 5.55 -39.79
N GLU E 1472 23.17 5.85 -40.70
CA GLU E 1472 22.49 7.17 -40.63
C GLU E 1472 21.56 7.21 -39.43
N LEU E 1473 20.77 6.15 -39.20
CA LEU E 1473 19.82 6.15 -38.07
C LEU E 1473 20.61 6.27 -36.76
N PHE E 1474 21.70 5.52 -36.64
CA PHE E 1474 22.55 5.58 -35.42
C PHE E 1474 23.15 6.99 -35.31
N THR E 1475 23.59 7.56 -36.43
CA THR E 1475 24.20 8.92 -36.42
C THR E 1475 23.16 9.94 -35.94
N TYR E 1476 21.91 9.79 -36.37
CA TYR E 1476 20.84 10.73 -35.96
C TYR E 1476 20.66 10.63 -34.45
N LEU E 1477 20.71 9.40 -33.92
CA LEU E 1477 20.53 9.20 -32.47
C LEU E 1477 21.72 9.77 -31.71
N LEU E 1478 22.94 9.70 -32.26
CA LEU E 1478 24.03 10.41 -31.59
C LEU E 1478 23.83 11.91 -31.61
N GLU E 1479 23.40 12.45 -32.75
CA GLU E 1479 23.22 13.89 -32.86
C GLU E 1479 22.13 14.40 -31.93
N LYS E 1480 21.13 13.55 -31.65
CA LYS E 1480 20.07 13.87 -30.70
C LYS E 1480 20.02 12.78 -29.63
N PRO E 1481 20.97 12.77 -28.70
CA PRO E 1481 21.03 11.68 -27.72
C PRO E 1481 19.86 11.66 -26.76
N GLU E 1482 19.19 12.79 -26.52
CA GLU E 1482 18.09 12.81 -25.56
C GLU E 1482 16.92 11.97 -26.04
N LEU E 1483 16.86 11.65 -27.34
CA LEU E 1483 15.82 10.78 -27.85
C LEU E 1483 15.94 9.36 -27.28
N LEU E 1484 17.13 9.00 -26.81
CA LEU E 1484 17.33 7.64 -26.30
C LEU E 1484 16.56 7.42 -25.00
N VAL E 1485 16.45 8.44 -24.16
CA VAL E 1485 15.81 8.30 -22.86
C VAL E 1485 14.52 9.09 -22.71
N THR E 1486 14.24 10.02 -23.61
CA THR E 1486 13.05 10.87 -23.50
C THR E 1486 12.23 10.78 -24.77
N LYS E 1487 10.95 11.10 -24.64
CA LYS E 1487 10.05 11.10 -25.79
C LYS E 1487 10.44 12.22 -26.76
N GLY E 1488 10.42 11.90 -28.05
CA GLY E 1488 10.69 12.91 -29.05
C GLY E 1488 9.50 13.84 -29.23
N GLU E 1489 9.79 15.10 -29.56
CA GLU E 1489 8.72 16.11 -29.72
C GLU E 1489 8.37 16.29 -31.20
N ASP E 1490 9.01 15.53 -32.10
CA ASP E 1490 8.79 15.73 -33.56
C ASP E 1490 8.51 14.38 -34.20
N MET E 1491 7.79 14.36 -35.32
CA MET E 1491 7.43 13.09 -35.99
C MET E 1491 8.70 12.37 -36.43
N LYS E 1492 9.68 13.12 -36.95
CA LYS E 1492 10.94 12.51 -37.41
C LYS E 1492 11.60 11.83 -36.20
N ASP E 1493 11.65 12.53 -35.07
CA ASP E 1493 12.32 11.97 -33.87
C ASP E 1493 11.62 10.68 -33.45
N TYR E 1494 10.29 10.66 -33.49
CA TYR E 1494 9.52 9.47 -33.06
C TYR E 1494 9.80 8.33 -34.03
N MET E 1495 9.73 8.61 -35.33
CA MET E 1495 9.90 7.54 -36.32
C MET E 1495 11.29 6.93 -36.17
N GLU E 1496 12.31 7.75 -35.91
CA GLU E 1496 13.66 7.22 -35.70
C GLU E 1496 13.72 6.36 -34.45
N SER E 1497 13.08 6.80 -33.36
CA SER E 1497 13.09 6.01 -32.14
C SER E 1497 12.37 4.68 -32.33
N VAL E 1498 11.23 4.71 -33.04
CA VAL E 1498 10.48 3.47 -33.26
C VAL E 1498 11.28 2.48 -34.07
N ILE E 1499 11.96 2.97 -35.12
CA ILE E 1499 12.85 2.09 -35.89
C ILE E 1499 13.97 1.56 -35.00
N PHE E 1500 14.53 2.41 -34.13
CA PHE E 1500 15.66 1.99 -33.33
C PHE E 1500 15.30 0.92 -32.30
N ARG E 1501 14.10 0.99 -31.70
CA ARG E 1501 13.79 0.06 -30.62
C ARG E 1501 13.81 -1.38 -31.11
N TYR E 1502 13.62 -1.61 -32.41
CA TYR E 1502 13.61 -2.97 -32.93
C TYR E 1502 14.99 -3.62 -32.82
N ASN E 1503 16.05 -2.83 -32.65
CA ASN E 1503 17.37 -3.40 -32.49
C ASN E 1503 17.49 -4.19 -31.19
N SER E 1504 16.87 -3.70 -30.12
CA SER E 1504 16.91 -4.39 -28.84
C SER E 1504 16.11 -5.68 -28.91
N LYS E 1505 16.72 -6.79 -28.48
CA LYS E 1505 16.07 -8.08 -28.58
C LYS E 1505 14.94 -8.21 -27.57
N ARG E 1506 15.10 -7.61 -26.40
CA ARG E 1506 14.10 -7.76 -25.34
C ARG E 1506 12.78 -7.11 -25.74
N PHE E 1507 12.83 -5.99 -26.45
CA PHE E 1507 11.60 -5.36 -26.92
C PHE E 1507 10.84 -6.28 -27.88
N LYS E 1508 11.56 -6.92 -28.80
CA LYS E 1508 10.91 -7.83 -29.73
C LYS E 1508 10.34 -9.04 -29.01
N GLU E 1509 11.08 -9.54 -28.03
CA GLU E 1509 10.58 -10.68 -27.22
C GLU E 1509 9.27 -10.26 -26.56
N SER E 1510 9.23 -9.06 -25.97
CA SER E 1510 8.00 -8.56 -25.37
C SER E 1510 6.88 -8.44 -26.40
N LEU E 1511 7.25 -8.04 -27.63
CA LEU E 1511 6.26 -7.92 -28.69
C LEU E 1511 5.61 -9.26 -29.00
N SER E 1512 6.41 -10.32 -29.05
CA SER E 1512 5.84 -11.66 -29.17
C SER E 1512 5.17 -12.06 -27.86
N ILE E 1513 4.08 -12.81 -27.96
CA ILE E 1513 3.35 -13.26 -26.78
C ILE E 1513 4.10 -14.45 -26.16
N GLN E 1514 4.31 -14.39 -24.85
CA GLN E 1514 5.08 -15.40 -24.13
C GLN E 1514 4.31 -15.90 -22.94
N ASN E 1515 4.37 -17.20 -22.69
CA ASN E 1515 3.65 -17.80 -21.58
C ASN E 1515 4.52 -17.79 -20.32
N PRO E 1516 4.06 -17.16 -19.24
CA PRO E 1516 4.85 -17.22 -17.99
C PRO E 1516 5.06 -18.63 -17.50
N ALA E 1517 4.08 -19.52 -17.71
CA ALA E 1517 4.25 -20.91 -17.32
C ALA E 1517 5.38 -21.56 -18.10
N GLN E 1518 5.47 -21.29 -19.40
CA GLN E 1518 6.55 -21.85 -20.21
C GLN E 1518 7.89 -21.27 -19.80
N LEU E 1519 7.93 -19.96 -19.52
CA LEU E 1519 9.17 -19.34 -19.08
C LEU E 1519 9.68 -19.90 -17.77
N PHE E 1520 8.77 -20.14 -16.81
CA PHE E 1520 9.16 -20.71 -15.52
C PHE E 1520 9.77 -22.10 -15.71
N ILE E 1521 9.14 -22.92 -16.56
CA ILE E 1521 9.65 -24.27 -16.79
C ILE E 1521 10.99 -24.23 -17.51
N GLU E 1522 11.14 -23.31 -18.47
CA GLU E 1522 12.42 -23.18 -19.15
C GLU E 1522 13.52 -22.77 -18.19
N GLN E 1523 13.22 -21.84 -17.28
CA GLN E 1523 14.21 -21.42 -16.30
C GLN E 1523 14.59 -22.59 -15.39
N ILE E 1524 13.63 -23.43 -15.03
CA ILE E 1524 13.95 -24.61 -14.25
C ILE E 1524 14.86 -25.55 -15.04
N LEU E 1525 14.51 -25.81 -16.30
CA LEU E 1525 15.23 -26.82 -17.07
C LEU E 1525 16.65 -26.39 -17.39
N PHE E 1526 16.85 -25.11 -17.71
CA PHE E 1526 18.16 -24.60 -18.11
C PHE E 1526 19.01 -24.17 -16.93
N SER E 1527 18.75 -24.70 -15.73
CA SER E 1527 19.47 -24.25 -14.55
C SER E 1527 20.90 -24.79 -14.53
N HIS E 1528 21.15 -25.92 -15.19
CA HIS E 1528 22.48 -26.52 -15.22
C HIS E 1528 23.28 -26.18 -16.46
N LYS E 1529 22.68 -25.54 -17.44
CA LYS E 1529 23.39 -25.23 -18.67
C LYS E 1529 24.13 -23.91 -18.54
N PRO E 1530 25.22 -23.73 -19.31
CA PRO E 1530 26.01 -22.49 -19.21
C PRO E 1530 25.22 -21.30 -19.74
N VAL E 1531 24.78 -20.43 -18.82
CA VAL E 1531 23.90 -19.33 -19.18
C VAL E 1531 24.49 -18.01 -18.72
N ILE E 1532 25.36 -18.05 -17.71
CA ILE E 1532 25.94 -16.81 -17.21
C ILE E 1532 27.14 -16.42 -18.06
N ASP E 1533 27.15 -15.18 -18.51
CA ASP E 1533 28.26 -14.61 -19.27
C ASP E 1533 29.18 -13.93 -18.27
N PHE E 1534 30.25 -14.62 -17.89
CA PHE E 1534 31.13 -14.11 -16.84
C PHE E 1534 32.06 -13.04 -17.36
N SER E 1535 32.19 -12.88 -18.68
CA SER E 1535 33.04 -11.83 -19.22
C SER E 1535 32.53 -10.45 -18.81
N GLY E 1536 31.21 -10.24 -18.88
CA GLY E 1536 30.65 -8.97 -18.47
C GLY E 1536 30.85 -8.70 -16.99
N ILE E 1537 30.70 -9.74 -16.17
CA ILE E 1537 30.92 -9.59 -14.73
C ILE E 1537 32.38 -9.23 -14.45
N ARG E 1538 33.31 -9.91 -15.12
CA ARG E 1538 34.72 -9.61 -14.94
C ARG E 1538 35.07 -8.21 -15.42
N ASP E 1539 34.34 -7.72 -16.43
CA ASP E 1539 34.56 -6.37 -16.95
C ASP E 1539 34.27 -5.31 -15.90
N LYS E 1540 33.55 -5.66 -14.84
CA LYS E 1540 33.22 -4.68 -13.81
C LYS E 1540 34.46 -4.27 -13.01
N TYR E 1541 35.26 -5.24 -12.58
CA TYR E 1541 36.53 -4.92 -11.92
C TYR E 1541 37.62 -4.87 -12.98
N ILE E 1542 38.89 -4.87 -12.54
CA ILE E 1542 40.01 -4.65 -13.45
C ILE E 1542 40.00 -5.68 -14.56
N ASN E 1543 40.00 -5.20 -15.80
CA ASN E 1543 40.01 -6.05 -16.98
C ASN E 1543 38.87 -7.06 -16.97
N LEU E 1557 37.08 -17.24 -23.84
CA LEU E 1557 36.15 -17.56 -22.77
C LEU E 1557 34.80 -18.00 -23.33
N GLY E 1558 33.89 -18.38 -22.44
CA GLY E 1558 32.57 -18.81 -22.84
C GLY E 1558 31.59 -18.57 -21.71
N LYS E 1559 30.34 -18.93 -21.97
CA LYS E 1559 29.31 -18.78 -20.93
C LYS E 1559 29.51 -19.82 -19.84
N VAL E 1560 28.97 -19.51 -18.66
CA VAL E 1560 29.32 -20.18 -17.42
C VAL E 1560 28.04 -20.53 -16.66
N THR E 1561 28.09 -21.65 -15.94
CA THR E 1561 26.98 -22.04 -15.07
C THR E 1561 27.01 -21.26 -13.76
N PHE E 1562 25.96 -21.42 -12.96
CA PHE E 1562 25.86 -20.69 -11.71
C PHE E 1562 26.98 -21.06 -10.74
N THR E 1563 27.24 -22.36 -10.59
CA THR E 1563 28.27 -22.81 -9.66
C THR E 1563 29.66 -22.36 -10.11
N GLU E 1564 29.96 -22.53 -11.39
CA GLU E 1564 31.26 -22.09 -11.89
C GLU E 1564 31.40 -20.58 -11.80
N ALA E 1565 30.29 -19.84 -11.95
CA ALA E 1565 30.34 -18.40 -11.78
C ALA E 1565 30.63 -18.01 -10.34
N TYR E 1566 30.03 -18.72 -9.38
CA TYR E 1566 30.37 -18.50 -7.98
C TYR E 1566 31.86 -18.72 -7.74
N ARG E 1567 32.37 -19.85 -8.24
CA ARG E 1567 33.78 -20.18 -8.04
C ARG E 1567 34.69 -19.13 -8.67
N LEU E 1568 34.37 -18.70 -9.89
CA LEU E 1568 35.19 -17.72 -10.58
C LEU E 1568 35.14 -16.37 -9.89
N LEU E 1569 33.98 -15.97 -9.38
CA LEU E 1569 33.87 -14.72 -8.65
C LEU E 1569 34.71 -14.76 -7.38
N MET E 1570 34.67 -15.87 -6.65
CA MET E 1570 35.51 -15.99 -5.47
C MET E 1570 36.99 -15.94 -5.82
N ARG E 1571 37.39 -16.62 -6.90
CA ARG E 1571 38.79 -16.58 -7.32
C ARG E 1571 39.21 -15.16 -7.66
N ASP E 1572 38.38 -14.45 -8.42
CA ASP E 1572 38.73 -13.08 -8.82
C ASP E 1572 38.81 -12.16 -7.60
N LEU E 1573 37.87 -12.29 -6.67
CA LEU E 1573 37.90 -11.44 -5.48
C LEU E 1573 39.02 -11.80 -4.51
N SER E 1574 39.56 -13.01 -4.58
CA SER E 1574 40.65 -13.38 -3.69
C SER E 1574 41.89 -12.52 -3.94
N SER E 1575 42.16 -12.20 -5.22
CA SER E 1575 43.37 -11.45 -5.54
C SER E 1575 43.26 -9.98 -5.17
N LEU E 1576 42.04 -9.43 -5.17
CA LEU E 1576 41.86 -8.02 -4.86
C LEU E 1576 42.12 -7.75 -3.39
N GLU E 1577 42.32 -6.47 -3.07
CA GLU E 1577 42.64 -6.05 -1.71
C GLU E 1577 41.66 -4.97 -1.27
N LEU E 1578 41.50 -4.85 0.05
CA LEU E 1578 40.59 -3.90 0.66
C LEU E 1578 41.34 -3.07 1.69
N THR E 1579 41.04 -1.77 1.73
CA THR E 1579 41.75 -0.84 2.59
C THR E 1579 40.76 0.14 3.19
N ASN E 1580 41.20 0.83 4.24
CA ASN E 1580 40.37 1.88 4.86
C ASN E 1580 39.92 2.89 3.81
N ASP E 1581 40.77 3.17 2.82
CA ASP E 1581 40.36 4.03 1.71
C ASP E 1581 39.16 3.45 0.98
N ASP E 1582 39.20 2.15 0.68
CA ASP E 1582 38.08 1.51 0.00
C ASP E 1582 36.81 1.55 0.85
N ILE E 1583 36.95 1.31 2.15
CA ILE E 1583 35.79 1.36 3.04
C ILE E 1583 35.19 2.76 3.08
N GLN E 1584 36.05 3.78 3.12
CA GLN E 1584 35.56 5.15 3.07
C GLN E 1584 34.84 5.43 1.77
N VAL E 1585 35.37 4.92 0.65
CA VAL E 1585 34.70 5.08 -0.64
C VAL E 1585 33.32 4.45 -0.59
N ILE E 1586 33.24 3.24 -0.05
CA ILE E 1586 31.96 2.51 0.01
C ILE E 1586 30.95 3.30 0.82
N TYR E 1587 31.35 3.75 2.01
CA TYR E 1587 30.42 4.47 2.88
C TYR E 1587 29.97 5.78 2.24
N SER E 1588 30.91 6.53 1.66
CA SER E 1588 30.57 7.80 1.03
C SER E 1588 29.65 7.60 -0.17
N TYR E 1589 29.87 6.57 -0.97
CA TYR E 1589 29.12 6.39 -2.19
C TYR E 1589 27.82 5.62 -1.99
N ILE E 1590 27.61 5.00 -0.84
CA ILE E 1590 26.37 4.28 -0.55
C ILE E 1590 25.46 5.08 0.38
N ILE E 1591 26.01 5.68 1.43
CA ILE E 1591 25.22 6.36 2.45
C ILE E 1591 25.28 7.87 2.31
N LEU E 1592 26.49 8.43 2.21
CA LEU E 1592 26.64 9.88 2.23
C LEU E 1592 26.05 10.56 1.00
N ASN E 1593 25.73 9.81 -0.04
CA ASN E 1593 25.10 10.41 -1.22
C ASN E 1593 23.66 10.80 -0.93
N ASP E 1594 22.86 9.85 -0.49
CA ASP E 1594 21.42 10.03 -0.44
C ASP E 1594 20.98 10.54 0.92
N PRO E 1595 20.30 11.69 0.99
CA PRO E 1595 19.72 12.11 2.27
C PRO E 1595 18.76 11.09 2.85
N MET E 1596 18.02 10.37 2.00
CA MET E 1596 17.14 9.33 2.50
C MET E 1596 17.91 8.21 3.17
N MET E 1597 19.02 7.78 2.55
CA MET E 1597 19.85 6.75 3.15
C MET E 1597 20.43 7.22 4.47
N ILE E 1598 20.89 8.48 4.53
CA ILE E 1598 21.41 9.02 5.78
C ILE E 1598 20.34 9.04 6.85
N THR E 1599 19.13 9.48 6.50
CA THR E 1599 18.05 9.54 7.46
C THR E 1599 17.68 8.16 7.98
N ILE E 1600 17.61 7.16 7.10
CA ILE E 1600 17.25 5.82 7.54
C ILE E 1600 18.34 5.23 8.45
N ALA E 1601 19.60 5.46 8.10
CA ALA E 1601 20.69 5.00 8.96
C ALA E 1601 20.62 5.67 10.33
N ASN E 1602 20.31 6.97 10.35
CA ASN E 1602 20.19 7.69 11.62
C ASN E 1602 19.03 7.14 12.44
N THR E 1603 17.90 6.85 11.80
CA THR E 1603 16.75 6.31 12.51
C THR E 1603 17.09 4.96 13.13
N HIS E 1604 17.82 4.12 12.40
CA HIS E 1604 18.19 2.83 12.97
C HIS E 1604 19.20 2.98 14.11
N ILE E 1605 20.18 3.87 13.95
CA ILE E 1605 21.24 3.97 14.95
C ILE E 1605 20.71 4.61 16.24
N LEU E 1606 19.90 5.65 16.11
CA LEU E 1606 19.58 6.55 17.22
C LEU E 1606 18.20 6.32 17.80
N SER E 1607 17.57 5.19 17.51
CA SER E 1607 16.20 4.98 17.94
C SER E 1607 16.12 4.66 19.43
N ILE E 1608 15.13 5.24 20.09
CA ILE E 1608 14.80 4.93 21.48
C ILE E 1608 13.34 4.49 21.51
N TYR E 1609 13.09 3.29 22.02
CA TYR E 1609 11.76 2.71 22.01
C TYR E 1609 11.06 2.94 23.35
N GLY E 1610 9.83 3.45 23.30
CA GLY E 1610 9.14 3.87 24.48
C GLY E 1610 8.11 2.90 25.02
N SER E 1611 7.04 3.44 25.60
CA SER E 1611 6.06 2.61 26.28
C SER E 1611 5.22 1.83 25.28
N PRO E 1612 5.11 0.52 25.42
CA PRO E 1612 4.22 -0.26 24.55
C PRO E 1612 2.76 0.09 24.78
N GLN E 1613 1.98 0.00 23.72
CA GLN E 1613 0.55 0.24 23.80
C GLN E 1613 -0.15 -0.45 22.64
N ARG E 1614 -1.39 -0.87 22.89
CA ARG E 1614 -2.19 -1.52 21.87
C ARG E 1614 -2.63 -0.51 20.82
N ARG E 1615 -2.67 -0.94 19.56
CA ARG E 1615 -3.17 -0.10 18.49
C ARG E 1615 -4.67 0.10 18.68
N MET E 1616 -5.05 1.28 19.14
CA MET E 1616 -6.44 1.56 19.49
C MET E 1616 -7.20 2.20 18.34
N GLY E 1617 -6.71 3.32 17.83
CA GLY E 1617 -7.29 3.92 16.65
C GLY E 1617 -6.24 4.19 15.58
N MET E 1618 -6.35 3.50 14.45
CA MET E 1618 -5.39 3.66 13.37
C MET E 1618 -5.79 4.81 12.45
N SER E 1619 -4.86 5.22 11.60
CA SER E 1619 -5.08 6.35 10.72
C SER E 1619 -4.18 6.24 9.50
N CYS E 1620 -4.59 6.90 8.42
CA CYS E 1620 -3.80 6.95 7.20
C CYS E 1620 -2.87 8.15 7.22
N SER E 1621 -1.66 7.95 6.73
CA SER E 1621 -0.69 9.03 6.61
C SER E 1621 0.25 8.72 5.46
N THR E 1622 0.42 9.68 4.57
CA THR E 1622 1.25 9.48 3.40
C THR E 1622 2.73 9.63 3.74
N MET E 1623 3.57 8.95 2.99
CA MET E 1623 5.01 9.07 3.18
C MET E 1623 5.48 10.45 2.72
N PRO E 1624 6.19 11.19 3.55
CA PRO E 1624 6.70 12.51 3.16
C PRO E 1624 7.91 12.36 2.25
N GLU E 1625 8.47 13.51 1.88
CA GLU E 1625 9.66 13.57 1.04
C GLU E 1625 10.90 13.62 1.91
N PHE E 1626 11.86 12.74 1.63
CA PHE E 1626 13.11 12.72 2.39
C PHE E 1626 14.17 13.64 1.80
N ARG E 1627 14.08 13.96 0.51
CA ARG E 1627 15.02 14.85 -0.16
C ARG E 1627 14.33 16.18 -0.37
N ASN E 1628 14.37 17.05 0.63
CA ASN E 1628 13.60 18.31 0.53
C ASN E 1628 14.31 19.34 -0.36
N LEU E 1629 15.61 19.56 -0.15
CA LEU E 1629 16.29 20.62 -0.94
C LEU E 1629 16.20 20.26 -2.42
N LYS E 1630 15.85 21.22 -3.26
CA LYS E 1630 15.72 20.98 -4.72
C LYS E 1630 16.75 21.84 -5.44
N LEU E 1631 17.51 21.25 -6.38
CA LEU E 1631 18.56 21.96 -7.07
C LEU E 1631 18.21 22.29 -8.52
N ILE E 1632 17.28 21.55 -9.12
CA ILE E 1632 16.88 21.72 -10.50
C ILE E 1632 15.40 22.08 -10.50
N HIS E 1633 15.04 23.14 -11.23
CA HIS E 1633 13.65 23.57 -11.25
C HIS E 1633 12.89 22.99 -12.43
N HIS E 1634 13.51 22.95 -13.60
CA HIS E 1634 12.83 22.55 -14.81
C HIS E 1634 12.62 21.03 -14.85
N SER E 1635 11.77 20.59 -15.78
CA SER E 1635 11.50 19.18 -15.94
C SER E 1635 12.75 18.45 -16.42
N PRO E 1636 12.94 17.18 -16.01
CA PRO E 1636 14.14 16.46 -16.43
C PRO E 1636 14.29 16.34 -17.93
N ALA E 1637 13.18 16.14 -18.65
CA ALA E 1637 13.25 16.05 -20.10
C ALA E 1637 13.73 17.38 -20.71
N LEU E 1638 13.20 18.49 -20.21
CA LEU E 1638 13.62 19.79 -20.72
C LEU E 1638 15.08 20.07 -20.41
N VAL E 1639 15.53 19.71 -19.20
CA VAL E 1639 16.92 19.92 -18.83
C VAL E 1639 17.84 19.08 -19.70
N LEU E 1640 17.47 17.83 -19.94
CA LEU E 1640 18.29 16.97 -20.80
C LEU E 1640 18.32 17.48 -22.23
N ARG E 1641 17.19 17.96 -22.73
CA ARG E 1641 17.17 18.53 -24.08
C ARG E 1641 18.06 19.76 -24.16
N ALA E 1642 18.04 20.61 -23.13
CA ALA E 1642 18.91 21.78 -23.13
C ALA E 1642 20.37 21.38 -23.05
N TYR E 1643 20.68 20.32 -22.29
CA TYR E 1643 22.07 19.91 -22.15
C TYR E 1643 22.59 19.25 -23.41
N SER E 1644 21.73 18.56 -24.15
CA SER E 1644 22.15 17.94 -25.41
C SER E 1644 22.67 18.99 -26.39
N LYS E 1645 21.94 20.08 -26.50
CA LYS E 1645 22.44 21.28 -27.17
C LYS E 1645 23.19 22.13 -26.16
N ASN E 1646 23.48 23.37 -26.52
CA ASN E 1646 24.11 24.32 -25.62
C ASN E 1646 23.30 25.60 -25.46
N ASN E 1647 22.01 25.55 -25.78
CA ASN E 1647 21.16 26.74 -25.74
C ASN E 1647 20.29 26.69 -24.50
N PRO E 1648 20.48 27.58 -23.52
CA PRO E 1648 19.52 27.65 -22.41
C PRO E 1648 18.12 28.02 -22.87
N ASP E 1649 18.00 28.72 -24.00
CA ASP E 1649 16.72 29.13 -24.53
C ASP E 1649 16.13 28.01 -25.36
N ILE E 1650 15.14 27.30 -24.80
CA ILE E 1650 14.48 26.19 -25.48
C ILE E 1650 12.97 26.43 -25.40
N GLN E 1651 12.26 25.84 -26.36
CA GLN E 1651 10.80 25.90 -26.37
C GLN E 1651 10.23 25.42 -25.05
N GLY E 1652 9.43 26.28 -24.41
CA GLY E 1652 8.86 25.95 -23.12
C GLY E 1652 9.82 26.06 -21.96
N ALA E 1653 11.00 26.64 -22.16
CA ALA E 1653 12.01 26.74 -21.13
C ALA E 1653 12.27 28.21 -20.81
N ASP E 1654 12.28 28.54 -19.52
CA ASP E 1654 12.61 29.89 -19.10
C ASP E 1654 14.07 30.18 -19.38
N PRO E 1655 14.39 31.28 -20.08
CA PRO E 1655 15.79 31.56 -20.44
C PRO E 1655 16.75 31.53 -19.26
N THR E 1656 16.54 32.38 -18.25
CA THR E 1656 17.51 32.49 -17.17
C THR E 1656 17.42 31.31 -16.22
N GLU E 1657 16.23 30.70 -16.11
CA GLU E 1657 16.06 29.60 -15.17
C GLU E 1657 16.80 28.36 -15.63
N MET E 1658 16.84 28.12 -16.95
CA MET E 1658 17.50 26.93 -17.47
C MET E 1658 19.02 27.05 -17.36
N ALA E 1659 19.55 28.28 -17.29
CA ALA E 1659 20.99 28.46 -17.24
C ALA E 1659 21.58 27.84 -15.97
N ARG E 1660 20.94 28.08 -14.82
CA ARG E 1660 21.44 27.51 -13.58
C ARG E 1660 21.27 26.00 -13.53
N ASP E 1661 20.19 25.48 -14.12
CA ASP E 1661 20.04 24.03 -14.22
C ASP E 1661 21.15 23.41 -15.06
N LEU E 1662 21.49 24.06 -16.18
CA LEU E 1662 22.59 23.58 -17.01
C LEU E 1662 23.91 23.65 -16.25
N VAL E 1663 24.11 24.72 -15.47
CA VAL E 1663 25.33 24.84 -14.68
C VAL E 1663 25.41 23.70 -13.67
N HIS E 1664 24.30 23.40 -12.99
CA HIS E 1664 24.30 22.30 -12.02
C HIS E 1664 24.59 20.97 -12.69
N LEU E 1665 23.96 20.71 -13.84
CA LEU E 1665 24.19 19.45 -14.53
C LEU E 1665 25.63 19.32 -14.99
N LYS E 1666 26.21 20.41 -15.52
CA LYS E 1666 27.60 20.37 -15.95
C LYS E 1666 28.54 20.16 -14.77
N GLU E 1667 28.25 20.79 -13.62
CA GLU E 1667 29.05 20.53 -12.43
C GLU E 1667 28.98 19.06 -12.04
N PHE E 1668 27.78 18.48 -12.06
CA PHE E 1668 27.63 17.08 -11.71
C PHE E 1668 28.44 16.20 -12.64
N VAL E 1669 28.34 16.46 -13.95
CA VAL E 1669 29.05 15.65 -14.94
C VAL E 1669 30.56 15.76 -14.73
N GLU E 1670 31.06 16.99 -14.57
CA GLU E 1670 32.50 17.19 -14.42
C GLU E 1670 33.02 16.55 -13.14
N ASN E 1671 32.26 16.64 -12.06
CA ASN E 1671 32.76 16.12 -10.76
C ASN E 1671 32.67 14.60 -10.73
N THR E 1672 31.70 14.01 -11.43
CA THR E 1672 31.59 12.56 -11.48
C THR E 1672 32.42 11.94 -12.58
N ASN E 1673 32.98 12.73 -13.49
CA ASN E 1673 33.84 12.24 -14.56
C ASN E 1673 33.12 11.26 -15.47
N LEU E 1674 31.80 11.39 -15.60
CA LEU E 1674 31.03 10.49 -16.44
C LEU E 1674 31.47 10.59 -17.89
N GLU E 1675 31.63 11.83 -18.39
CA GLU E 1675 32.00 12.02 -19.78
C GLU E 1675 33.38 11.44 -20.05
N GLU E 1676 34.34 11.69 -19.16
CA GLU E 1676 35.68 11.15 -19.34
C GLU E 1676 35.68 9.63 -19.30
N LYS E 1677 34.93 9.04 -18.37
CA LYS E 1677 34.87 7.59 -18.30
C LYS E 1677 34.26 7.00 -19.56
N MET E 1678 33.17 7.59 -20.04
CA MET E 1678 32.53 7.10 -21.26
C MET E 1678 33.45 7.23 -22.46
N LYS E 1679 34.15 8.36 -22.59
CA LYS E 1679 35.07 8.54 -23.71
C LYS E 1679 36.21 7.54 -23.65
N VAL E 1680 36.77 7.31 -22.46
CA VAL E 1680 37.84 6.34 -22.31
C VAL E 1680 37.35 4.95 -22.68
N ARG E 1681 36.15 4.60 -22.22
CA ARG E 1681 35.61 3.26 -22.48
C ARG E 1681 35.39 3.05 -23.98
N ILE E 1682 34.79 4.02 -24.65
CA ILE E 1682 34.52 3.85 -26.08
C ILE E 1682 35.84 3.85 -26.86
N ALA E 1683 36.82 4.64 -26.44
CA ALA E 1683 38.11 4.61 -27.11
C ALA E 1683 38.79 3.27 -26.96
N MET E 1684 38.77 2.70 -25.75
CA MET E 1684 39.37 1.39 -25.53
C MET E 1684 38.66 0.32 -26.34
N ASN E 1685 37.33 0.34 -26.36
CA ASN E 1685 36.59 -0.66 -27.13
C ASN E 1685 36.86 -0.52 -28.62
N GLU E 1686 36.92 0.72 -29.12
CA GLU E 1686 37.22 0.92 -30.54
C GLU E 1686 38.61 0.44 -30.89
N ALA E 1687 39.59 0.72 -30.03
CA ALA E 1687 40.95 0.22 -30.28
C ALA E 1687 40.99 -1.30 -30.25
N GLU E 1688 40.28 -1.92 -29.30
CA GLU E 1688 40.29 -3.37 -29.19
C GLU E 1688 39.65 -4.03 -30.40
N LYS E 1689 38.50 -3.52 -30.84
CA LYS E 1689 37.79 -4.14 -31.96
C LYS E 1689 38.46 -3.85 -33.29
N GLY E 1690 38.96 -2.63 -33.49
CA GLY E 1690 39.53 -2.21 -34.74
C GLY E 1690 38.61 -1.34 -35.59
N GLN E 1691 37.31 -1.37 -35.31
CA GLN E 1691 36.33 -0.58 -36.04
C GLN E 1691 35.42 0.14 -35.06
N ARG E 1692 34.79 1.22 -35.53
CA ARG E 1692 33.91 2.00 -34.67
C ARG E 1692 32.65 1.22 -34.36
N ASP E 1693 32.49 0.83 -33.09
CA ASP E 1693 31.27 0.17 -32.63
C ASP E 1693 30.25 1.25 -32.32
N ILE E 1694 29.50 1.65 -33.34
CA ILE E 1694 28.56 2.77 -33.19
C ILE E 1694 27.42 2.39 -32.25
N VAL E 1695 27.00 1.13 -32.26
CA VAL E 1695 25.96 0.69 -31.34
C VAL E 1695 26.47 0.74 -29.90
N PHE E 1696 27.75 0.46 -29.70
CA PHE E 1696 28.35 0.61 -28.38
C PHE E 1696 28.31 2.07 -27.94
N GLU E 1697 28.56 3.00 -28.88
CA GLU E 1697 28.45 4.42 -28.56
C GLU E 1697 27.02 4.79 -28.18
N LEU E 1698 26.04 4.24 -28.90
CA LEU E 1698 24.64 4.47 -28.52
C LEU E 1698 24.35 3.96 -27.11
N LYS E 1699 24.85 2.76 -26.78
CA LYS E 1699 24.58 2.19 -25.47
C LYS E 1699 25.24 3.00 -24.37
N GLU E 1700 26.47 3.47 -24.62
CA GLU E 1700 27.16 4.31 -23.65
C GLU E 1700 26.44 5.64 -23.45
N MET E 1701 26.00 6.25 -24.54
CA MET E 1701 25.21 7.48 -24.44
C MET E 1701 23.91 7.22 -23.69
N THR E 1702 23.31 6.04 -23.89
CA THR E 1702 22.09 5.70 -23.19
C THR E 1702 22.31 5.66 -21.68
N ARG E 1703 23.36 4.98 -21.22
CA ARG E 1703 23.61 4.97 -19.78
C ARG E 1703 23.99 6.37 -19.27
N PHE E 1704 24.77 7.12 -20.05
CA PHE E 1704 25.17 8.46 -19.63
C PHE E 1704 23.96 9.35 -19.42
N TYR E 1705 23.05 9.37 -20.39
CA TYR E 1705 21.87 10.21 -20.26
C TYR E 1705 20.89 9.64 -19.25
N GLN E 1706 20.93 8.33 -19.01
CA GLN E 1706 20.15 7.76 -17.93
C GLN E 1706 20.61 8.31 -16.58
N VAL E 1707 21.92 8.34 -16.35
CA VAL E 1707 22.43 8.89 -15.09
C VAL E 1707 22.11 10.37 -14.99
N CYS E 1708 22.25 11.11 -16.09
CA CYS E 1708 21.89 12.52 -16.08
C CYS E 1708 20.42 12.72 -15.74
N TYR E 1709 19.54 11.89 -16.31
CA TYR E 1709 18.11 11.97 -16.02
C TYR E 1709 17.82 11.67 -14.55
N GLU E 1710 18.45 10.63 -13.99
CA GLU E 1710 18.22 10.34 -12.58
C GLU E 1710 18.72 11.47 -11.69
N TYR E 1711 19.81 12.13 -12.09
CA TYR E 1711 20.29 13.25 -11.28
C TYR E 1711 19.33 14.44 -11.35
N VAL E 1712 18.87 14.79 -12.57
CA VAL E 1712 18.03 15.98 -12.74
C VAL E 1712 16.56 15.70 -12.50
N LYS E 1713 16.20 14.47 -12.11
CA LYS E 1713 14.81 14.16 -11.82
C LYS E 1713 14.30 15.02 -10.69
N SER E 1714 13.10 15.59 -10.89
CA SER E 1714 12.49 16.48 -9.90
C SER E 1714 11.64 15.70 -8.92
N THR E 1715 10.83 16.39 -8.13
CA THR E 1715 9.97 15.75 -7.14
C THR E 1715 8.90 14.94 -7.86
N GLU E 1716 9.06 13.61 -7.82
CA GLU E 1716 8.03 12.74 -8.37
C GLU E 1716 6.76 12.81 -7.53
N HIS E 1717 6.91 12.94 -6.21
CA HIS E 1717 5.79 13.07 -5.28
C HIS E 1717 4.82 11.90 -5.45
N LYS E 1718 5.33 10.70 -5.24
CA LYS E 1718 4.51 9.50 -5.36
C LYS E 1718 3.43 9.48 -4.28
N ILE E 1719 2.31 8.82 -4.59
CA ILE E 1719 1.20 8.72 -3.66
C ILE E 1719 1.35 7.37 -2.94
N LYS E 1720 1.99 7.39 -1.77
CA LYS E 1720 2.17 6.21 -0.95
C LYS E 1720 1.61 6.50 0.43
N VAL E 1721 0.46 5.92 0.75
CA VAL E 1721 -0.18 6.12 2.05
C VAL E 1721 0.09 4.90 2.91
N PHE E 1722 0.06 5.10 4.22
CA PHE E 1722 0.33 4.04 5.18
C PHE E 1722 -0.73 4.07 6.28
N ILE E 1723 -1.14 2.89 6.72
CA ILE E 1723 -2.01 2.78 7.88
C ILE E 1723 -1.13 2.65 9.12
N LEU E 1724 -1.15 3.66 9.96
CA LEU E 1724 -0.21 3.84 11.05
C LEU E 1724 -0.96 4.09 12.35
N PRO E 1725 -0.34 3.80 13.50
CA PRO E 1725 -1.07 3.95 14.77
C PRO E 1725 -1.55 5.36 15.04
N ALA E 1726 -0.82 6.37 14.59
CA ALA E 1726 -1.20 7.77 14.80
C ALA E 1726 -1.05 8.53 13.50
N LYS E 1727 -1.54 9.77 13.50
CA LYS E 1727 -1.38 10.62 12.33
C LYS E 1727 0.01 11.25 12.33
N SER E 1728 0.71 11.12 11.22
CA SER E 1728 2.06 11.65 11.07
C SER E 1728 2.03 12.86 10.15
N TYR E 1729 2.72 13.92 10.57
CA TYR E 1729 2.77 15.16 9.81
C TYR E 1729 4.15 15.46 9.24
N THR E 1730 5.22 15.10 9.93
CA THR E 1730 6.58 15.38 9.49
C THR E 1730 7.34 14.07 9.26
N THR E 1731 8.52 14.21 8.67
CA THR E 1731 9.34 13.04 8.34
C THR E 1731 9.75 12.28 9.59
N THR E 1732 10.15 12.99 10.64
CA THR E 1732 10.57 12.31 11.86
C THR E 1732 9.40 11.60 12.53
N ASP E 1733 8.21 12.21 12.51
CA ASP E 1733 7.03 11.53 13.03
C ASP E 1733 6.72 10.28 12.23
N PHE E 1734 6.81 10.37 10.90
CA PHE E 1734 6.54 9.20 10.08
C PHE E 1734 7.53 8.08 10.36
N CYS E 1735 8.82 8.41 10.48
CA CYS E 1735 9.81 7.39 10.79
C CYS E 1735 9.58 6.77 12.15
N SER E 1736 9.24 7.59 13.15
CA SER E 1736 8.96 7.07 14.48
C SER E 1736 7.77 6.11 14.45
N LEU E 1737 6.70 6.50 13.76
CA LEU E 1737 5.52 5.65 13.69
C LEU E 1737 5.82 4.35 12.95
N MET E 1738 6.58 4.42 11.86
CA MET E 1738 6.93 3.20 11.13
C MET E 1738 7.75 2.26 12.00
N GLN E 1739 8.78 2.78 12.67
CA GLN E 1739 9.62 1.95 13.51
C GLN E 1739 8.82 1.36 14.67
N GLY E 1740 7.94 2.15 15.29
CA GLY E 1740 7.17 1.63 16.40
C GLY E 1740 6.09 0.65 15.98
N ASN E 1741 5.61 0.74 14.75
CA ASN E 1741 4.57 -0.14 14.28
C ASN E 1741 5.10 -1.45 13.71
N LEU E 1742 6.34 -1.47 13.24
CA LEU E 1742 6.86 -2.63 12.50
C LEU E 1742 7.88 -3.41 13.30
N ILE E 1743 7.64 -3.61 14.61
CA ILE E 1743 8.51 -4.41 15.44
C ILE E 1743 7.77 -5.56 16.11
N LYS E 1744 6.60 -5.31 16.66
CA LYS E 1744 5.85 -6.33 17.39
C LYS E 1744 4.41 -6.40 16.86
N ASP E 1745 3.87 -7.61 16.85
CA ASP E 1745 2.49 -7.80 16.40
C ASP E 1745 1.50 -7.24 17.42
N LYS E 1746 1.74 -7.51 18.71
CA LYS E 1746 0.73 -7.21 19.73
C LYS E 1746 0.55 -5.71 19.92
N GLU E 1747 1.63 -4.97 20.08
CA GLU E 1747 1.56 -3.58 20.50
C GLU E 1747 2.56 -2.75 19.71
N TRP E 1748 2.31 -1.45 19.65
CA TRP E 1748 3.19 -0.51 18.97
C TRP E 1748 3.86 0.40 19.98
N TYR E 1749 5.06 0.85 19.63
CA TYR E 1749 5.92 1.59 20.55
C TYR E 1749 6.06 3.04 20.11
N THR E 1750 6.34 3.90 21.09
CA THR E 1750 6.65 5.30 20.85
C THR E 1750 8.14 5.44 20.66
N VAL E 1751 8.56 6.03 19.55
CA VAL E 1751 9.96 6.11 19.17
C VAL E 1751 10.38 7.56 19.13
N HIS E 1752 11.42 7.91 19.88
CA HIS E 1752 12.10 9.18 19.75
C HIS E 1752 13.58 8.92 19.55
N TYR E 1753 14.28 9.89 19.00
CA TYR E 1753 15.64 9.69 18.52
C TYR E 1753 16.64 10.46 19.39
N LEU E 1754 17.81 9.84 19.61
CA LEU E 1754 18.81 10.42 20.49
C LEU E 1754 19.32 11.74 19.96
N LYS E 1755 19.57 11.83 18.66
CA LYS E 1755 20.00 13.06 18.02
C LYS E 1755 19.03 13.35 16.89
N GLN E 1756 19.36 14.35 16.07
CA GLN E 1756 18.47 14.80 15.01
C GLN E 1756 18.74 13.96 13.77
N ILE E 1757 17.75 13.16 13.36
CA ILE E 1757 17.97 12.17 12.32
C ILE E 1757 18.15 12.80 10.95
N LEU E 1758 17.35 13.83 10.64
CA LEU E 1758 17.35 14.37 9.29
C LEU E 1758 18.68 15.04 8.96
N SER E 1759 19.05 15.00 7.68
CA SER E 1759 20.26 15.64 7.19
C SER E 1759 19.89 16.52 6.01
N GLY E 1760 20.37 17.76 6.03
CA GLY E 1760 20.14 18.66 4.93
C GLY E 1760 21.18 18.50 3.85
N GLY E 1761 20.80 17.90 2.73
CA GLY E 1761 21.74 17.66 1.66
C GLY E 1761 21.02 17.46 0.35
N HIS E 1762 21.80 17.16 -0.68
CA HIS E 1762 21.28 16.92 -2.01
C HIS E 1762 21.48 15.46 -2.40
N LYS E 1763 20.82 15.06 -3.49
CA LYS E 1763 20.72 13.64 -3.82
C LYS E 1763 22.07 13.02 -4.14
N ALA E 1764 22.95 13.76 -4.82
CA ALA E 1764 24.21 13.18 -5.28
C ALA E 1764 25.44 13.88 -4.73
N ILE E 1765 25.30 14.69 -3.69
CA ILE E 1765 26.41 15.43 -3.11
C ILE E 1765 26.75 14.83 -1.75
N MET E 1766 28.04 14.65 -1.49
CA MET E 1766 28.49 14.03 -0.26
C MET E 1766 28.13 14.91 0.93
N GLN E 1767 27.71 14.28 2.03
CA GLN E 1767 27.37 14.99 3.25
C GLN E 1767 28.43 14.72 4.30
N HIS E 1768 29.14 15.76 4.72
CA HIS E 1768 30.18 15.65 5.74
C HIS E 1768 29.88 16.51 6.95
N ASN E 1769 28.71 17.14 7.03
CA ASN E 1769 28.37 18.07 8.09
C ASN E 1769 27.16 17.56 8.85
N ALA E 1770 27.27 17.51 10.17
CA ALA E 1770 26.14 17.13 11.01
C ALA E 1770 25.41 18.38 11.51
N THR E 1771 24.16 18.16 11.91
CA THR E 1771 23.33 19.26 12.39
C THR E 1771 23.66 19.62 13.83
N SER E 1772 23.02 20.69 14.31
CA SER E 1772 23.26 21.17 15.67
C SER E 1772 22.39 20.41 16.67
N GLU E 1773 22.53 20.79 17.94
CA GLU E 1773 21.83 20.15 19.04
C GLU E 1773 20.71 21.01 19.61
N GLN E 1774 20.29 22.04 18.87
CA GLN E 1774 19.30 22.97 19.38
C GLN E 1774 17.95 22.30 19.61
N ASN E 1775 17.59 21.35 18.74
CA ASN E 1775 16.34 20.62 18.95
C ASN E 1775 16.38 19.79 20.22
N ILE E 1776 17.52 19.17 20.50
CA ILE E 1776 17.68 18.42 21.74
C ILE E 1776 17.55 19.34 22.94
N ALA E 1777 18.17 20.52 22.87
CA ALA E 1777 18.05 21.47 23.98
C ALA E 1777 16.60 21.91 24.19
N PHE E 1778 15.90 22.20 23.09
CA PHE E 1778 14.51 22.63 23.19
C PHE E 1778 13.65 21.55 23.82
N GLU E 1779 13.79 20.31 23.36
CA GLU E 1779 13.03 19.21 23.95
C GLU E 1779 13.35 19.07 25.43
N CYS E 1780 14.64 19.12 25.78
CA CYS E 1780 15.05 18.99 27.16
C CYS E 1780 14.34 19.99 28.04
N PHE E 1781 14.36 21.26 27.66
CA PHE E 1781 13.89 22.27 28.60
C PHE E 1781 12.37 22.40 28.58
N LYS E 1782 11.73 22.12 27.44
CA LYS E 1782 10.27 22.02 27.46
C LYS E 1782 9.82 20.91 28.40
N LEU E 1783 10.45 19.73 28.27
CA LEU E 1783 10.14 18.62 29.15
C LEU E 1783 10.36 18.99 30.60
N ILE E 1784 11.49 19.62 30.90
CA ILE E 1784 11.83 19.94 32.28
C ILE E 1784 10.83 20.90 32.89
N THR E 1785 10.55 22.00 32.20
CA THR E 1785 9.62 22.99 32.74
C THR E 1785 8.26 22.38 32.97
N HIS E 1786 7.75 21.61 32.01
CA HIS E 1786 6.39 21.11 32.16
C HIS E 1786 6.32 19.98 33.19
N PHE E 1787 7.37 19.17 33.29
CA PHE E 1787 7.40 18.15 34.34
C PHE E 1787 7.41 18.78 35.71
N ALA E 1788 8.25 19.81 35.91
CA ALA E 1788 8.32 20.47 37.20
C ALA E 1788 6.98 21.12 37.55
N ASP E 1789 6.33 21.72 36.56
CA ASP E 1789 5.01 22.31 36.81
C ASP E 1789 3.99 21.24 37.18
N SER E 1790 4.00 20.11 36.47
CA SER E 1790 2.93 19.14 36.65
C SER E 1790 3.08 18.33 37.93
N PHE E 1791 4.31 17.94 38.28
CA PHE E 1791 4.50 16.95 39.33
C PHE E 1791 5.34 17.41 40.51
N ILE E 1792 5.67 18.69 40.61
CA ILE E 1792 6.48 19.19 41.72
C ILE E 1792 5.74 20.34 42.40
N ASP E 1793 5.89 20.43 43.71
CA ASP E 1793 5.27 21.50 44.47
C ASP E 1793 5.86 22.85 44.06
N SER E 1794 5.05 23.88 44.24
CA SER E 1794 5.40 25.22 43.74
C SER E 1794 6.70 25.73 44.36
N LEU E 1795 6.87 25.49 45.67
CA LEU E 1795 8.07 25.99 46.34
C LEU E 1795 9.32 25.29 45.84
N SER E 1796 9.24 23.97 45.61
CA SER E 1796 10.43 23.19 45.29
C SER E 1796 10.80 23.31 43.83
N ARG E 1797 9.95 23.94 43.02
CA ARG E 1797 10.15 23.94 41.57
C ARG E 1797 11.45 24.61 41.17
N SER E 1798 11.74 25.79 41.75
CA SER E 1798 12.96 26.50 41.38
C SER E 1798 14.21 25.74 41.82
N ALA E 1799 14.19 25.22 43.05
CA ALA E 1799 15.32 24.42 43.52
C ALA E 1799 15.50 23.16 42.69
N PHE E 1800 14.39 22.53 42.32
CA PHE E 1800 14.45 21.36 41.44
C PHE E 1800 15.10 21.70 40.11
N LEU E 1801 14.69 22.82 39.49
CA LEU E 1801 15.27 23.25 38.23
C LEU E 1801 16.76 23.50 38.38
N GLN E 1802 17.17 24.22 39.42
CA GLN E 1802 18.58 24.52 39.60
C GLN E 1802 19.38 23.24 39.79
N LEU E 1803 18.88 22.32 40.62
CA LEU E 1803 19.61 21.09 40.89
C LEU E 1803 19.76 20.24 39.64
N ILE E 1804 18.69 20.10 38.85
CA ILE E 1804 18.77 19.25 37.67
C ILE E 1804 19.63 19.92 36.59
N ILE E 1805 19.61 21.24 36.51
CA ILE E 1805 20.50 21.94 35.58
C ILE E 1805 21.96 21.70 35.96
N ASP E 1806 22.25 21.71 37.26
CA ASP E 1806 23.64 21.69 37.70
C ASP E 1806 24.33 20.36 37.38
N GLU E 1807 23.66 19.23 37.63
CA GLU E 1807 24.32 17.93 37.51
C GLU E 1807 23.76 17.00 36.45
N PHE E 1808 22.54 17.19 35.99
CA PHE E 1808 21.94 16.17 35.13
C PHE E 1808 22.42 16.32 33.69
N SER E 1809 21.94 15.41 32.84
CA SER E 1809 22.26 15.42 31.42
C SER E 1809 21.09 14.81 30.65
N TYR E 1810 20.84 15.32 29.46
CA TYR E 1810 19.75 14.86 28.60
C TYR E 1810 20.32 14.30 27.31
N LYS E 1811 19.98 13.06 27.00
CA LYS E 1811 20.40 12.38 25.78
C LYS E 1811 21.92 12.47 25.60
N ASP E 1812 22.66 12.08 26.65
CA ASP E 1812 24.14 12.04 26.60
C ASP E 1812 24.75 13.44 26.48
N VAL E 1813 23.94 14.47 26.66
CA VAL E 1813 24.45 15.83 26.60
C VAL E 1813 24.12 16.53 27.90
N LYS E 1814 25.13 17.15 28.51
CA LYS E 1814 24.93 17.83 29.79
C LYS E 1814 23.90 18.94 29.64
N VAL E 1815 22.94 18.97 30.56
CA VAL E 1815 21.84 19.93 30.46
C VAL E 1815 22.35 21.35 30.62
N SER E 1816 23.47 21.53 31.31
CA SER E 1816 24.10 22.85 31.37
C SER E 1816 24.55 23.29 29.98
N LYS E 1817 25.10 22.37 29.19
CA LYS E 1817 25.50 22.69 27.83
C LYS E 1817 24.29 23.05 26.97
N LEU E 1818 23.17 22.34 27.15
CA LEU E 1818 21.96 22.66 26.41
C LEU E 1818 21.42 24.03 26.81
N TYR E 1819 21.48 24.36 28.10
CA TYR E 1819 21.06 25.67 28.56
C TYR E 1819 21.95 26.76 27.97
N ASP E 1820 23.25 26.50 27.89
CA ASP E 1820 24.15 27.44 27.24
C ASP E 1820 23.81 27.60 25.77
N ILE E 1821 23.45 26.51 25.10
CA ILE E 1821 23.04 26.58 23.70
C ILE E 1821 21.82 27.48 23.54
N ILE E 1822 20.82 27.31 24.41
CA ILE E 1822 19.62 28.13 24.32
C ILE E 1822 19.93 29.58 24.62
N LYS E 1823 20.75 29.84 25.64
CA LYS E 1823 21.08 31.23 25.99
C LYS E 1823 21.84 31.91 24.86
N ASN E 1824 22.90 31.28 24.37
CA ASN E 1824 23.76 31.87 23.34
C ASN E 1824 23.21 31.52 21.96
N GLY E 1825 21.93 31.80 21.78
CA GLY E 1825 21.25 31.51 20.54
C GLY E 1825 20.20 32.55 20.25
N TYR E 1826 19.69 32.52 19.02
CA TYR E 1826 18.74 33.51 18.55
C TYR E 1826 17.31 33.09 18.78
N ASN E 1827 17.08 32.02 19.53
CA ASN E 1827 15.74 31.57 19.89
C ASN E 1827 15.65 31.60 21.42
N ARG E 1828 15.30 32.78 21.95
CA ARG E 1828 15.15 32.96 23.39
C ARG E 1828 13.74 33.37 23.78
N THR E 1829 12.87 33.62 22.81
CA THR E 1829 11.49 34.00 23.07
C THR E 1829 10.60 32.81 23.35
N ASP E 1830 11.11 31.59 23.16
CA ASP E 1830 10.37 30.38 23.48
C ASP E 1830 10.63 29.87 24.88
N PHE E 1831 11.51 30.53 25.63
CA PHE E 1831 11.88 30.09 26.97
C PHE E 1831 11.93 31.28 27.92
N ILE E 1832 11.00 32.23 27.75
CA ILE E 1832 10.93 33.38 28.64
C ILE E 1832 10.71 32.96 30.09
N PRO E 1833 9.71 32.10 30.42
CA PRO E 1833 9.58 31.68 31.81
C PRO E 1833 10.79 30.92 32.33
N LEU E 1834 11.42 30.11 31.49
CA LEU E 1834 12.61 29.39 31.91
C LEU E 1834 13.75 30.35 32.19
N LEU E 1835 13.93 31.35 31.33
CA LEU E 1835 14.98 32.34 31.55
C LEU E 1835 14.73 33.16 32.80
N PHE E 1836 13.48 33.60 33.00
CA PHE E 1836 13.15 34.48 34.15
C PHE E 1836 13.58 33.82 35.45
N ARG E 1837 13.24 32.54 35.62
CA ARG E 1837 13.54 31.84 36.89
C ARG E 1837 15.06 31.74 37.10
N THR E 1838 15.83 31.78 36.03
CA THR E 1838 17.31 31.70 36.12
C THR E 1838 17.93 33.06 35.80
N GLY E 1839 17.24 34.17 36.07
CA GLY E 1839 17.74 35.51 35.71
C GLY E 1839 17.63 35.81 34.21
N ASP E 1840 18.75 36.12 33.55
CA ASP E 1840 18.76 36.35 32.08
C ASP E 1840 17.76 37.43 31.65
N LEU E 1841 16.97 37.19 30.60
CA LEU E 1841 15.97 38.18 30.06
C LEU E 1841 16.63 39.41 29.40
N ARG E 1842 17.43 40.20 30.12
CA ARG E 1842 18.16 41.39 29.65
C ARG E 1842 17.24 42.36 28.90
N GLN E 1843 15.92 42.15 28.95
CA GLN E 1843 14.89 43.03 28.42
C GLN E 1843 14.85 43.01 26.90
N ALA E 1844 15.89 42.47 26.27
CA ALA E 1844 15.86 42.32 24.82
C ALA E 1844 14.89 41.21 24.42
N ASP E 1845 14.84 40.14 25.21
CA ASP E 1845 13.88 39.07 24.95
C ASP E 1845 12.46 39.57 25.12
N LEU E 1846 12.21 40.40 26.13
CA LEU E 1846 10.88 40.96 26.32
C LEU E 1846 10.49 41.88 25.17
N ASP E 1847 11.43 42.72 24.72
CA ASP E 1847 11.14 43.57 23.57
C ASP E 1847 10.84 42.74 22.32
N LYS E 1848 11.61 41.66 22.11
CA LYS E 1848 11.36 40.80 20.96
C LYS E 1848 10.00 40.11 21.06
N TYR E 1849 9.62 39.70 22.27
CA TYR E 1849 8.31 39.10 22.47
C TYR E 1849 7.20 40.10 22.17
N ASP E 1850 7.36 41.35 22.63
CA ASP E 1850 6.37 42.37 22.34
C ASP E 1850 6.29 42.62 20.83
N ALA E 1851 7.42 42.58 20.14
CA ALA E 1851 7.41 42.68 18.68
C ALA E 1851 6.67 41.50 18.06
N MET E 1852 6.85 40.31 18.62
CA MET E 1852 6.12 39.13 18.13
C MET E 1852 4.63 39.32 18.26
N LYS E 1853 4.18 39.89 19.38
CA LYS E 1853 2.76 40.16 19.59
C LYS E 1853 2.24 41.16 18.56
N ILE E 1995 6.34 45.95 28.29
CA ILE E 1995 6.70 44.85 29.18
C ILE E 1995 8.07 45.12 29.80
N LEU E 1996 8.08 45.41 31.09
CA LEU E 1996 9.30 45.80 31.79
C LEU E 1996 9.72 44.72 32.78
N ILE E 1997 11.00 44.72 33.12
CA ILE E 1997 11.57 43.65 33.95
C ILE E 1997 11.02 43.72 35.37
N ARG E 1998 11.01 44.91 35.97
CA ARG E 1998 10.51 45.03 37.34
C ARG E 1998 9.02 44.78 37.40
N SER E 1999 8.28 45.24 36.39
CA SER E 1999 6.85 44.93 36.32
C SER E 1999 6.62 43.43 36.24
N LEU E 2000 7.41 42.74 35.42
CA LEU E 2000 7.33 41.29 35.34
C LEU E 2000 7.59 40.64 36.69
N ASP E 2001 8.67 41.06 37.36
CA ASP E 2001 9.02 40.47 38.66
C ASP E 2001 7.92 40.69 39.67
N TYR E 2002 7.31 41.87 39.68
CA TYR E 2002 6.21 42.12 40.61
C TYR E 2002 4.99 41.27 40.25
N LEU E 2003 4.73 41.09 38.95
CA LEU E 2003 3.56 40.34 38.53
C LEU E 2003 3.68 38.86 38.89
N ASN E 2004 4.88 38.30 38.83
CA ASN E 2004 5.05 36.87 39.08
C ASN E 2004 5.28 36.54 40.55
N ASN E 2005 4.76 37.38 41.44
CA ASN E 2005 4.92 37.15 42.90
C ASN E 2005 4.07 35.96 43.32
N ASP E 2006 2.84 35.86 42.80
CA ASP E 2006 1.92 34.76 43.20
C ASP E 2006 2.20 33.52 42.34
N ILE E 2007 2.66 33.71 41.11
CA ILE E 2007 2.90 32.59 40.21
C ILE E 2007 4.25 31.96 40.53
N PHE E 2008 4.26 30.64 40.70
CA PHE E 2008 5.49 29.87 40.86
C PHE E 2008 5.70 28.90 39.70
N SER E 2009 5.04 29.14 38.57
CA SER E 2009 5.07 28.21 37.45
C SER E 2009 6.36 28.42 36.65
N LEU E 2010 7.08 27.32 36.40
CA LEU E 2010 8.30 27.41 35.62
C LEU E 2010 8.02 27.53 34.13
N SER E 2011 6.88 26.98 33.67
CA SER E 2011 6.58 26.99 32.24
C SER E 2011 5.67 28.14 31.87
N ARG E 2012 4.90 28.66 32.83
CA ARG E 2012 3.93 29.71 32.58
C ARG E 2012 4.31 30.95 33.37
N ILE E 2013 4.31 32.10 32.69
CA ILE E 2013 4.62 33.38 33.31
C ILE E 2013 3.70 34.44 32.71
N LYS E 2014 3.41 35.46 33.50
CA LYS E 2014 2.53 36.54 33.07
C LYS E 2014 3.37 37.80 32.85
N VAL E 2015 3.56 38.15 31.58
CA VAL E 2015 4.25 39.39 31.25
C VAL E 2015 3.37 40.59 31.56
N GLY E 2016 2.07 40.48 31.30
CA GLY E 2016 1.13 41.54 31.60
C GLY E 2016 0.06 41.08 32.57
N LEU E 2017 -0.96 41.93 32.72
CA LEU E 2017 -2.05 41.59 33.62
C LEU E 2017 -2.82 40.37 33.12
N ASP E 2018 -2.97 40.23 31.81
CA ASP E 2018 -3.64 39.07 31.23
C ASP E 2018 -2.75 38.28 30.27
N GLU E 2019 -1.75 38.91 29.65
CA GLU E 2019 -0.87 38.22 28.72
C GLU E 2019 -0.01 37.21 29.47
N PHE E 2020 0.13 36.02 28.87
CA PHE E 2020 0.86 34.92 29.48
C PHE E 2020 1.91 34.41 28.50
N ALA E 2021 3.16 34.39 28.94
CA ALA E 2021 4.23 33.78 28.16
C ALA E 2021 4.44 32.35 28.63
N THR E 2022 4.44 31.42 27.68
CA THR E 2022 4.44 30.00 28.01
C THR E 2022 5.47 29.27 27.14
N ILE E 2023 5.78 28.05 27.56
CA ILE E 2023 6.67 27.16 26.84
C ILE E 2023 5.86 25.96 26.37
N LYS E 2024 6.04 25.59 25.09
CA LYS E 2024 5.27 24.49 24.52
C LYS E 2024 5.61 23.18 25.21
N LYS E 2025 4.61 22.30 25.30
CA LYS E 2025 4.77 21.05 26.02
C LYS E 2025 5.48 20.00 25.16
N ALA E 2026 6.01 18.99 25.83
CA ALA E 2026 6.58 17.82 25.20
C ALA E 2026 6.08 16.58 25.90
N HIS E 2027 5.95 15.49 25.14
CA HIS E 2027 5.42 14.25 25.71
C HIS E 2027 6.38 13.70 26.75
N PHE E 2028 5.81 13.21 27.85
CA PHE E 2028 6.61 12.75 28.98
C PHE E 2028 7.30 11.42 28.75
N SER E 2029 6.99 10.73 27.64
CA SER E 2029 7.68 9.48 27.35
C SER E 2029 9.16 9.69 27.12
N LYS E 2030 9.59 10.93 26.82
CA LYS E 2030 11.00 11.22 26.62
C LYS E 2030 11.74 11.51 27.92
N MET E 2031 11.04 11.54 29.06
CA MET E 2031 11.69 11.79 30.33
C MET E 2031 12.70 10.71 30.68
N VAL E 2032 12.62 9.54 30.05
CA VAL E 2032 13.56 8.44 30.32
C VAL E 2032 14.97 8.76 29.84
N SER E 2033 15.16 9.86 29.11
CA SER E 2033 16.47 10.22 28.59
C SER E 2033 17.27 11.11 29.53
N PHE E 2034 16.76 11.38 30.73
CA PHE E 2034 17.47 12.18 31.72
C PHE E 2034 18.30 11.27 32.61
N GLU E 2035 19.55 11.64 32.85
CA GLU E 2035 20.43 10.93 33.77
C GLU E 2035 21.03 11.92 34.75
N GLY E 2036 21.04 11.56 36.03
CA GLY E 2036 21.57 12.43 37.05
C GLY E 2036 21.65 11.79 38.42
N PRO E 2037 22.28 12.49 39.36
CA PRO E 2037 22.34 11.98 40.73
C PRO E 2037 20.97 11.95 41.35
N PRO E 2038 20.74 11.10 42.35
CA PRO E 2038 19.42 11.03 42.99
C PRO E 2038 19.05 12.35 43.65
N ILE E 2039 17.77 12.70 43.56
CA ILE E 2039 17.24 13.89 44.23
C ILE E 2039 16.43 13.38 45.43
N LYS E 2040 17.09 13.29 46.58
CA LYS E 2040 16.48 12.71 47.77
C LYS E 2040 15.81 13.81 48.58
N THR E 2041 14.48 13.80 48.62
CA THR E 2041 13.71 14.70 49.46
C THR E 2041 12.60 13.90 50.11
N GLY E 2042 12.37 14.13 51.41
CA GLY E 2042 11.42 13.31 52.14
C GLY E 2042 11.85 11.86 52.08
N LEU E 2043 10.98 11.01 51.55
CA LEU E 2043 11.34 9.64 51.24
C LEU E 2043 11.26 9.35 49.75
N LEU E 2044 10.96 10.34 48.92
CA LEU E 2044 10.79 10.18 47.49
C LEU E 2044 12.05 10.63 46.77
N ASP E 2045 12.54 9.80 45.86
CA ASP E 2045 13.68 10.15 45.02
C ASP E 2045 13.14 10.49 43.64
N LEU E 2046 13.19 11.78 43.29
CA LEU E 2046 12.50 12.26 42.10
C LEU E 2046 13.13 11.75 40.80
N THR E 2047 14.38 11.28 40.87
CA THR E 2047 15.02 10.76 39.66
C THR E 2047 14.26 9.56 39.10
N GLU E 2048 13.90 8.66 40.02
CA GLU E 2048 13.12 7.46 39.62
C GLU E 2048 11.72 7.92 39.19
N LEU E 2049 11.21 9.02 39.74
CA LEU E 2049 9.93 9.57 39.31
C LEU E 2049 10.00 10.00 37.85
N MET E 2050 11.11 10.62 37.45
CA MET E 2050 11.30 10.91 36.03
C MET E 2050 11.45 9.62 35.23
N LYS E 2051 12.16 8.64 35.77
CA LYS E 2051 12.25 7.35 35.10
C LYS E 2051 11.00 6.50 35.23
N SER E 2052 10.07 6.90 36.10
CA SER E 2052 8.82 6.15 36.25
C SER E 2052 7.99 6.22 34.98
N GLN E 2053 7.29 5.13 34.69
CA GLN E 2053 6.45 5.03 33.50
C GLN E 2053 4.98 5.16 33.81
N ASP E 2054 4.52 4.54 34.90
CA ASP E 2054 3.10 4.55 35.22
C ASP E 2054 2.67 5.87 35.86
N LEU E 2055 3.55 6.47 36.66
CA LEU E 2055 3.18 7.58 37.53
C LEU E 2055 3.33 8.94 36.87
N LEU E 2056 3.70 8.99 35.60
CA LEU E 2056 3.84 10.26 34.88
C LEU E 2056 2.64 10.57 34.00
N ASN E 2057 1.55 9.81 34.14
CA ASN E 2057 0.36 10.05 33.33
C ASN E 2057 -0.39 11.26 33.87
N LEU E 2058 -0.98 12.04 32.98
CA LEU E 2058 -1.62 13.29 33.38
C LEU E 2058 -2.98 13.07 34.04
N ASN E 2059 -3.67 11.99 33.70
CA ASN E 2059 -5.02 11.79 34.20
C ASN E 2059 -5.00 11.46 35.69
N TYR E 2060 -5.89 12.12 36.45
CA TYR E 2060 -5.94 11.92 37.89
C TYR E 2060 -6.36 10.49 38.24
N ASP E 2061 -7.33 9.98 37.49
CA ASP E 2061 -7.86 8.62 37.76
C ASP E 2061 -6.74 7.61 37.58
N ASN E 2062 -5.98 7.73 36.50
CA ASN E 2062 -4.93 6.77 36.19
C ASN E 2062 -3.83 6.81 37.24
N ILE E 2063 -3.54 8.00 37.76
CA ILE E 2063 -2.53 8.11 38.82
C ILE E 2063 -3.03 7.45 40.11
N ARG E 2064 -4.28 7.74 40.47
CA ARG E 2064 -4.83 7.21 41.75
C ARG E 2064 -5.10 5.71 41.63
N ASN E 2065 -5.14 5.16 40.41
CA ASN E 2065 -5.42 3.74 40.20
C ASN E 2065 -4.18 2.94 39.85
N SER E 2066 -2.99 3.52 40.02
CA SER E 2066 -1.75 2.77 39.79
C SER E 2066 -1.50 1.86 40.99
N ASN E 2067 -0.44 1.07 40.94
CA ASN E 2067 -0.22 0.03 41.93
C ASN E 2067 1.04 0.27 42.75
N LEU E 2068 1.09 -0.36 43.92
CA LEU E 2068 2.22 -0.21 44.83
C LEU E 2068 3.49 -0.80 44.22
N ILE E 2069 3.35 -1.73 43.28
CA ILE E 2069 4.52 -2.24 42.58
C ILE E 2069 5.22 -1.11 41.84
N SER E 2070 4.46 -0.27 41.15
CA SER E 2070 5.05 0.88 40.47
C SER E 2070 5.49 1.94 41.46
N PHE E 2071 4.66 2.24 42.46
CA PHE E 2071 5.00 3.31 43.40
C PHE E 2071 6.21 2.98 44.26
N SER E 2072 6.52 1.71 44.47
CA SER E 2072 7.60 1.34 45.38
C SER E 2072 8.97 1.71 44.81
N LYS E 2073 9.03 2.04 43.52
CA LYS E 2073 10.31 2.40 42.91
C LYS E 2073 10.83 3.73 43.41
N LEU E 2074 9.94 4.59 43.91
CA LEU E 2074 10.28 5.95 44.27
C LEU E 2074 10.67 6.12 45.73
N ILE E 2075 10.77 5.03 46.49
CA ILE E 2075 10.95 5.11 47.93
C ILE E 2075 12.44 5.14 48.26
N CYS E 2076 12.90 6.27 48.80
CA CYS E 2076 14.24 6.42 49.37
C CYS E 2076 14.07 7.10 50.73
N CYS E 2077 13.83 6.29 51.76
CA CYS E 2077 13.39 6.84 53.05
C CYS E 2077 14.55 7.38 53.87
N GLU E 2078 15.46 6.50 54.28
CA GLU E 2078 16.59 6.85 55.13
C GLU E 2078 16.13 7.62 56.37
N GLY E 2079 15.09 7.12 57.02
CA GLY E 2079 14.64 7.68 58.27
C GLY E 2079 13.54 8.73 58.17
N SER E 2080 12.44 8.41 57.51
CA SER E 2080 11.29 9.30 57.42
C SER E 2080 10.18 8.76 58.30
N ASP E 2081 9.52 9.65 59.05
CA ASP E 2081 8.50 9.21 59.99
C ASP E 2081 7.10 9.16 59.38
N ASN E 2082 6.72 10.20 58.62
CA ASN E 2082 5.34 10.30 58.15
C ASN E 2082 5.28 10.49 56.64
N ILE E 2083 4.44 9.70 55.98
CA ILE E 2083 4.22 9.85 54.56
C ILE E 2083 3.60 11.20 54.24
N ASN E 2084 2.86 11.79 55.18
CA ASN E 2084 2.24 13.08 54.92
C ASN E 2084 3.29 14.15 54.67
N ASP E 2085 4.33 14.21 55.50
CA ASP E 2085 5.41 15.15 55.26
C ASP E 2085 6.31 14.68 54.12
N GLY E 2086 6.37 13.36 53.92
CA GLY E 2086 7.15 12.84 52.81
C GLY E 2086 6.64 13.23 51.44
N LEU E 2087 5.32 13.24 51.26
CA LEU E 2087 4.69 13.58 50.00
C LEU E 2087 4.47 15.07 49.84
N GLU E 2088 5.01 15.90 50.72
CA GLU E 2088 4.80 17.34 50.63
C GLU E 2088 5.43 17.90 49.35
N PHE E 2089 6.50 17.27 48.86
CA PHE E 2089 7.22 17.74 47.68
C PHE E 2089 6.58 17.19 46.40
N LEU E 2090 5.28 17.41 46.28
CA LEU E 2090 4.53 17.04 45.09
C LEU E 2090 3.54 18.14 44.78
N SER E 2091 3.18 18.26 43.50
CA SER E 2091 2.34 19.35 43.06
C SER E 2091 0.95 19.29 43.70
N ASP E 2092 0.49 20.42 44.21
CA ASP E 2092 -0.83 20.53 44.80
C ASP E 2092 -1.83 21.25 43.90
N ASP E 2093 -1.47 21.51 42.65
CA ASP E 2093 -2.40 22.12 41.74
C ASP E 2093 -3.35 21.06 41.18
N PRO E 2094 -4.57 21.46 40.78
CA PRO E 2094 -5.51 20.48 40.23
C PRO E 2094 -4.99 19.86 38.94
N MET E 2095 -5.26 18.57 38.78
CA MET E 2095 -4.89 17.84 37.58
C MET E 2095 -6.07 17.78 36.61
N ASN E 2096 -5.93 16.97 35.57
CA ASN E 2096 -7.01 16.71 34.63
C ASN E 2096 -7.43 15.26 34.72
N PHE E 2097 -8.71 15.01 34.44
CA PHE E 2097 -9.26 13.66 34.42
C PHE E 2097 -10.18 13.53 33.21
N THR E 2098 -10.32 12.30 32.72
CA THR E 2098 -11.12 12.04 31.53
C THR E 2098 -12.55 11.71 31.95
N GLU E 2099 -13.48 12.58 31.58
CA GLU E 2099 -14.90 12.35 31.82
C GLU E 2099 -15.55 11.87 30.53
N GLY E 2100 -16.20 10.71 30.60
CA GLY E 2100 -16.85 10.11 29.45
C GLY E 2100 -18.36 10.25 29.54
N GLU E 2101 -18.97 10.55 28.39
CA GLU E 2101 -20.41 10.70 28.29
C GLU E 2101 -20.93 9.87 27.13
N ALA E 2102 -22.18 9.42 27.25
CA ALA E 2102 -22.83 8.72 26.16
C ALA E 2102 -23.34 9.71 25.12
N ILE E 2103 -23.56 9.21 23.91
CA ILE E 2103 -23.98 10.05 22.79
C ILE E 2103 -25.46 9.91 22.46
N HIS E 2104 -26.06 8.77 22.76
CA HIS E 2104 -27.46 8.51 22.43
C HIS E 2104 -27.68 8.62 20.92
N SER E 2105 -27.02 7.70 20.22
CA SER E 2105 -27.14 7.56 18.79
C SER E 2105 -27.41 6.10 18.46
N THR E 2106 -27.98 5.86 17.28
CA THR E 2106 -28.32 4.48 16.90
C THR E 2106 -27.10 3.56 16.96
N PRO E 2107 -25.92 3.95 16.46
CA PRO E 2107 -24.68 3.29 16.93
C PRO E 2107 -24.27 3.92 18.25
N ILE E 2108 -24.42 3.17 19.33
CA ILE E 2108 -24.18 3.71 20.66
C ILE E 2108 -22.69 3.66 20.97
N PHE E 2109 -22.15 4.78 21.45
CA PHE E 2109 -20.75 4.87 21.79
C PHE E 2109 -20.55 5.97 22.83
N ASN E 2110 -19.40 5.95 23.48
CA ASN E 2110 -19.05 6.90 24.52
C ASN E 2110 -17.82 7.70 24.07
N ILE E 2111 -17.85 9.01 24.30
CA ILE E 2111 -16.72 9.88 24.01
C ILE E 2111 -16.06 10.26 25.32
N TYR E 2112 -14.74 10.22 25.34
CA TYR E 2112 -13.96 10.55 26.53
C TYR E 2112 -13.09 11.76 26.23
N TYR E 2113 -13.27 12.82 27.02
CA TYR E 2113 -12.54 14.06 26.85
C TYR E 2113 -11.94 14.47 28.19
N SER E 2114 -10.68 14.86 28.18
CA SER E 2114 -10.05 15.35 29.41
C SER E 2114 -10.60 16.73 29.74
N LYS E 2115 -10.84 16.97 31.03
CA LYS E 2115 -11.35 18.25 31.49
C LYS E 2115 -10.62 18.65 32.77
N ARG E 2116 -10.65 19.96 33.05
CA ARG E 2116 -9.98 20.47 34.24
C ARG E 2116 -10.76 20.07 35.49
N GLY E 2117 -10.10 19.34 36.39
CA GLY E 2117 -10.73 18.90 37.60
C GLY E 2117 -10.75 19.98 38.67
N GLU E 2118 -11.43 19.67 39.78
CA GLU E 2118 -11.56 20.61 40.88
C GLU E 2118 -10.38 20.51 41.84
N ARG E 2119 -10.49 21.17 42.99
CA ARG E 2119 -9.37 21.33 43.91
C ARG E 2119 -8.95 20.04 44.60
N HIS E 2120 -9.88 19.15 44.93
CA HIS E 2120 -9.55 17.99 45.75
C HIS E 2120 -8.73 16.95 45.01
N MET E 2121 -8.67 17.00 43.68
CA MET E 2121 -7.88 16.07 42.89
C MET E 2121 -6.58 16.74 42.46
N THR E 2122 -5.50 16.36 43.12
CA THR E 2122 -4.16 16.81 42.81
C THR E 2122 -3.24 15.60 42.69
N TYR E 2123 -2.01 15.84 42.24
CA TYR E 2123 -1.03 14.76 42.17
C TYR E 2123 -0.76 14.21 43.56
N ARG E 2124 -0.60 15.09 44.54
CA ARG E 2124 -0.35 14.65 45.90
C ARG E 2124 -1.52 13.85 46.46
N ASN E 2125 -2.75 14.31 46.23
CA ASN E 2125 -3.92 13.60 46.72
C ASN E 2125 -4.06 12.23 46.06
N ALA E 2126 -3.79 12.16 44.76
CA ALA E 2126 -3.84 10.87 44.07
C ALA E 2126 -2.79 9.92 44.61
N ILE E 2127 -1.58 10.43 44.89
CA ILE E 2127 -0.55 9.58 45.47
C ILE E 2127 -0.96 9.12 46.87
N LYS E 2128 -1.60 10.01 47.63
CA LYS E 2128 -2.06 9.62 48.97
C LYS E 2128 -3.11 8.52 48.91
N LEU E 2129 -4.08 8.65 48.00
CA LEU E 2129 -5.10 7.61 47.87
C LEU E 2129 -4.49 6.30 47.42
N LEU E 2130 -3.58 6.35 46.44
CA LEU E 2130 -2.84 5.16 46.02
C LEU E 2130 -2.14 4.51 47.20
N ILE E 2131 -1.42 5.32 47.98
CA ILE E 2131 -0.66 4.78 49.10
C ILE E 2131 -1.59 4.08 50.08
N GLU E 2132 -2.65 4.76 50.50
CA GLU E 2132 -3.51 4.18 51.52
C GLU E 2132 -4.15 2.89 51.05
N ARG E 2133 -4.72 2.90 49.83
CA ARG E 2133 -5.42 1.72 49.34
C ARG E 2133 -4.46 0.55 49.13
N GLU E 2134 -3.37 0.80 48.40
CA GLU E 2134 -2.45 -0.29 48.07
C GLU E 2134 -1.75 -0.82 49.31
N THR E 2135 -1.40 0.06 50.25
CA THR E 2135 -0.77 -0.41 51.47
C THR E 2135 -1.73 -1.19 52.35
N LYS E 2136 -3.00 -0.81 52.38
CA LYS E 2136 -3.97 -1.63 53.10
C LYS E 2136 -4.08 -3.02 52.49
N ILE E 2137 -4.16 -3.09 51.15
CA ILE E 2137 -4.22 -4.37 50.47
C ILE E 2137 -2.97 -5.20 50.78
N PHE E 2138 -1.80 -4.58 50.68
CA PHE E 2138 -0.55 -5.28 50.92
C PHE E 2138 -0.44 -5.75 52.36
N GLU E 2139 -0.88 -4.92 53.30
CA GLU E 2139 -0.83 -5.29 54.72
C GLU E 2139 -1.69 -6.52 54.97
N GLU E 2140 -2.96 -6.48 54.54
CA GLU E 2140 -3.81 -7.65 54.76
C GLU E 2140 -3.30 -8.86 53.97
N ALA E 2141 -2.52 -8.61 52.91
CA ALA E 2141 -1.88 -9.70 52.20
C ALA E 2141 -0.76 -10.32 53.03
N PHE E 2142 -0.06 -9.52 53.82
CA PHE E 2142 1.07 -10.01 54.60
C PHE E 2142 0.87 -9.93 56.11
N THR E 2143 -0.37 -10.04 56.60
CA THR E 2143 -0.60 -10.25 58.03
C THR E 2143 -0.38 -11.73 58.32
N PHE E 2144 0.89 -12.09 58.51
CA PHE E 2144 1.21 -13.48 58.85
C PHE E 2144 0.60 -13.87 60.19
N SER E 2145 0.65 -12.96 61.16
CA SER E 2145 0.03 -13.20 62.45
C SER E 2145 -1.41 -12.71 62.44
N GLU E 2146 -2.24 -13.33 63.29
CA GLU E 2146 -3.65 -12.98 63.36
C GLU E 2146 -3.91 -11.66 64.07
N ASN E 2147 -2.96 -11.21 64.91
CA ASN E 2147 -3.19 -10.00 65.68
C ASN E 2147 -3.28 -8.77 64.78
N GLY E 2148 -2.39 -8.65 63.82
CA GLY E 2148 -2.38 -7.51 62.93
C GLY E 2148 -0.98 -7.25 62.41
N PHE E 2149 -0.87 -6.24 61.55
CA PHE E 2149 0.41 -5.89 60.95
C PHE E 2149 1.38 -5.35 61.99
N ILE E 2150 0.89 -4.54 62.93
CA ILE E 2150 1.77 -3.90 63.92
C ILE E 2150 2.06 -4.80 65.11
N SER E 2151 1.56 -6.02 65.12
CA SER E 2151 1.82 -6.93 66.23
C SER E 2151 3.30 -7.25 66.30
N PRO E 2152 3.88 -7.34 67.50
CA PRO E 2152 5.32 -7.61 67.61
C PRO E 2152 5.75 -8.92 66.97
N GLU E 2153 4.91 -9.94 67.01
CA GLU E 2153 5.26 -11.20 66.34
C GLU E 2153 5.34 -11.02 64.82
N ASN E 2154 4.39 -10.26 64.25
CA ASN E 2154 4.42 -9.98 62.79
C ASN E 2154 5.68 -9.18 62.50
N LEU E 2155 5.99 -8.19 63.35
CA LEU E 2155 7.17 -7.38 63.15
C LEU E 2155 8.44 -8.22 63.20
N GLY E 2156 8.47 -9.22 64.08
CA GLY E 2156 9.59 -10.14 64.11
C GLY E 2156 9.70 -10.96 62.83
N CYS E 2157 8.54 -11.39 62.29
CA CYS E 2157 8.56 -12.08 61.01
C CYS E 2157 9.09 -11.18 59.90
N LEU E 2158 8.70 -9.90 59.92
CA LEU E 2158 9.22 -8.94 58.94
C LEU E 2158 10.72 -8.75 59.10
N GLU E 2159 11.20 -8.70 60.35
CA GLU E 2159 12.64 -8.62 60.58
C GLU E 2159 13.35 -9.84 60.02
N ALA E 2160 12.76 -11.02 60.21
CA ALA E 2160 13.33 -12.25 59.67
C ALA E 2160 13.43 -12.18 58.15
N VAL E 2161 12.36 -11.74 57.49
CA VAL E 2161 12.35 -11.74 56.03
C VAL E 2161 13.30 -10.67 55.48
N VAL E 2162 13.39 -9.52 56.15
CA VAL E 2162 14.32 -8.50 55.65
C VAL E 2162 15.76 -8.95 55.86
N SER E 2163 16.08 -9.59 56.98
CA SER E 2163 17.42 -10.11 57.16
C SER E 2163 17.72 -11.17 56.09
N LEU E 2164 16.75 -12.04 55.82
CA LEU E 2164 16.96 -13.05 54.78
C LEU E 2164 17.28 -12.39 53.44
N ILE E 2165 16.45 -11.45 53.01
CA ILE E 2165 16.61 -10.87 51.68
C ILE E 2165 17.89 -10.03 51.61
N LYS E 2166 18.30 -9.43 52.73
CA LYS E 2166 19.59 -8.74 52.76
C LYS E 2166 20.74 -9.73 52.59
N LEU E 2167 20.62 -10.91 53.21
CA LEU E 2167 21.74 -11.85 53.17
C LEU E 2167 21.91 -12.52 51.82
N LEU E 2168 20.85 -12.67 51.03
CA LEU E 2168 21.05 -13.28 49.72
C LEU E 2168 21.20 -12.23 48.63
N LYS E 2169 21.43 -12.72 47.42
CA LYS E 2169 21.61 -11.88 46.24
C LYS E 2169 20.35 -11.05 45.96
N THR E 2170 20.56 -9.80 45.55
CA THR E 2170 19.44 -8.90 45.31
C THR E 2170 18.68 -9.30 44.04
N ASN E 2171 17.36 -9.33 44.14
CA ASN E 2171 16.48 -9.56 43.02
C ASN E 2171 15.36 -8.53 43.06
N GLU E 2172 14.78 -8.23 41.90
CA GLU E 2172 13.77 -7.19 41.84
C GLU E 2172 12.52 -7.55 42.63
N TRP E 2173 12.17 -8.84 42.69
CA TRP E 2173 11.12 -9.29 43.60
C TRP E 2173 11.44 -8.90 45.04
N SER E 2174 12.66 -9.21 45.48
CA SER E 2174 13.06 -8.88 46.85
C SER E 2174 13.00 -7.38 47.08
N THR E 2175 13.49 -6.59 46.12
CA THR E 2175 13.53 -5.15 46.30
C THR E 2175 12.12 -4.57 46.38
N VAL E 2176 11.20 -5.04 45.53
CA VAL E 2176 9.86 -4.48 45.56
C VAL E 2176 9.14 -4.88 46.85
N ILE E 2177 9.35 -6.12 47.31
CA ILE E 2177 8.74 -6.54 48.56
C ILE E 2177 9.27 -5.70 49.72
N ASP E 2178 10.59 -5.47 49.73
CA ASP E 2178 11.20 -4.66 50.78
C ASP E 2178 10.66 -3.23 50.76
N LYS E 2179 10.54 -2.64 49.56
CA LYS E 2179 10.02 -1.28 49.47
C LYS E 2179 8.58 -1.20 49.93
N CYS E 2180 7.76 -2.19 49.58
CA CYS E 2180 6.37 -2.18 49.99
C CYS E 2180 6.22 -2.32 51.50
N ILE E 2181 6.97 -3.24 52.11
CA ILE E 2181 6.87 -3.38 53.56
C ILE E 2181 7.40 -2.13 54.25
N HIS E 2182 8.43 -1.51 53.67
CA HIS E 2182 8.96 -0.28 54.23
C HIS E 2182 7.93 0.84 54.20
N ILE E 2183 7.24 1.01 53.07
CA ILE E 2183 6.25 2.08 52.98
C ILE E 2183 5.06 1.80 53.91
N CYS E 2184 4.70 0.52 54.05
CA CYS E 2184 3.65 0.19 55.01
C CYS E 2184 4.08 0.55 56.44
N LEU E 2185 5.33 0.26 56.80
CA LEU E 2185 5.81 0.62 58.13
C LEU E 2185 5.88 2.13 58.31
N ILE E 2186 6.25 2.86 57.25
CA ILE E 2186 6.26 4.33 57.34
C ILE E 2186 4.86 4.86 57.62
N LYS E 2187 3.86 4.30 56.93
CA LYS E 2187 2.49 4.70 57.25
C LYS E 2187 2.14 4.36 58.69
N ASN E 2188 2.51 3.17 59.14
CA ASN E 2188 2.25 2.75 60.51
C ASN E 2188 3.26 3.34 61.49
N GLY E 2189 4.24 4.10 61.01
CA GLY E 2189 5.22 4.73 61.90
C GLY E 2189 6.11 3.75 62.61
N MET E 2190 6.62 2.74 61.90
CA MET E 2190 7.46 1.72 62.49
C MET E 2190 8.90 1.87 62.02
N ASP E 2191 9.23 3.08 61.54
CA ASP E 2191 10.45 3.30 60.77
C ASP E 2191 11.71 3.07 61.59
N HIS E 2192 11.68 3.47 62.87
CA HIS E 2192 12.89 3.33 63.69
C HIS E 2192 13.31 1.87 63.80
N MET E 2193 12.35 0.98 64.07
CA MET E 2193 12.69 -0.44 64.14
C MET E 2193 12.98 -1.00 62.75
N TYR E 2194 12.28 -0.51 61.71
CA TYR E 2194 12.61 -0.96 60.36
C TYR E 2194 14.08 -0.72 60.06
N HIS E 2195 14.58 0.48 60.36
CA HIS E 2195 16.00 0.76 60.19
C HIS E 2195 16.84 0.08 61.25
N SER E 2196 16.24 -0.42 62.32
CA SER E 2196 16.93 -1.23 63.31
C SER E 2196 16.83 -2.72 63.03
N PHE E 2197 16.21 -3.11 61.92
CA PHE E 2197 16.13 -4.53 61.58
C PHE E 2197 17.52 -5.13 61.38
N ASP E 2198 17.71 -6.32 61.94
CA ASP E 2198 18.96 -7.05 61.82
C ASP E 2198 18.64 -8.54 61.93
N VAL E 2199 19.69 -9.36 61.92
CA VAL E 2199 19.47 -10.80 62.05
C VAL E 2199 18.94 -11.09 63.45
N PRO E 2200 17.80 -11.79 63.57
CA PRO E 2200 17.28 -12.11 64.91
C PRO E 2200 18.24 -12.97 65.70
N LYS E 2201 18.25 -12.76 67.02
CA LYS E 2201 19.14 -13.52 67.89
C LYS E 2201 18.81 -15.00 67.86
N CYS E 2202 17.53 -15.35 67.73
CA CYS E 2202 17.16 -16.75 67.59
C CYS E 2202 17.72 -17.35 66.29
N PHE E 2203 17.97 -16.50 65.30
CA PHE E 2203 18.54 -16.95 64.03
C PHE E 2203 20.06 -17.01 64.11
N ILE E 2212 25.04 -18.56 61.46
CA ILE E 2212 24.04 -18.44 60.40
C ILE E 2212 23.52 -19.83 60.04
N ASN E 2213 22.38 -20.18 60.61
CA ASN E 2213 21.78 -21.51 60.43
C ASN E 2213 20.86 -21.52 59.21
N TRP E 2214 21.49 -21.63 58.04
CA TRP E 2214 20.75 -21.68 56.78
C TRP E 2214 19.72 -22.80 56.77
N VAL E 2215 19.98 -23.89 57.49
CA VAL E 2215 19.00 -24.97 57.56
C VAL E 2215 17.69 -24.47 58.17
N MET E 2216 17.78 -23.73 59.27
CA MET E 2216 16.55 -23.25 59.89
C MET E 2216 15.98 -22.06 59.14
N PHE E 2217 16.80 -21.29 58.41
CA PHE E 2217 16.21 -20.31 57.49
C PHE E 2217 15.37 -21.00 56.42
N ARG E 2218 15.88 -22.08 55.85
CA ARG E 2218 15.09 -22.84 54.88
C ARG E 2218 13.82 -23.39 55.51
N GLU E 2219 13.93 -23.92 56.73
CA GLU E 2219 12.76 -24.45 57.41
C GLU E 2219 11.71 -23.36 57.63
N PHE E 2220 12.14 -22.19 58.08
CA PHE E 2220 11.21 -21.08 58.32
C PHE E 2220 10.56 -20.62 57.03
N ILE E 2221 11.33 -20.45 55.96
CA ILE E 2221 10.75 -19.93 54.73
C ILE E 2221 9.84 -20.97 54.08
N ASN E 2222 10.14 -22.26 54.26
CA ASN E 2222 9.22 -23.29 53.81
C ASN E 2222 7.97 -23.34 54.67
N SER E 2223 8.08 -22.91 55.93
CA SER E 2223 6.94 -22.77 56.82
C SER E 2223 6.30 -21.39 56.76
N LEU E 2224 6.54 -20.66 55.67
CA LEU E 2224 5.99 -19.31 55.54
C LEU E 2224 4.53 -19.38 55.14
N PRO E 2225 3.62 -18.81 55.94
CA PRO E 2225 2.18 -18.84 55.59
C PRO E 2225 1.83 -17.85 54.48
N GLY E 2226 2.25 -18.17 53.26
CA GLY E 2226 1.94 -17.35 52.12
C GLY E 2226 0.46 -17.27 51.82
N THR E 2227 -0.06 -16.06 51.69
CA THR E 2227 -1.48 -15.88 51.45
C THR E 2227 -1.82 -16.12 49.98
N ASP E 2228 -3.12 -16.19 49.70
CA ASP E 2228 -3.59 -16.40 48.31
C ASP E 2228 -4.26 -15.12 47.80
N ILE E 2229 -3.90 -13.95 48.35
CA ILE E 2229 -4.45 -12.67 47.83
C ILE E 2229 -3.99 -12.56 46.38
N PRO E 2230 -4.87 -12.25 45.39
CA PRO E 2230 -4.49 -12.33 43.96
C PRO E 2230 -3.31 -11.48 43.41
N PRO E 2231 -3.14 -10.18 43.70
CA PRO E 2231 -1.99 -9.44 43.16
C PRO E 2231 -0.67 -10.01 43.71
N TRP E 2232 -0.62 -10.35 45.00
CA TRP E 2232 0.64 -10.81 45.62
C TRP E 2232 0.72 -12.35 45.66
N ASN E 2233 -0.32 -13.06 45.21
CA ASN E 2233 -0.32 -14.54 45.32
C ASN E 2233 0.82 -15.11 44.46
N VAL E 2234 0.95 -14.60 43.23
CA VAL E 2234 2.00 -15.13 42.32
C VAL E 2234 3.32 -14.52 42.78
N MET E 2235 3.26 -13.33 43.37
CA MET E 2235 4.47 -12.62 43.76
C MET E 2235 5.15 -13.30 44.95
N THR E 2236 4.38 -13.62 45.99
CA THR E 2236 4.96 -14.21 47.19
C THR E 2236 5.50 -15.61 46.91
N GLU E 2237 4.76 -16.41 46.13
CA GLU E 2237 5.24 -17.74 45.78
C GLU E 2237 6.53 -17.67 44.97
N ASN E 2238 6.60 -16.74 44.01
CA ASN E 2238 7.80 -16.59 43.21
C ASN E 2238 8.97 -16.15 44.07
N PHE E 2239 8.74 -15.23 45.00
CA PHE E 2239 9.80 -14.76 45.88
C PHE E 2239 10.33 -15.90 46.75
N LYS E 2240 9.41 -16.68 47.35
CA LYS E 2240 9.83 -17.80 48.18
C LYS E 2240 10.58 -18.84 47.36
N LYS E 2241 10.08 -19.15 46.15
CA LYS E 2241 10.74 -20.14 45.30
C LYS E 2241 12.13 -19.68 44.90
N LYS E 2242 12.29 -18.41 44.53
CA LYS E 2242 13.60 -17.91 44.17
C LYS E 2242 14.55 -17.92 45.34
N CYS E 2243 14.08 -17.57 46.54
CA CYS E 2243 14.94 -17.63 47.72
C CYS E 2243 15.37 -19.07 48.01
N ILE E 2244 14.44 -20.02 47.89
CA ILE E 2244 14.77 -21.43 48.12
C ILE E 2244 15.79 -21.91 47.10
N ALA E 2245 15.59 -21.55 45.83
CA ALA E 2245 16.52 -21.96 44.79
C ALA E 2245 17.90 -21.38 45.02
N LEU E 2246 17.96 -20.09 45.39
CA LEU E 2246 19.26 -19.46 45.65
C LEU E 2246 19.96 -20.09 46.83
N ILE E 2247 19.23 -20.35 47.92
CA ILE E 2247 19.87 -20.91 49.11
C ILE E 2247 20.28 -22.36 48.87
N ASN E 2248 19.57 -23.08 47.99
CA ASN E 2248 19.96 -24.44 47.67
C ASN E 2248 21.17 -24.46 46.73
N SER E 2249 21.23 -23.51 45.80
CA SER E 2249 22.39 -23.42 44.92
C SER E 2249 23.62 -22.95 45.69
N LYS E 2250 23.41 -22.22 46.79
CA LYS E 2250 24.54 -21.81 47.63
C LYS E 2250 25.26 -23.03 48.20
N PHE E 2251 24.52 -24.04 48.62
CA PHE E 2251 25.13 -25.26 49.16
C PHE E 2251 25.17 -26.37 48.12
#